data_5WIE
#
_entry.id   5WIE
#
_cell.length_a   143.124
_cell.length_b   143.124
_cell.length_c   284.510
_cell.angle_alpha   90.00
_cell.angle_beta   90.00
_cell.angle_gamma   90.00
#
_symmetry.space_group_name_H-M   'P 4 21 2'
#
loop_
_entity.id
_entity.type
_entity.pdbx_description
1 polymer 'Voltage-gated potassium channel subunit beta-2'
2 polymer 'Potassium voltage-gated channel subfamily A member 2,Potassium voltage-gated channel subfamily A member 2'
3 non-polymer 'NADP NICOTINAMIDE-ADENINE-DINUCLEOTIDE PHOSPHATE'
4 non-polymer '(1R)-2-{[(S)-{[(2S)-2,3-dihydroxypropyl]oxy}(hydroxy)phosphoryl]oxy}-1-[(hexadecanoyloxy)methyl]ethyl (9Z)-octadec-9-enoate'
5 non-polymer 'POTASSIUM ION'
#
loop_
_entity_poly.entity_id
_entity_poly.type
_entity_poly.pdbx_seq_one_letter_code
_entity_poly.pdbx_strand_id
1 'polypeptide(L)'
;MLQFYRNLGKSGLRVSCLGLGTWVTFGGQITDEMAEHLMTLAYDNGINLFDTAEVYAAGKAEVVLGNIIKKKGWRRSSLV
ITTKIFWGGKAETERGLSRKHIIEGLKASLERLQLEYVDVVFANRPDPNTPMEETVRAMTHVINQGMAMYWGTSRWSSME
IMEAYSVARQFNLIPPICEQAEYHMFQREKVEVQLPELFHKIGVGAMTWSPLACGIVSGKYDSGIPPYSRASLKGYQWLK
DKILSEEGRRQQAKLKELQAIAERLGCTLPQLAIAWCLRNEGVSSVLLGASNAEQLMENIGAIQVLPKLSSSIVHEIDSI
LGNKPYSKKDYRS
;
A,G
2 'polypeptide(L)'
;MSAWSHPQFEKGGGSGGGSGGSAWSHPQFEKLVPRGSMTVATGDPVDEAAAHPGHPQDTYDPEADHESSERVVINISGLR
FETQLKTLAQFPETLLGDPKKRMRYFDPLRNEYFFDRNRPSFDAILYYYQSGGRLRRPVNVPLDIFSEEIRFYELGEEAM
EMFREDEGYIKEEERPLPENEFQRQVWLLFEYPESSGPARIIAIVSVMVILISIVSFCLETLPIFRDENEDMHGGGVTFH
TYSQSTIGYQQSTSFTDPFFIVETLCIIWFSFEFLVRFFACPSKAGFFTNIMNIIDIVAIIPYYVTIFLTESNKSVLQFQ
NVRRVVQIFRIMRILRIFKLSRHSKGLQILGQTLKASMRELGLLIFFLFIGVILFSSAVYFAEADERDSQFPSIPDAFWW
AVVSMTTVGYGDMVPTTIGGKIVGSLCAIAGVLTIALPVPVIWSNFNYFYHRETEGEEQAQYLQVTSSPKIPSSPDLKKS
RSASTISKSDYMEIQEGVNNSNEDFREENLKTANSTLANTNYVNITKMLTDV
;
B,H
#
loop_
_chem_comp.id
_chem_comp.type
_chem_comp.name
_chem_comp.formula
K non-polymer 'POTASSIUM ION' 'K 1'
NAP non-polymer 'NADP NICOTINAMIDE-ADENINE-DINUCLEOTIDE PHOSPHATE' 'C21 H28 N7 O17 P3'
PGW non-polymer '(1R)-2-{[(S)-{[(2S)-2,3-dihydroxypropyl]oxy}(hydroxy)phosphoryl]oxy}-1-[(hexadecanoyloxy)methyl]ethyl (9Z)-octadec-9-enoate' 'C40 H77 O10 P'
#
# COMPACT_ATOMS: atom_id res chain seq x y z
N LEU A 2 -76.30 35.36 -67.99
CA LEU A 2 -76.43 35.19 -69.47
C LEU A 2 -77.52 34.17 -69.84
N GLN A 3 -77.70 33.12 -69.07
CA GLN A 3 -78.75 32.20 -69.41
C GLN A 3 -80.00 32.68 -68.73
N PHE A 4 -81.08 32.85 -69.48
CA PHE A 4 -82.33 33.31 -68.91
C PHE A 4 -82.92 32.35 -67.94
N TYR A 5 -82.82 31.09 -68.25
CA TYR A 5 -83.39 30.08 -67.40
C TYR A 5 -82.32 29.40 -66.58
N ARG A 6 -82.70 28.99 -65.39
CA ARG A 6 -81.75 28.26 -64.58
C ARG A 6 -82.43 27.25 -63.67
N ASN A 7 -81.65 26.28 -63.22
CA ASN A 7 -82.14 25.30 -62.32
C ASN A 7 -82.47 25.93 -60.98
N LEU A 8 -83.56 25.49 -60.36
CA LEU A 8 -83.89 25.98 -59.04
C LEU A 8 -83.01 25.14 -58.13
N GLY A 9 -81.93 25.74 -57.63
CA GLY A 9 -80.99 25.01 -56.80
C GLY A 9 -80.38 23.97 -57.70
N LYS A 10 -80.26 22.74 -57.20
CA LYS A 10 -79.76 21.69 -58.06
C LYS A 10 -80.87 20.77 -58.46
N SER A 11 -82.12 21.18 -58.27
CA SER A 11 -83.21 20.32 -58.67
C SER A 11 -83.28 20.37 -60.20
N GLY A 12 -84.18 19.59 -60.77
CA GLY A 12 -84.34 19.60 -62.21
C GLY A 12 -85.35 20.65 -62.65
N LEU A 13 -85.88 21.41 -61.72
CA LEU A 13 -86.88 22.44 -62.09
C LEU A 13 -86.22 23.69 -62.66
N ARG A 14 -86.61 24.04 -63.87
CA ARG A 14 -86.02 25.17 -64.56
C ARG A 14 -86.88 26.42 -64.46
N VAL A 15 -86.34 27.47 -63.88
CA VAL A 15 -87.13 28.68 -63.75
C VAL A 15 -86.47 29.85 -64.42
N SER A 16 -87.21 30.87 -64.80
CA SER A 16 -86.56 32.03 -65.35
C SER A 16 -85.86 32.70 -64.22
N CYS A 17 -84.82 33.45 -64.50
CA CYS A 17 -84.05 34.12 -63.44
C CYS A 17 -84.85 35.23 -62.77
N LEU A 18 -85.95 35.59 -63.38
CA LEU A 18 -86.89 36.53 -62.81
C LEU A 18 -88.26 35.91 -62.76
N GLY A 19 -88.95 36.12 -61.67
CA GLY A 19 -90.31 35.61 -61.51
C GLY A 19 -91.22 36.78 -61.12
N LEU A 20 -92.53 36.60 -61.06
CA LEU A 20 -93.40 37.70 -60.67
C LEU A 20 -94.16 37.29 -59.41
N GLY A 21 -94.10 38.12 -58.38
CA GLY A 21 -94.77 37.82 -57.15
C GLY A 21 -96.09 38.53 -57.13
N THR A 22 -96.88 38.27 -56.11
CA THR A 22 -98.22 38.85 -56.02
C THR A 22 -98.52 39.49 -54.69
N TRP A 23 -97.50 39.66 -53.84
CA TRP A 23 -97.69 40.27 -52.54
C TRP A 23 -98.04 41.77 -52.72
N VAL A 24 -98.98 42.24 -51.91
CA VAL A 24 -99.48 43.59 -51.94
C VAL A 24 -100.37 43.89 -53.17
N THR A 25 -99.87 43.58 -54.35
CA THR A 25 -100.60 43.85 -55.57
C THR A 25 -101.88 43.09 -55.90
N PHE A 26 -101.75 41.81 -56.23
CA PHE A 26 -102.90 40.99 -56.63
C PHE A 26 -103.99 40.91 -55.58
N GLY A 27 -105.24 41.20 -56.01
CA GLY A 27 -106.39 41.19 -55.13
C GLY A 27 -106.33 42.28 -54.07
N GLY A 28 -105.32 43.13 -54.19
CA GLY A 28 -105.14 44.20 -53.24
C GLY A 28 -104.98 45.57 -53.87
N GLN A 29 -103.75 45.99 -54.09
CA GLN A 29 -103.51 47.33 -54.64
C GLN A 29 -103.91 47.54 -56.09
N ILE A 30 -103.86 46.51 -56.90
CA ILE A 30 -104.17 46.69 -58.31
C ILE A 30 -105.44 45.98 -58.75
N THR A 31 -105.92 46.33 -59.92
CA THR A 31 -107.16 45.82 -60.39
C THR A 31 -106.87 44.66 -61.23
N ASP A 32 -107.72 43.67 -61.14
CA ASP A 32 -107.46 42.39 -61.68
C ASP A 32 -107.21 42.55 -63.14
N GLU A 33 -107.75 43.61 -63.72
CA GLU A 33 -107.52 43.86 -65.11
C GLU A 33 -106.06 44.08 -65.26
N MET A 34 -105.45 44.80 -64.33
CA MET A 34 -104.03 45.01 -64.39
C MET A 34 -103.26 43.75 -64.13
N ALA A 35 -103.69 43.00 -63.15
CA ALA A 35 -103.00 41.78 -62.78
C ALA A 35 -102.91 40.87 -63.98
N GLU A 36 -103.97 40.76 -64.73
CA GLU A 36 -103.94 39.93 -65.89
C GLU A 36 -102.93 40.44 -66.86
N HIS A 37 -102.83 41.76 -66.94
CA HIS A 37 -101.94 42.44 -67.85
C HIS A 37 -100.53 42.18 -67.49
N LEU A 38 -100.24 42.22 -66.20
CA LEU A 38 -98.91 41.93 -65.74
C LEU A 38 -98.47 40.52 -66.00
N MET A 39 -99.32 39.56 -65.69
CA MET A 39 -98.98 38.20 -65.98
C MET A 39 -98.84 37.96 -67.45
N THR A 40 -99.73 38.53 -68.21
CA THR A 40 -99.68 38.27 -69.62
C THR A 40 -98.38 38.76 -70.13
N LEU A 41 -98.00 39.92 -69.68
CA LEU A 41 -96.80 40.55 -70.14
C LEU A 41 -95.62 39.77 -69.78
N ALA A 42 -95.58 39.30 -68.57
CA ALA A 42 -94.47 38.49 -68.11
C ALA A 42 -94.36 37.16 -68.77
N TYR A 43 -95.44 36.45 -68.89
CA TYR A 43 -95.45 35.19 -69.58
C TYR A 43 -94.99 35.34 -71.01
N ASP A 44 -95.46 36.36 -71.71
CA ASP A 44 -95.03 36.56 -73.08
C ASP A 44 -93.52 36.85 -73.17
N ASN A 45 -92.91 37.30 -72.08
CA ASN A 45 -91.49 37.59 -72.06
C ASN A 45 -90.62 36.44 -71.52
N GLY A 46 -91.19 35.25 -71.43
CA GLY A 46 -90.42 34.09 -70.97
C GLY A 46 -90.40 33.79 -69.50
N ILE A 47 -90.98 34.67 -68.70
CA ILE A 47 -91.03 34.44 -67.30
C ILE A 47 -92.06 33.32 -67.09
N ASN A 48 -91.60 32.25 -66.42
CA ASN A 48 -92.43 31.09 -66.11
C ASN A 48 -92.71 30.89 -64.61
N LEU A 49 -92.18 31.76 -63.77
CA LEU A 49 -92.32 31.65 -62.32
C LEU A 49 -93.22 32.71 -61.69
N PHE A 50 -94.24 32.27 -60.97
CA PHE A 50 -95.18 33.15 -60.30
C PHE A 50 -95.35 32.69 -58.88
N ASP A 51 -95.16 33.60 -57.94
CA ASP A 51 -95.19 33.25 -56.56
C ASP A 51 -96.31 33.93 -55.79
N THR A 52 -96.94 33.16 -54.93
CA THR A 52 -98.04 33.70 -54.17
C THR A 52 -98.02 33.09 -52.79
N ALA A 53 -99.05 33.32 -52.00
CA ALA A 53 -99.07 32.80 -50.64
C ALA A 53 -100.49 32.82 -50.09
N GLU A 54 -100.75 31.93 -49.17
CA GLU A 54 -102.06 31.86 -48.59
C GLU A 54 -102.39 33.11 -47.85
N VAL A 55 -101.38 33.78 -47.35
CA VAL A 55 -101.56 35.02 -46.60
C VAL A 55 -101.79 36.32 -47.39
N TYR A 56 -101.38 36.39 -48.65
CA TYR A 56 -101.56 37.61 -49.43
C TYR A 56 -103.03 38.00 -49.70
N ALA A 57 -103.46 39.10 -49.10
CA ALA A 57 -104.81 39.63 -49.31
C ALA A 57 -105.83 38.63 -48.86
N ALA A 58 -105.46 37.90 -47.83
CA ALA A 58 -106.36 36.92 -47.24
C ALA A 58 -106.82 35.86 -48.23
N GLY A 59 -105.94 35.42 -49.11
CA GLY A 59 -106.31 34.44 -50.11
C GLY A 59 -106.72 34.98 -51.48
N LYS A 60 -107.04 36.27 -51.60
CA LYS A 60 -107.46 36.81 -52.90
C LYS A 60 -106.36 36.85 -53.92
N ALA A 61 -105.10 36.93 -53.49
CA ALA A 61 -104.05 36.94 -54.47
C ALA A 61 -104.09 35.61 -55.22
N GLU A 62 -104.30 34.51 -54.51
CA GLU A 62 -104.36 33.22 -55.18
C GLU A 62 -105.57 33.15 -56.13
N VAL A 63 -106.71 33.65 -55.67
CA VAL A 63 -107.91 33.67 -56.49
C VAL A 63 -107.66 34.42 -57.82
N VAL A 64 -107.05 35.60 -57.75
CA VAL A 64 -106.77 36.38 -58.95
C VAL A 64 -105.75 35.70 -59.83
N LEU A 65 -104.70 35.22 -59.24
CA LEU A 65 -103.70 34.57 -60.03
C LEU A 65 -104.33 33.38 -60.67
N GLY A 66 -105.14 32.67 -59.93
CA GLY A 66 -105.77 31.48 -60.44
C GLY A 66 -106.70 31.73 -61.57
N ASN A 67 -107.46 32.81 -61.48
CA ASN A 67 -108.36 33.17 -62.55
C ASN A 67 -107.66 33.53 -63.81
N ILE A 68 -106.61 34.33 -63.74
CA ILE A 68 -105.89 34.66 -64.94
C ILE A 68 -105.39 33.41 -65.68
N ILE A 69 -104.74 32.49 -64.96
CA ILE A 69 -104.25 31.28 -65.58
C ILE A 69 -105.38 30.54 -66.28
N LYS A 70 -106.54 30.49 -65.67
CA LYS A 70 -107.67 29.79 -66.25
C LYS A 70 -108.22 30.51 -67.48
N LYS A 71 -108.34 31.83 -67.39
CA LYS A 71 -108.82 32.64 -68.49
C LYS A 71 -107.85 32.63 -69.66
N LYS A 72 -106.55 32.70 -69.41
CA LYS A 72 -105.60 32.71 -70.53
C LYS A 72 -105.43 31.35 -71.20
N GLY A 73 -105.75 30.29 -70.49
CA GLY A 73 -105.61 28.98 -71.06
C GLY A 73 -104.16 28.52 -71.19
N TRP A 74 -103.22 29.18 -70.57
CA TRP A 74 -101.86 28.71 -70.72
C TRP A 74 -101.74 27.25 -70.28
N ARG A 75 -100.89 26.53 -70.95
CA ARG A 75 -100.62 25.14 -70.62
C ARG A 75 -100.00 25.11 -69.24
N ARG A 76 -100.59 24.34 -68.33
CA ARG A 76 -100.07 24.21 -66.96
C ARG A 76 -98.56 23.81 -66.93
N SER A 77 -98.15 22.93 -67.85
CA SER A 77 -96.76 22.49 -67.91
C SER A 77 -95.76 23.58 -68.31
N SER A 78 -96.24 24.74 -68.74
CA SER A 78 -95.34 25.82 -69.10
C SER A 78 -95.19 26.80 -67.95
N LEU A 79 -95.87 26.54 -66.85
CA LEU A 79 -95.80 27.43 -65.70
C LEU A 79 -95.18 26.78 -64.48
N VAL A 80 -94.59 27.60 -63.64
CA VAL A 80 -94.05 27.15 -62.38
C VAL A 80 -94.76 28.04 -61.35
N ILE A 81 -95.78 27.48 -60.72
CA ILE A 81 -96.54 28.22 -59.72
C ILE A 81 -96.06 27.85 -58.32
N THR A 82 -95.87 28.82 -57.44
CA THR A 82 -95.47 28.52 -56.09
C THR A 82 -96.37 29.17 -55.12
N THR A 83 -96.53 28.59 -53.94
CA THR A 83 -97.34 29.16 -52.88
C THR A 83 -96.66 28.88 -51.58
N LYS A 84 -96.84 29.75 -50.60
CA LYS A 84 -96.09 29.69 -49.37
C LYS A 84 -97.08 29.56 -48.25
N ILE A 85 -96.87 28.64 -47.31
CA ILE A 85 -97.86 28.47 -46.24
C ILE A 85 -97.34 28.70 -44.82
N PHE A 86 -97.98 29.60 -44.10
CA PHE A 86 -97.87 29.66 -42.66
C PHE A 86 -99.15 30.12 -41.99
N TRP A 87 -99.54 31.36 -42.22
CA TRP A 87 -100.73 31.90 -41.58
C TRP A 87 -101.93 31.70 -42.45
N GLY A 88 -102.73 30.71 -42.14
CA GLY A 88 -103.91 30.45 -42.94
C GLY A 88 -105.23 30.79 -42.33
N GLY A 89 -105.24 31.25 -41.09
CA GLY A 89 -106.50 31.59 -40.48
C GLY A 89 -106.34 32.23 -39.14
N LYS A 90 -107.42 32.78 -38.63
CA LYS A 90 -107.47 33.23 -37.26
C LYS A 90 -107.42 32.13 -36.22
N ALA A 91 -107.90 30.95 -36.56
CA ALA A 91 -107.90 29.87 -35.57
C ALA A 91 -106.48 29.34 -35.24
N GLU A 92 -106.32 28.87 -34.03
CA GLU A 92 -105.05 28.36 -33.56
C GLU A 92 -104.44 27.33 -34.49
N THR A 93 -105.26 26.42 -34.98
CA THR A 93 -104.78 25.37 -35.85
C THR A 93 -104.64 25.79 -37.31
N GLU A 94 -104.88 27.06 -37.62
CA GLU A 94 -104.77 27.50 -39.00
C GLU A 94 -103.45 28.19 -39.28
N ARG A 95 -102.46 28.02 -38.42
CA ARG A 95 -101.17 28.61 -38.71
C ARG A 95 -100.06 27.66 -38.32
N GLY A 96 -98.87 27.83 -38.90
CA GLY A 96 -97.75 26.98 -38.58
C GLY A 96 -97.45 25.91 -39.61
N LEU A 97 -96.47 25.06 -39.29
CA LEU A 97 -96.05 23.99 -40.19
C LEU A 97 -96.38 22.61 -39.67
N SER A 98 -97.49 22.52 -38.94
CA SER A 98 -97.91 21.22 -38.45
C SER A 98 -98.42 20.48 -39.68
N ARG A 99 -98.59 19.19 -39.57
CA ARG A 99 -99.07 18.39 -40.68
C ARG A 99 -100.49 18.84 -41.05
N LYS A 100 -101.28 19.16 -40.03
CA LYS A 100 -102.65 19.61 -40.24
C LYS A 100 -102.69 20.86 -41.07
N HIS A 101 -101.89 21.86 -40.70
CA HIS A 101 -101.97 23.07 -41.48
C HIS A 101 -101.30 23.03 -42.84
N ILE A 102 -100.28 22.22 -43.01
CA ILE A 102 -99.67 22.13 -44.32
C ILE A 102 -100.63 21.51 -45.31
N ILE A 103 -101.23 20.41 -44.93
CA ILE A 103 -102.17 19.75 -45.81
C ILE A 103 -103.40 20.63 -46.07
N GLU A 104 -104.04 21.13 -45.02
CA GLU A 104 -105.24 21.95 -45.16
C GLU A 104 -104.95 23.28 -45.84
N GLY A 105 -103.85 23.92 -45.48
CA GLY A 105 -103.50 25.15 -46.13
C GLY A 105 -103.20 24.95 -47.61
N LEU A 106 -102.45 23.92 -47.96
CA LEU A 106 -102.13 23.75 -49.36
C LEU A 106 -103.39 23.38 -50.15
N LYS A 107 -104.24 22.57 -49.55
CA LYS A 107 -105.44 22.17 -50.21
C LYS A 107 -106.36 23.38 -50.49
N ALA A 108 -106.47 24.29 -49.54
CA ALA A 108 -107.31 25.45 -49.72
C ALA A 108 -106.67 26.41 -50.76
N SER A 109 -105.34 26.53 -50.78
CA SER A 109 -104.73 27.40 -51.77
C SER A 109 -104.99 26.83 -53.17
N LEU A 110 -104.89 25.53 -53.28
CA LEU A 110 -105.09 24.90 -54.54
C LEU A 110 -106.51 25.14 -54.97
N GLU A 111 -107.42 25.14 -54.04
CA GLU A 111 -108.80 25.37 -54.44
C GLU A 111 -108.98 26.82 -54.94
N ARG A 112 -108.37 27.77 -54.25
CA ARG A 112 -108.45 29.16 -54.65
C ARG A 112 -107.74 29.43 -55.96
N LEU A 113 -106.71 28.64 -56.23
CA LEU A 113 -105.94 28.75 -57.46
C LEU A 113 -106.57 27.97 -58.61
N GLN A 114 -107.54 27.15 -58.27
CA GLN A 114 -108.20 26.38 -59.26
C GLN A 114 -107.17 25.59 -59.97
N LEU A 115 -106.25 25.04 -59.20
CA LEU A 115 -105.15 24.26 -59.72
C LEU A 115 -105.09 22.92 -59.03
N GLU A 116 -104.66 21.90 -59.74
CA GLU A 116 -104.49 20.56 -59.20
C GLU A 116 -103.34 20.49 -58.21
N TYR A 117 -102.33 21.31 -58.45
CA TYR A 117 -101.09 21.36 -57.69
C TYR A 117 -100.24 22.60 -57.96
N VAL A 118 -99.27 22.84 -57.08
CA VAL A 118 -98.33 23.93 -57.29
C VAL A 118 -97.00 23.25 -57.62
N ASP A 119 -96.05 23.95 -58.17
CA ASP A 119 -94.78 23.33 -58.47
C ASP A 119 -93.91 23.30 -57.21
N VAL A 120 -93.95 24.38 -56.45
CA VAL A 120 -93.20 24.39 -55.23
C VAL A 120 -94.05 24.94 -54.10
N VAL A 121 -94.13 24.24 -52.99
CA VAL A 121 -94.86 24.75 -51.85
C VAL A 121 -93.83 25.14 -50.84
N PHE A 122 -94.02 26.27 -50.19
CA PHE A 122 -93.03 26.77 -49.28
C PHE A 122 -93.56 26.85 -47.91
N ALA A 123 -92.65 26.83 -46.96
CA ALA A 123 -92.95 27.05 -45.58
C ALA A 123 -92.65 28.48 -45.43
N ASN A 124 -93.64 29.29 -45.16
CA ASN A 124 -93.49 30.72 -45.22
C ASN A 124 -92.56 31.27 -44.17
N ARG A 125 -92.43 30.57 -43.07
CA ARG A 125 -91.39 30.87 -42.14
C ARG A 125 -91.17 29.66 -41.23
N PRO A 126 -90.06 29.60 -40.52
CA PRO A 126 -89.79 28.48 -39.62
C PRO A 126 -90.85 28.37 -38.53
N ASP A 127 -91.00 27.18 -37.99
CA ASP A 127 -91.96 26.93 -36.94
C ASP A 127 -91.29 26.24 -35.77
N PRO A 128 -91.02 27.00 -34.71
CA PRO A 128 -90.37 26.47 -33.49
C PRO A 128 -91.23 25.42 -32.80
N ASN A 129 -92.57 25.57 -32.93
CA ASN A 129 -93.53 24.67 -32.32
C ASN A 129 -93.85 23.37 -33.01
N THR A 130 -93.14 23.05 -34.08
CA THR A 130 -93.39 21.83 -34.77
C THR A 130 -92.12 21.09 -35.03
N PRO A 131 -92.05 19.80 -34.70
CA PRO A 131 -90.83 19.02 -34.93
C PRO A 131 -90.56 19.01 -36.43
N MET A 132 -89.28 19.10 -36.78
CA MET A 132 -88.84 19.10 -38.16
C MET A 132 -89.37 17.87 -38.88
N GLU A 133 -89.31 16.74 -38.22
CA GLU A 133 -89.78 15.51 -38.78
C GLU A 133 -91.20 15.66 -39.27
N GLU A 134 -92.07 16.26 -38.43
CA GLU A 134 -93.47 16.39 -38.81
C GLU A 134 -93.63 17.24 -40.07
N THR A 135 -92.91 18.35 -40.12
CA THR A 135 -92.96 19.24 -41.26
C THR A 135 -92.45 18.56 -42.49
N VAL A 136 -91.29 17.92 -42.38
CA VAL A 136 -90.71 17.27 -43.55
C VAL A 136 -91.60 16.14 -44.02
N ARG A 137 -92.26 15.42 -43.12
CA ARG A 137 -93.16 14.34 -43.55
C ARG A 137 -94.42 14.88 -44.21
N ALA A 138 -94.85 16.08 -43.80
CA ALA A 138 -96.08 16.65 -44.36
C ALA A 138 -95.83 17.15 -45.79
N MET A 139 -94.68 17.81 -45.97
CA MET A 139 -94.26 18.32 -47.25
C MET A 139 -94.08 17.12 -48.17
N THR A 140 -93.37 16.09 -47.68
CA THR A 140 -93.19 14.91 -48.50
C THR A 140 -94.55 14.30 -48.84
N HIS A 141 -95.47 14.38 -47.90
CA HIS A 141 -96.82 13.85 -48.14
C HIS A 141 -97.52 14.58 -49.26
N VAL A 142 -97.50 15.90 -49.23
CA VAL A 142 -98.24 16.62 -50.26
C VAL A 142 -97.62 16.43 -51.60
N ILE A 143 -96.34 16.10 -51.62
CA ILE A 143 -95.70 15.88 -52.91
C ILE A 143 -96.15 14.52 -53.40
N ASN A 144 -96.11 13.51 -52.52
CA ASN A 144 -96.55 12.19 -52.96
C ASN A 144 -98.01 12.19 -53.32
N GLN A 145 -98.82 13.07 -52.78
CA GLN A 145 -100.26 13.13 -53.13
C GLN A 145 -100.48 13.89 -54.45
N GLY A 146 -99.38 14.36 -55.06
CA GLY A 146 -99.51 15.11 -56.27
C GLY A 146 -100.04 16.51 -56.05
N MET A 147 -99.96 17.03 -54.84
CA MET A 147 -100.43 18.38 -54.55
C MET A 147 -99.33 19.46 -54.80
N ALA A 148 -98.08 19.01 -54.90
CA ALA A 148 -96.92 19.85 -55.14
C ALA A 148 -95.85 18.98 -55.81
N MET A 149 -94.96 19.60 -56.56
CA MET A 149 -93.87 18.88 -57.21
C MET A 149 -92.62 18.91 -56.31
N TYR A 150 -92.45 20.00 -55.59
CA TYR A 150 -91.29 20.19 -54.73
C TYR A 150 -91.67 21.08 -53.58
N TRP A 151 -90.78 21.20 -52.59
CA TRP A 151 -91.03 22.09 -51.48
C TRP A 151 -89.77 22.86 -51.12
N GLY A 152 -89.98 23.98 -50.45
CA GLY A 152 -88.89 24.83 -50.04
C GLY A 152 -89.17 25.54 -48.74
N THR A 153 -88.20 26.27 -48.25
CA THR A 153 -88.31 26.90 -46.98
C THR A 153 -88.22 28.36 -47.21
N SER A 154 -88.98 29.15 -46.50
CA SER A 154 -88.84 30.57 -46.58
C SER A 154 -88.41 31.08 -45.24
N ARG A 155 -87.35 31.85 -45.20
CA ARG A 155 -87.01 32.56 -44.00
C ARG A 155 -86.39 31.72 -42.93
N TRP A 156 -85.97 30.53 -43.28
CA TRP A 156 -85.28 29.65 -42.37
C TRP A 156 -83.82 30.01 -42.28
N SER A 157 -83.15 29.57 -41.24
CA SER A 157 -81.73 29.70 -41.13
C SER A 157 -81.08 28.50 -41.75
N SER A 158 -79.80 28.60 -42.03
CA SER A 158 -79.08 27.53 -42.68
C SER A 158 -79.13 26.35 -41.80
N MET A 159 -79.07 26.60 -40.52
CA MET A 159 -79.07 25.50 -39.58
C MET A 159 -80.37 24.71 -39.70
N GLU A 160 -81.48 25.41 -39.78
CA GLU A 160 -82.75 24.77 -39.97
C GLU A 160 -82.89 24.11 -41.30
N ILE A 161 -82.41 24.73 -42.36
CA ILE A 161 -82.49 24.11 -43.65
C ILE A 161 -81.72 22.79 -43.64
N MET A 162 -80.56 22.78 -43.01
CA MET A 162 -79.75 21.57 -42.93
C MET A 162 -80.44 20.50 -42.07
N GLU A 163 -81.15 20.93 -41.06
CA GLU A 163 -81.88 20.02 -40.22
C GLU A 163 -82.96 19.38 -41.08
N ALA A 164 -83.66 20.15 -41.90
CA ALA A 164 -84.70 19.53 -42.74
C ALA A 164 -84.08 18.50 -43.67
N TYR A 165 -82.93 18.85 -44.23
CA TYR A 165 -82.25 17.96 -45.12
C TYR A 165 -81.80 16.68 -44.39
N SER A 166 -81.21 16.79 -43.22
CA SER A 166 -80.79 15.57 -42.54
C SER A 166 -81.96 14.74 -42.08
N VAL A 167 -83.02 15.38 -41.61
CA VAL A 167 -84.22 14.66 -41.20
C VAL A 167 -84.77 13.92 -42.45
N ALA A 168 -84.73 14.58 -43.59
CA ALA A 168 -85.20 13.95 -44.82
C ALA A 168 -84.36 12.70 -45.11
N ARG A 169 -83.04 12.80 -45.02
CA ARG A 169 -82.19 11.62 -45.30
C ARG A 169 -82.41 10.49 -44.29
N GLN A 170 -82.59 10.86 -43.04
CA GLN A 170 -82.80 9.94 -41.96
C GLN A 170 -84.03 9.07 -42.17
N PHE A 171 -85.13 9.68 -42.62
CA PHE A 171 -86.38 8.97 -42.81
C PHE A 171 -86.76 8.68 -44.23
N ASN A 172 -85.80 8.80 -45.11
CA ASN A 172 -86.08 8.56 -46.50
C ASN A 172 -87.19 9.45 -47.07
N LEU A 173 -87.20 10.72 -46.67
CA LEU A 173 -88.18 11.69 -47.13
C LEU A 173 -87.53 12.58 -48.19
N ILE A 174 -88.23 13.59 -48.62
CA ILE A 174 -87.74 14.46 -49.66
C ILE A 174 -87.19 15.74 -49.08
N PRO A 175 -85.97 16.07 -49.39
CA PRO A 175 -85.39 17.32 -48.86
C PRO A 175 -85.90 18.55 -49.59
N PRO A 176 -85.81 19.71 -48.94
CA PRO A 176 -86.28 20.93 -49.58
C PRO A 176 -85.31 21.27 -50.70
N ILE A 177 -85.74 21.99 -51.73
CA ILE A 177 -84.80 22.28 -52.78
C ILE A 177 -84.48 23.74 -52.94
N CYS A 178 -85.13 24.57 -52.14
CA CYS A 178 -84.97 25.99 -52.27
C CYS A 178 -85.33 26.77 -50.99
N GLU A 179 -84.67 27.89 -50.78
CA GLU A 179 -84.97 28.76 -49.64
C GLU A 179 -85.37 30.10 -50.27
N GLN A 180 -86.44 30.70 -49.81
CA GLN A 180 -86.92 31.97 -50.36
C GLN A 180 -86.43 33.05 -49.43
N ALA A 181 -85.30 33.65 -49.75
CA ALA A 181 -84.71 34.67 -48.88
C ALA A 181 -84.78 36.09 -49.37
N GLU A 182 -84.98 37.00 -48.42
CA GLU A 182 -84.98 38.39 -48.74
C GLU A 182 -83.57 38.77 -49.23
N TYR A 183 -83.51 39.55 -50.28
CA TYR A 183 -82.20 39.91 -50.78
C TYR A 183 -82.21 41.15 -51.64
N HIS A 184 -81.42 42.11 -51.24
CA HIS A 184 -81.27 43.34 -51.97
C HIS A 184 -80.03 44.01 -51.42
N MET A 185 -79.65 45.13 -52.01
CA MET A 185 -78.45 45.84 -51.58
C MET A 185 -78.37 46.18 -50.11
N PHE A 186 -79.50 46.24 -49.42
CA PHE A 186 -79.49 46.54 -48.00
C PHE A 186 -79.82 45.38 -47.08
N GLN A 187 -79.73 44.15 -47.59
CA GLN A 187 -80.02 42.91 -46.83
C GLN A 187 -79.25 41.81 -47.54
N ARG A 188 -77.95 41.71 -47.26
CA ARG A 188 -77.06 40.81 -47.99
C ARG A 188 -76.53 39.63 -47.24
N GLU A 189 -76.73 39.62 -45.95
CA GLU A 189 -76.02 38.71 -45.09
C GLU A 189 -76.30 37.26 -45.28
N LYS A 190 -77.56 36.88 -45.34
CA LYS A 190 -77.91 35.49 -45.51
C LYS A 190 -77.56 34.86 -46.82
N VAL A 191 -77.78 35.58 -47.90
CA VAL A 191 -77.48 35.07 -49.20
C VAL A 191 -76.00 35.02 -49.50
N GLU A 192 -75.27 36.03 -49.09
CA GLU A 192 -73.86 36.09 -49.40
C GLU A 192 -72.97 35.45 -48.37
N VAL A 193 -73.49 35.06 -47.22
CA VAL A 193 -72.65 34.35 -46.27
C VAL A 193 -73.11 32.96 -45.86
N GLN A 194 -74.39 32.79 -45.61
CA GLN A 194 -74.90 31.51 -45.17
C GLN A 194 -75.43 30.51 -46.18
N LEU A 195 -76.10 30.99 -47.21
CA LEU A 195 -76.67 30.10 -48.20
C LEU A 195 -75.74 29.41 -49.17
N PRO A 196 -74.64 30.05 -49.57
CA PRO A 196 -73.75 29.38 -50.53
C PRO A 196 -73.26 28.00 -50.10
N GLU A 197 -72.99 27.83 -48.83
CA GLU A 197 -72.49 26.55 -48.43
C GLU A 197 -73.55 25.55 -48.73
N LEU A 198 -74.77 25.87 -48.42
CA LEU A 198 -75.87 24.96 -48.62
C LEU A 198 -76.06 24.65 -50.08
N PHE A 199 -75.86 25.65 -50.93
CA PHE A 199 -76.02 25.44 -52.34
C PHE A 199 -75.03 24.37 -52.81
N HIS A 200 -73.76 24.54 -52.46
CA HIS A 200 -72.75 23.58 -52.87
C HIS A 200 -72.80 22.26 -52.14
N LYS A 201 -73.19 22.29 -50.88
CA LYS A 201 -73.22 21.06 -50.12
C LYS A 201 -74.46 20.21 -50.38
N ILE A 202 -75.66 20.76 -50.25
CA ILE A 202 -76.86 19.98 -50.45
C ILE A 202 -77.76 20.42 -51.59
N GLY A 203 -77.27 21.29 -52.45
CA GLY A 203 -78.08 21.69 -53.59
C GLY A 203 -79.24 22.63 -53.42
N VAL A 204 -79.42 23.16 -52.23
CA VAL A 204 -80.50 24.09 -52.01
C VAL A 204 -80.19 25.44 -52.63
N GLY A 205 -81.10 25.92 -53.48
CA GLY A 205 -80.89 27.19 -54.11
C GLY A 205 -81.73 28.29 -53.47
N ALA A 206 -81.39 29.53 -53.79
CA ALA A 206 -82.11 30.66 -53.25
C ALA A 206 -83.03 31.27 -54.29
N MET A 207 -84.21 31.68 -53.85
CA MET A 207 -85.18 32.35 -54.71
C MET A 207 -85.43 33.59 -53.87
N THR A 208 -84.81 34.68 -54.24
CA THR A 208 -84.91 35.87 -53.44
C THR A 208 -86.11 36.76 -53.69
N TRP A 209 -86.53 37.46 -52.65
CA TRP A 209 -87.66 38.39 -52.74
C TRP A 209 -87.30 39.83 -52.38
N SER A 210 -88.22 40.75 -52.71
CA SER A 210 -88.04 42.18 -52.49
C SER A 210 -86.71 42.68 -52.99
N PRO A 211 -86.38 42.39 -54.23
CA PRO A 211 -85.08 42.88 -54.71
C PRO A 211 -85.00 44.41 -54.74
N LEU A 212 -86.12 45.12 -54.63
CA LEU A 212 -86.06 46.59 -54.60
C LEU A 212 -86.42 47.10 -53.21
N ALA A 213 -86.36 46.19 -52.26
CA ALA A 213 -86.71 46.45 -50.88
C ALA A 213 -88.05 47.18 -50.84
N CYS A 214 -89.02 46.61 -51.57
CA CYS A 214 -90.39 47.11 -51.68
C CYS A 214 -90.52 48.41 -52.43
N GLY A 215 -89.51 48.77 -53.19
CA GLY A 215 -89.55 50.01 -53.93
C GLY A 215 -88.49 51.00 -53.45
N ILE A 216 -88.00 50.81 -52.23
CA ILE A 216 -86.99 51.67 -51.66
C ILE A 216 -85.75 51.80 -52.53
N VAL A 217 -85.31 50.71 -53.12
CA VAL A 217 -84.12 50.72 -53.93
C VAL A 217 -84.35 51.28 -55.33
N SER A 218 -85.59 51.60 -55.68
CA SER A 218 -85.89 52.10 -57.03
C SER A 218 -85.44 53.51 -57.25
N GLY A 219 -85.32 54.26 -56.19
CA GLY A 219 -84.94 55.62 -56.34
C GLY A 219 -86.16 56.51 -56.31
N LYS A 220 -87.34 55.94 -56.45
CA LYS A 220 -88.55 56.73 -56.45
C LYS A 220 -88.82 57.51 -55.18
N TYR A 221 -88.08 57.23 -54.12
CA TYR A 221 -88.30 57.93 -52.85
C TYR A 221 -87.20 58.95 -52.53
N ASP A 222 -86.52 59.43 -53.55
CA ASP A 222 -85.46 60.41 -53.30
C ASP A 222 -85.97 61.74 -52.72
N SER A 223 -87.22 62.08 -53.01
CA SER A 223 -87.80 63.35 -52.60
C SER A 223 -88.97 63.32 -51.62
N GLY A 224 -89.23 62.21 -50.95
CA GLY A 224 -90.46 62.04 -50.20
C GLY A 224 -91.28 60.86 -50.71
N ILE A 225 -92.46 60.68 -50.14
CA ILE A 225 -93.37 59.60 -50.49
C ILE A 225 -94.37 59.93 -51.61
N PRO A 226 -94.08 59.46 -52.83
CA PRO A 226 -95.01 59.74 -53.93
C PRO A 226 -96.42 59.23 -53.69
N PRO A 227 -97.41 59.81 -54.37
CA PRO A 227 -98.79 59.36 -54.17
C PRO A 227 -98.96 58.02 -54.90
N TYR A 228 -99.73 57.13 -54.31
CA TYR A 228 -99.98 55.83 -54.90
C TYR A 228 -98.79 54.89 -54.87
N SER A 229 -97.75 55.24 -54.12
CA SER A 229 -96.58 54.40 -53.99
C SER A 229 -96.90 53.43 -52.87
N ARG A 230 -96.22 52.30 -52.80
CA ARG A 230 -96.53 51.36 -51.75
C ARG A 230 -96.42 52.03 -50.38
N ALA A 231 -95.43 52.88 -50.21
CA ALA A 231 -95.24 53.52 -48.92
C ALA A 231 -96.45 54.35 -48.49
N SER A 232 -97.28 54.72 -49.44
CA SER A 232 -98.44 55.55 -49.11
C SER A 232 -99.73 54.78 -48.92
N LEU A 233 -99.70 53.48 -49.16
CA LEU A 233 -100.91 52.68 -49.02
C LEU A 233 -101.34 52.50 -47.59
N LYS A 234 -102.63 52.34 -47.42
CA LYS A 234 -103.19 52.15 -46.11
C LYS A 234 -102.70 50.79 -45.68
N GLY A 235 -102.05 50.71 -44.54
CA GLY A 235 -101.55 49.43 -44.06
C GLY A 235 -100.04 49.29 -44.19
N TYR A 236 -99.45 50.21 -44.90
CA TYR A 236 -98.03 50.16 -45.19
C TYR A 236 -97.30 51.33 -44.62
N GLN A 237 -97.80 51.85 -43.50
CA GLN A 237 -97.15 52.95 -42.83
C GLN A 237 -95.78 52.56 -42.41
N TRP A 238 -95.63 51.33 -41.96
CA TRP A 238 -94.38 50.90 -41.40
C TRP A 238 -93.29 51.08 -42.43
N LEU A 239 -93.61 50.86 -43.68
CA LEU A 239 -92.68 51.12 -44.74
C LEU A 239 -92.39 52.60 -44.73
N LYS A 240 -93.42 53.40 -44.55
CA LYS A 240 -93.26 54.83 -44.62
C LYS A 240 -92.33 55.28 -43.53
N ASP A 241 -92.45 54.68 -42.37
CA ASP A 241 -91.65 55.10 -41.27
C ASP A 241 -90.22 54.77 -41.60
N LYS A 242 -90.03 53.71 -42.34
CA LYS A 242 -88.70 53.25 -42.66
C LYS A 242 -87.99 54.22 -43.55
N ILE A 243 -88.70 54.69 -44.56
CA ILE A 243 -88.07 55.48 -45.57
C ILE A 243 -87.62 56.75 -44.98
N LEU A 244 -88.53 57.36 -44.24
CA LEU A 244 -88.26 58.63 -43.64
C LEU A 244 -87.29 58.58 -42.45
N SER A 245 -87.07 57.40 -41.87
CA SER A 245 -86.14 57.25 -40.74
C SER A 245 -84.71 57.70 -41.06
N GLU A 246 -83.89 57.80 -40.03
CA GLU A 246 -82.51 58.22 -40.21
C GLU A 246 -81.79 57.22 -41.10
N GLU A 247 -82.14 55.95 -40.93
CA GLU A 247 -81.53 54.89 -41.71
C GLU A 247 -82.06 55.00 -43.13
N GLY A 248 -83.34 55.33 -43.26
CA GLY A 248 -83.94 55.49 -44.56
C GLY A 248 -83.23 56.56 -45.34
N ARG A 249 -82.96 57.67 -44.68
CA ARG A 249 -82.28 58.79 -45.32
C ARG A 249 -80.92 58.37 -45.81
N ARG A 250 -80.20 57.60 -44.99
CA ARG A 250 -78.88 57.13 -45.33
C ARG A 250 -78.93 56.27 -46.57
N GLN A 251 -79.98 55.45 -46.69
CA GLN A 251 -80.12 54.59 -47.85
C GLN A 251 -80.32 55.41 -49.10
N GLN A 252 -81.25 56.35 -49.03
CA GLN A 252 -81.54 57.18 -50.16
C GLN A 252 -80.31 57.91 -50.63
N ALA A 253 -79.45 58.31 -49.69
CA ALA A 253 -78.23 59.01 -50.04
C ALA A 253 -77.30 58.05 -50.77
N LYS A 254 -77.26 56.81 -50.32
CA LYS A 254 -76.41 55.83 -50.98
C LYS A 254 -76.93 55.52 -52.38
N LEU A 255 -78.24 55.62 -52.55
CA LEU A 255 -78.83 55.34 -53.83
C LEU A 255 -78.40 56.37 -54.82
N LYS A 256 -78.25 57.63 -54.39
CA LYS A 256 -77.79 58.68 -55.31
C LYS A 256 -76.40 58.36 -55.80
N GLU A 257 -75.58 57.77 -54.93
CA GLU A 257 -74.24 57.38 -55.32
C GLU A 257 -74.35 56.26 -56.38
N LEU A 258 -75.28 55.33 -56.21
CA LEU A 258 -75.41 54.21 -57.14
C LEU A 258 -75.89 54.58 -58.53
N GLN A 259 -76.68 55.63 -58.59
CA GLN A 259 -77.21 56.12 -59.85
C GLN A 259 -76.07 56.30 -60.86
N ALA A 260 -74.93 56.81 -60.42
CA ALA A 260 -73.80 56.99 -61.30
C ALA A 260 -73.34 55.65 -61.88
N ILE A 261 -73.42 54.60 -61.07
CA ILE A 261 -73.05 53.26 -61.53
C ILE A 261 -74.03 52.88 -62.61
N ALA A 262 -75.32 53.08 -62.32
CA ALA A 262 -76.38 52.77 -63.28
C ALA A 262 -76.12 53.42 -64.63
N GLU A 263 -75.79 54.71 -64.63
CA GLU A 263 -75.52 55.42 -65.88
C GLU A 263 -74.29 54.92 -66.58
N ARG A 264 -73.30 54.50 -65.82
CA ARG A 264 -72.08 53.93 -66.39
C ARG A 264 -72.44 52.67 -67.15
N LEU A 265 -73.36 51.90 -66.58
CA LEU A 265 -73.80 50.65 -67.17
C LEU A 265 -74.95 50.86 -68.16
N GLY A 266 -75.39 52.10 -68.29
CA GLY A 266 -76.45 52.43 -69.22
C GLY A 266 -77.81 51.90 -68.83
N CYS A 267 -78.08 51.79 -67.55
CA CYS A 267 -79.37 51.24 -67.14
C CYS A 267 -79.99 52.07 -66.04
N THR A 268 -81.20 51.70 -65.64
CA THR A 268 -81.90 52.41 -64.59
C THR A 268 -81.51 51.76 -63.26
N LEU A 269 -81.75 52.43 -62.16
CA LEU A 269 -81.42 51.88 -60.88
C LEU A 269 -82.18 50.54 -60.61
N PRO A 270 -83.50 50.48 -60.89
CA PRO A 270 -84.20 49.22 -60.65
C PRO A 270 -83.52 48.07 -61.43
N GLN A 271 -83.11 48.35 -62.67
CA GLN A 271 -82.48 47.30 -63.43
C GLN A 271 -81.17 46.88 -62.78
N LEU A 272 -80.40 47.85 -62.32
CA LEU A 272 -79.13 47.53 -61.67
C LEU A 272 -79.35 46.72 -60.40
N ALA A 273 -80.28 47.16 -59.60
CA ALA A 273 -80.56 46.49 -58.36
C ALA A 273 -80.97 45.04 -58.56
N ILE A 274 -81.79 44.79 -59.55
CA ILE A 274 -82.25 43.46 -59.79
C ILE A 274 -81.13 42.60 -60.34
N ALA A 275 -80.35 43.13 -61.27
CA ALA A 275 -79.26 42.36 -61.86
C ALA A 275 -78.20 42.01 -60.82
N TRP A 276 -78.00 42.91 -59.87
CA TRP A 276 -77.04 42.72 -58.81
C TRP A 276 -77.39 41.47 -58.00
N CYS A 277 -78.69 41.27 -57.75
CA CYS A 277 -79.17 40.11 -57.04
C CYS A 277 -78.82 38.85 -57.79
N LEU A 278 -78.77 38.90 -59.10
CA LEU A 278 -78.42 37.73 -59.88
C LEU A 278 -76.92 37.50 -60.19
N ARG A 279 -76.03 38.35 -59.72
CA ARG A 279 -74.61 38.19 -60.05
C ARG A 279 -73.97 36.89 -59.54
N ASN A 280 -74.55 36.29 -58.53
CA ASN A 280 -73.98 35.06 -57.98
C ASN A 280 -74.81 33.79 -58.20
N GLU A 281 -74.16 32.75 -58.70
CA GLU A 281 -74.79 31.48 -59.01
C GLU A 281 -75.77 30.95 -58.00
N GLY A 282 -75.47 31.14 -56.73
CA GLY A 282 -76.35 30.64 -55.69
C GLY A 282 -77.77 31.15 -55.76
N VAL A 283 -78.01 32.25 -56.48
CA VAL A 283 -79.36 32.77 -56.56
C VAL A 283 -79.98 32.21 -57.85
N SER A 284 -81.06 31.47 -57.70
CA SER A 284 -81.71 30.86 -58.85
C SER A 284 -82.65 31.79 -59.54
N SER A 285 -83.37 32.58 -58.77
CA SER A 285 -84.31 33.50 -59.37
C SER A 285 -84.68 34.61 -58.39
N VAL A 286 -85.07 35.75 -58.94
CA VAL A 286 -85.45 36.91 -58.17
C VAL A 286 -86.94 37.13 -58.45
N LEU A 287 -87.72 37.24 -57.39
CA LEU A 287 -89.13 37.46 -57.54
C LEU A 287 -89.40 38.96 -57.58
N LEU A 288 -89.94 39.47 -58.68
CA LEU A 288 -90.21 40.88 -58.78
C LEU A 288 -91.60 41.26 -58.32
N GLY A 289 -91.76 42.53 -57.98
CA GLY A 289 -93.06 43.04 -57.58
C GLY A 289 -93.34 44.17 -58.56
N ALA A 290 -94.60 44.43 -58.91
CA ALA A 290 -94.91 45.48 -59.85
C ALA A 290 -96.34 45.88 -59.72
N SER A 291 -96.60 47.17 -59.66
CA SER A 291 -97.97 47.64 -59.54
C SER A 291 -98.54 48.13 -60.86
N ASN A 292 -97.71 48.15 -61.89
CA ASN A 292 -98.18 48.52 -63.24
C ASN A 292 -97.28 47.91 -64.28
N ALA A 293 -97.70 47.98 -65.53
CA ALA A 293 -96.96 47.40 -66.65
C ALA A 293 -95.64 48.07 -66.96
N GLU A 294 -95.57 49.37 -66.78
CA GLU A 294 -94.33 50.10 -67.03
C GLU A 294 -93.24 49.51 -66.14
N GLN A 295 -93.50 49.43 -64.84
CA GLN A 295 -92.49 48.89 -63.94
C GLN A 295 -91.99 47.53 -64.37
N LEU A 296 -92.90 46.63 -64.69
CA LEU A 296 -92.48 45.32 -65.11
C LEU A 296 -91.63 45.34 -66.35
N MET A 297 -92.03 46.11 -67.37
CA MET A 297 -91.23 46.18 -68.60
C MET A 297 -89.84 46.75 -68.34
N GLU A 298 -89.73 47.65 -67.39
CA GLU A 298 -88.42 48.20 -67.10
C GLU A 298 -87.57 47.17 -66.34
N ASN A 299 -88.14 46.57 -65.31
CA ASN A 299 -87.43 45.61 -64.48
C ASN A 299 -86.91 44.42 -65.25
N ILE A 300 -87.67 43.98 -66.21
CA ILE A 300 -87.22 42.84 -66.99
C ILE A 300 -85.93 43.16 -67.69
N GLY A 301 -85.69 44.42 -67.98
CA GLY A 301 -84.46 44.81 -68.62
C GLY A 301 -83.20 44.54 -67.79
N ALA A 302 -83.36 44.13 -66.54
CA ALA A 302 -82.21 43.82 -65.67
C ALA A 302 -81.37 42.72 -66.27
N ILE A 303 -81.98 41.89 -67.08
CA ILE A 303 -81.23 40.82 -67.69
C ILE A 303 -80.10 41.29 -68.62
N GLN A 304 -80.27 42.46 -69.24
CA GLN A 304 -79.24 43.01 -70.13
C GLN A 304 -78.05 43.58 -69.35
N VAL A 305 -78.28 43.95 -68.11
CA VAL A 305 -77.25 44.49 -67.27
C VAL A 305 -76.31 43.43 -66.72
N LEU A 306 -76.87 42.29 -66.39
CA LEU A 306 -76.12 41.21 -65.76
C LEU A 306 -74.72 40.92 -66.32
N PRO A 307 -74.57 40.86 -67.64
CA PRO A 307 -73.23 40.58 -68.17
C PRO A 307 -72.19 41.64 -67.85
N LYS A 308 -72.63 42.88 -67.58
CA LYS A 308 -71.73 43.99 -67.26
C LYS A 308 -71.27 44.07 -65.81
N LEU A 309 -71.83 43.29 -64.92
CA LEU A 309 -71.40 43.39 -63.53
C LEU A 309 -70.04 42.74 -63.33
N SER A 310 -68.99 43.46 -63.66
CA SER A 310 -67.63 42.94 -63.52
C SER A 310 -67.18 43.05 -62.07
N SER A 311 -66.09 42.40 -61.75
CA SER A 311 -65.72 42.35 -60.39
C SER A 311 -65.54 43.77 -59.99
N SER A 312 -64.97 44.56 -60.87
CA SER A 312 -64.66 45.91 -60.50
C SER A 312 -65.90 46.67 -60.15
N ILE A 313 -66.94 46.52 -60.95
CA ILE A 313 -68.15 47.26 -60.69
C ILE A 313 -68.65 46.78 -59.36
N VAL A 314 -68.64 45.49 -59.16
CA VAL A 314 -69.15 44.92 -57.94
C VAL A 314 -68.40 45.48 -56.75
N HIS A 315 -67.11 45.67 -56.89
CA HIS A 315 -66.33 46.27 -55.83
C HIS A 315 -66.76 47.67 -55.56
N GLU A 316 -66.99 48.41 -56.61
CA GLU A 316 -67.33 49.79 -56.49
C GLU A 316 -68.62 49.91 -55.75
N ILE A 317 -69.56 49.04 -56.04
CA ILE A 317 -70.83 49.08 -55.38
C ILE A 317 -70.67 48.78 -53.93
N ASP A 318 -69.81 47.83 -53.63
CA ASP A 318 -69.66 47.40 -52.28
C ASP A 318 -69.14 48.55 -51.47
N SER A 319 -68.25 49.32 -52.06
CA SER A 319 -67.74 50.51 -51.44
C SER A 319 -68.78 51.57 -51.21
N ILE A 320 -69.64 51.78 -52.19
CA ILE A 320 -70.69 52.73 -52.02
C ILE A 320 -71.59 52.29 -50.91
N LEU A 321 -71.95 51.02 -50.92
CA LEU A 321 -72.82 50.45 -49.91
C LEU A 321 -72.23 50.38 -48.54
N GLY A 322 -70.97 50.00 -48.49
CA GLY A 322 -70.25 49.82 -47.24
C GLY A 322 -70.84 48.75 -46.36
N ASN A 323 -71.49 47.75 -46.93
CA ASN A 323 -72.14 46.74 -46.09
C ASN A 323 -71.89 45.32 -46.51
N LYS A 324 -70.81 45.10 -47.25
CA LYS A 324 -70.46 43.78 -47.70
C LYS A 324 -70.21 42.95 -46.47
N PRO A 325 -70.95 41.86 -46.32
CA PRO A 325 -70.79 41.00 -45.15
C PRO A 325 -69.47 40.23 -45.15
N TYR A 326 -68.90 40.03 -43.98
CA TYR A 326 -67.66 39.29 -43.84
C TYR A 326 -67.95 37.80 -43.92
N SER A 327 -67.23 37.12 -44.80
CA SER A 327 -67.39 35.68 -44.98
C SER A 327 -66.79 34.93 -43.80
N ASP B 65 -72.72 29.36 -37.48
CA ASP B 65 -72.41 29.28 -36.05
C ASP B 65 -72.04 27.86 -35.63
N HIS B 66 -70.75 27.55 -35.59
CA HIS B 66 -70.25 26.18 -35.64
C HIS B 66 -69.93 25.48 -34.35
N GLU B 67 -70.36 26.03 -33.23
CA GLU B 67 -70.29 25.28 -32.01
C GLU B 67 -71.64 24.65 -31.90
N SER B 68 -71.85 23.73 -32.81
CA SER B 68 -73.10 23.03 -32.96
C SER B 68 -72.94 21.60 -32.57
N SER B 69 -74.08 20.97 -32.34
CA SER B 69 -74.20 19.57 -31.98
C SER B 69 -74.79 18.82 -33.14
N GLU B 70 -74.95 19.53 -34.24
CA GLU B 70 -75.40 18.92 -35.46
C GLU B 70 -74.45 17.80 -35.71
N ARG B 71 -74.97 16.66 -36.17
CA ARG B 71 -74.17 15.45 -36.25
C ARG B 71 -73.57 15.22 -37.60
N VAL B 72 -72.29 14.85 -37.60
CA VAL B 72 -71.53 14.63 -38.82
C VAL B 72 -71.16 13.16 -38.93
N VAL B 73 -71.39 12.55 -40.09
CA VAL B 73 -71.10 11.17 -40.31
C VAL B 73 -69.96 11.06 -41.25
N ILE B 74 -68.93 10.36 -40.82
CA ILE B 74 -67.77 10.20 -41.65
C ILE B 74 -67.65 8.73 -41.91
N ASN B 75 -67.68 8.38 -43.18
CA ASN B 75 -67.61 7.01 -43.62
C ASN B 75 -66.19 6.67 -44.11
N ILE B 76 -65.48 5.86 -43.35
CA ILE B 76 -64.11 5.49 -43.71
C ILE B 76 -64.13 4.14 -44.38
N SER B 77 -64.11 4.12 -45.69
CA SER B 77 -64.14 2.87 -46.41
C SER B 77 -65.19 1.89 -45.93
N GLY B 78 -66.37 2.44 -45.60
CA GLY B 78 -67.48 1.64 -45.15
C GLY B 78 -67.68 1.64 -43.66
N LEU B 79 -66.63 1.90 -42.89
CA LEU B 79 -66.74 1.89 -41.45
C LEU B 79 -67.32 3.24 -41.08
N ARG B 80 -68.46 3.23 -40.43
CA ARG B 80 -69.17 4.44 -40.10
C ARG B 80 -68.79 5.12 -38.79
N PHE B 81 -68.45 6.39 -38.86
CA PHE B 81 -68.10 7.16 -37.69
C PHE B 81 -69.07 8.33 -37.55
N GLU B 82 -69.42 8.70 -36.33
CA GLU B 82 -70.26 9.88 -36.13
C GLU B 82 -69.71 10.71 -35.02
N THR B 83 -69.85 12.02 -35.17
CA THR B 83 -69.43 12.93 -34.15
C THR B 83 -70.26 14.20 -34.24
N GLN B 84 -70.04 15.12 -33.33
CA GLN B 84 -70.74 16.39 -33.35
C GLN B 84 -69.93 17.38 -34.17
N LEU B 85 -70.58 18.27 -34.86
CA LEU B 85 -69.84 19.25 -35.66
C LEU B 85 -68.95 20.13 -34.79
N LYS B 86 -69.36 20.39 -33.57
CA LYS B 86 -68.56 21.20 -32.68
C LYS B 86 -67.31 20.47 -32.21
N THR B 87 -67.29 19.16 -32.37
CA THR B 87 -66.11 18.39 -31.98
C THR B 87 -65.03 18.60 -33.03
N LEU B 88 -65.43 18.57 -34.29
CA LEU B 88 -64.57 18.90 -35.40
C LEU B 88 -64.17 20.35 -35.48
N ALA B 89 -65.06 21.25 -35.15
CA ALA B 89 -64.83 22.68 -35.31
C ALA B 89 -63.76 23.15 -34.38
N GLN B 90 -63.42 22.29 -33.46
CA GLN B 90 -62.50 22.56 -32.39
C GLN B 90 -61.16 22.86 -32.96
N PHE B 91 -60.79 22.14 -33.99
CA PHE B 91 -59.55 22.40 -34.67
C PHE B 91 -59.85 22.77 -36.09
N PRO B 92 -59.76 24.03 -36.44
CA PRO B 92 -60.24 24.41 -37.76
C PRO B 92 -59.22 24.46 -38.85
N GLU B 93 -57.99 24.13 -38.56
CA GLU B 93 -56.99 24.15 -39.60
C GLU B 93 -56.93 22.83 -40.32
N THR B 94 -57.57 21.84 -39.73
CA THR B 94 -57.55 20.46 -40.17
C THR B 94 -58.47 20.22 -41.32
N LEU B 95 -58.34 19.09 -41.98
CA LEU B 95 -59.25 18.78 -43.09
C LEU B 95 -60.69 18.70 -42.62
N LEU B 96 -60.95 17.90 -41.60
CA LEU B 96 -62.30 17.73 -41.11
C LEU B 96 -62.89 18.95 -40.45
N GLY B 97 -62.02 19.77 -39.86
CA GLY B 97 -62.46 20.97 -39.18
C GLY B 97 -62.72 22.16 -40.07
N ASP B 98 -62.34 22.05 -41.33
CA ASP B 98 -62.53 23.13 -42.29
C ASP B 98 -63.55 22.75 -43.36
N PRO B 99 -64.72 23.40 -43.35
CA PRO B 99 -65.82 23.16 -44.28
C PRO B 99 -65.37 23.13 -45.72
N LYS B 100 -64.51 24.05 -46.07
CA LYS B 100 -64.02 24.14 -47.43
C LYS B 100 -63.14 22.94 -47.81
N LYS B 101 -62.34 22.44 -46.88
CA LYS B 101 -61.49 21.31 -47.18
C LYS B 101 -62.23 19.97 -47.22
N ARG B 102 -63.21 19.79 -46.36
CA ARG B 102 -63.93 18.53 -46.36
C ARG B 102 -65.09 18.49 -47.37
N MET B 103 -65.49 19.64 -47.89
CA MET B 103 -66.59 19.75 -48.84
C MET B 103 -66.47 18.74 -49.97
N ARG B 104 -65.23 18.56 -50.42
CA ARG B 104 -64.89 17.66 -51.48
C ARG B 104 -65.29 16.22 -51.21
N TYR B 105 -65.31 15.84 -49.95
CA TYR B 105 -65.63 14.49 -49.62
C TYR B 105 -67.09 14.21 -49.26
N PHE B 106 -67.95 15.23 -49.30
CA PHE B 106 -69.35 15.08 -48.95
C PHE B 106 -70.24 14.38 -49.96
N ASP B 107 -71.00 13.40 -49.49
CA ASP B 107 -71.96 12.63 -50.33
C ASP B 107 -73.38 13.13 -49.96
N PRO B 108 -73.95 14.01 -50.78
CA PRO B 108 -75.28 14.53 -50.47
C PRO B 108 -76.39 13.50 -50.52
N LEU B 109 -76.14 12.39 -51.17
CA LEU B 109 -77.20 11.39 -51.23
C LEU B 109 -77.35 10.70 -49.88
N ARG B 110 -76.24 10.55 -49.15
CA ARG B 110 -76.25 9.86 -47.86
C ARG B 110 -75.96 10.74 -46.67
N ASN B 111 -75.73 12.03 -46.90
CA ASN B 111 -75.43 12.94 -45.80
C ASN B 111 -74.25 12.42 -44.95
N GLU B 112 -73.13 12.20 -45.60
CA GLU B 112 -71.89 11.75 -44.97
C GLU B 112 -70.66 12.17 -45.77
N TYR B 113 -69.51 12.29 -45.12
CA TYR B 113 -68.26 12.56 -45.83
C TYR B 113 -67.64 11.19 -46.04
N PHE B 114 -67.26 10.84 -47.25
CA PHE B 114 -66.65 9.54 -47.51
C PHE B 114 -65.13 9.59 -47.80
N PHE B 115 -64.35 8.76 -47.11
CA PHE B 115 -62.90 8.67 -47.34
C PHE B 115 -62.55 7.23 -47.68
N ASP B 116 -61.93 7.05 -48.82
CA ASP B 116 -61.53 5.74 -49.28
C ASP B 116 -60.15 5.46 -48.76
N ARG B 117 -60.05 5.30 -47.46
CA ARG B 117 -58.80 5.33 -46.73
C ARG B 117 -58.73 4.27 -45.67
N ASN B 118 -57.55 4.06 -45.15
CA ASN B 118 -57.27 3.06 -44.14
C ASN B 118 -58.23 3.25 -43.02
N ARG B 119 -58.86 2.15 -42.60
CA ARG B 119 -59.82 2.07 -41.53
C ARG B 119 -59.36 2.12 -40.09
N PRO B 120 -58.28 1.31 -39.82
CA PRO B 120 -57.90 1.24 -38.40
C PRO B 120 -57.44 2.55 -37.80
N SER B 121 -56.76 3.33 -38.59
CA SER B 121 -56.21 4.56 -38.13
C SER B 121 -57.20 5.56 -37.63
N PHE B 122 -58.44 5.51 -38.10
CA PHE B 122 -59.37 6.62 -37.87
C PHE B 122 -59.73 6.98 -36.41
N ASP B 123 -59.91 6.00 -35.52
CA ASP B 123 -60.44 6.28 -34.20
C ASP B 123 -59.48 7.21 -33.56
N ALA B 124 -58.22 6.90 -33.76
CA ALA B 124 -57.20 7.73 -33.19
C ALA B 124 -57.38 9.07 -33.76
N ILE B 125 -57.69 9.13 -35.03
CA ILE B 125 -57.84 10.46 -35.59
C ILE B 125 -59.08 11.14 -34.99
N LEU B 126 -60.19 10.45 -34.89
CA LEU B 126 -61.35 11.05 -34.28
C LEU B 126 -61.17 11.32 -32.83
N TYR B 127 -60.52 10.41 -32.12
CA TYR B 127 -60.34 10.58 -30.69
C TYR B 127 -59.49 11.79 -30.41
N TYR B 128 -58.67 12.14 -31.36
CA TYR B 128 -57.84 13.30 -31.23
C TYR B 128 -58.72 14.51 -31.09
N TYR B 129 -59.83 14.56 -31.78
CA TYR B 129 -60.77 15.67 -31.63
C TYR B 129 -61.59 15.54 -30.36
N GLN B 130 -62.05 14.33 -30.06
CA GLN B 130 -62.87 14.15 -28.90
C GLN B 130 -62.09 14.38 -27.62
N SER B 131 -60.83 13.95 -27.61
CA SER B 131 -59.96 14.07 -26.44
C SER B 131 -59.43 15.46 -26.27
N GLY B 132 -59.46 16.24 -27.34
CA GLY B 132 -58.98 17.59 -27.30
C GLY B 132 -57.51 17.70 -27.61
N GLY B 133 -56.92 16.68 -28.22
CA GLY B 133 -55.52 16.75 -28.52
C GLY B 133 -54.74 15.46 -28.44
N ARG B 134 -55.28 14.44 -27.80
CA ARG B 134 -54.59 13.16 -27.71
C ARG B 134 -54.47 12.41 -29.02
N LEU B 135 -53.26 12.26 -29.52
CA LEU B 135 -53.03 11.54 -30.75
C LEU B 135 -52.17 10.32 -30.42
N ARG B 136 -52.81 9.19 -30.19
CA ARG B 136 -52.10 7.96 -29.88
C ARG B 136 -52.28 7.07 -31.08
N ARG B 137 -51.21 6.45 -31.52
CA ARG B 137 -51.28 5.53 -32.63
C ARG B 137 -51.84 4.21 -32.12
N PRO B 138 -52.76 3.61 -32.86
CA PRO B 138 -53.30 2.35 -32.39
C PRO B 138 -52.18 1.28 -32.41
N VAL B 139 -52.25 0.35 -31.50
CA VAL B 139 -51.23 -0.66 -31.40
C VAL B 139 -51.17 -1.48 -32.64
N ASN B 140 -52.28 -1.59 -33.34
CA ASN B 140 -52.32 -2.45 -34.49
C ASN B 140 -51.92 -1.78 -35.77
N VAL B 141 -51.56 -0.50 -35.71
CA VAL B 141 -51.30 0.24 -36.94
C VAL B 141 -49.85 0.61 -37.07
N PRO B 142 -49.24 0.24 -38.18
CA PRO B 142 -47.86 0.60 -38.47
C PRO B 142 -47.66 2.11 -38.44
N LEU B 143 -46.54 2.51 -37.86
CA LEU B 143 -46.16 3.89 -37.70
C LEU B 143 -46.09 4.66 -39.03
N ASP B 144 -45.71 3.98 -40.10
CA ASP B 144 -45.64 4.67 -41.38
C ASP B 144 -47.03 4.92 -41.99
N ILE B 145 -47.94 3.99 -41.82
CA ILE B 145 -49.30 4.18 -42.31
C ILE B 145 -50.00 5.23 -41.46
N PHE B 146 -49.83 5.19 -40.15
CA PHE B 146 -50.49 6.14 -39.31
C PHE B 146 -50.02 7.54 -39.58
N SER B 147 -48.72 7.73 -39.66
CA SER B 147 -48.19 9.05 -39.90
C SER B 147 -48.70 9.60 -41.22
N GLU B 148 -48.90 8.75 -42.20
CA GLU B 148 -49.50 9.20 -43.43
C GLU B 148 -50.91 9.66 -43.24
N GLU B 149 -51.64 8.95 -42.43
CA GLU B 149 -52.99 9.31 -42.18
C GLU B 149 -53.04 10.64 -41.49
N ILE B 150 -52.12 10.85 -40.57
CA ILE B 150 -52.04 12.11 -39.88
C ILE B 150 -51.77 13.23 -40.83
N ARG B 151 -50.90 12.97 -41.78
CA ARG B 151 -50.55 13.95 -42.77
C ARG B 151 -51.75 14.27 -43.58
N PHE B 152 -52.52 13.24 -43.88
CA PHE B 152 -53.67 13.40 -44.71
C PHE B 152 -54.72 14.27 -44.14
N TYR B 153 -54.96 14.13 -42.86
CA TYR B 153 -56.11 14.74 -42.26
C TYR B 153 -55.70 16.10 -41.83
N GLU B 154 -54.46 16.40 -42.11
CA GLU B 154 -53.88 17.71 -41.85
C GLU B 154 -53.94 18.11 -40.41
N LEU B 155 -53.54 17.24 -39.51
CA LEU B 155 -53.59 17.57 -38.11
C LEU B 155 -52.59 18.62 -37.70
N GLY B 156 -51.65 18.96 -38.59
CA GLY B 156 -50.67 19.98 -38.30
C GLY B 156 -49.31 19.54 -37.76
N GLU B 157 -48.30 20.39 -37.91
CA GLU B 157 -46.95 20.04 -37.45
C GLU B 157 -46.78 19.87 -35.95
N GLU B 158 -47.59 20.53 -35.16
CA GLU B 158 -47.47 20.38 -33.72
C GLU B 158 -47.85 18.98 -33.28
N ALA B 159 -49.04 18.55 -33.70
CA ALA B 159 -49.51 17.22 -33.35
C ALA B 159 -48.55 16.19 -33.85
N MET B 160 -48.03 16.40 -35.04
CA MET B 160 -47.09 15.47 -35.62
C MET B 160 -45.83 15.34 -34.77
N GLU B 161 -45.28 16.46 -34.34
CA GLU B 161 -44.09 16.40 -33.54
C GLU B 161 -44.32 15.72 -32.24
N MET B 162 -45.40 16.06 -31.56
CA MET B 162 -45.65 15.48 -30.26
C MET B 162 -45.78 14.01 -30.48
N PHE B 163 -46.44 13.65 -31.56
CA PHE B 163 -46.67 12.27 -31.83
C PHE B 163 -45.34 11.57 -31.99
N ARG B 164 -44.45 12.14 -32.77
CA ARG B 164 -43.20 11.47 -32.96
C ARG B 164 -42.52 11.35 -31.64
N GLU B 165 -42.52 12.42 -30.88
CA GLU B 165 -41.70 12.45 -29.70
C GLU B 165 -42.15 11.35 -28.82
N ASP B 166 -43.44 11.29 -28.63
CA ASP B 166 -44.03 10.26 -27.81
C ASP B 166 -43.76 8.89 -28.42
N GLU B 167 -43.51 8.89 -29.71
CA GLU B 167 -43.24 7.65 -30.39
C GLU B 167 -41.78 7.31 -30.31
N GLY B 168 -41.02 8.14 -29.62
CA GLY B 168 -39.62 7.85 -29.46
C GLY B 168 -38.70 8.40 -30.51
N TYR B 169 -39.19 9.29 -31.36
CA TYR B 169 -38.29 9.92 -32.30
C TYR B 169 -37.91 11.31 -31.88
N ILE B 170 -36.60 11.59 -31.63
CA ILE B 170 -36.06 12.86 -31.20
C ILE B 170 -35.63 13.67 -32.41
N LYS B 171 -36.05 14.94 -32.52
CA LYS B 171 -35.68 15.78 -33.63
C LYS B 171 -34.20 15.91 -33.52
N GLU B 172 -33.50 15.81 -34.64
CA GLU B 172 -32.06 16.06 -34.70
C GLU B 172 -31.80 17.55 -34.95
N GLU B 173 -32.89 18.30 -35.09
CA GLU B 173 -32.82 19.73 -35.40
C GLU B 173 -32.12 19.97 -36.74
N GLU B 174 -31.13 20.87 -36.74
CA GLU B 174 -30.27 21.06 -37.92
C GLU B 174 -28.82 21.27 -37.51
N ARG B 175 -27.90 21.05 -38.43
CA ARG B 175 -26.48 21.20 -38.17
C ARG B 175 -25.99 22.60 -38.58
N PRO B 176 -25.21 23.26 -37.64
CA PRO B 176 -24.79 24.61 -38.05
C PRO B 176 -23.87 24.59 -39.27
N LEU B 177 -23.99 25.60 -40.13
CA LEU B 177 -23.21 25.68 -41.35
C LEU B 177 -22.24 26.85 -41.35
N PRO B 178 -21.06 26.62 -41.91
CA PRO B 178 -20.00 27.64 -41.99
C PRO B 178 -20.38 28.90 -42.78
N GLU B 179 -21.09 28.74 -43.89
CA GLU B 179 -21.39 29.87 -44.76
C GLU B 179 -20.15 30.23 -45.54
N ASN B 180 -19.08 30.55 -44.81
CA ASN B 180 -17.86 30.98 -45.45
C ASN B 180 -17.43 29.84 -46.32
N GLU B 181 -16.99 30.13 -47.52
CA GLU B 181 -16.70 29.06 -48.44
C GLU B 181 -15.56 28.24 -47.94
N PHE B 182 -14.56 28.88 -47.38
CA PHE B 182 -13.41 28.12 -46.94
C PHE B 182 -13.72 27.15 -45.81
N GLN B 183 -14.40 27.62 -44.77
CA GLN B 183 -14.59 26.74 -43.64
C GLN B 183 -15.37 25.55 -44.11
N ARG B 184 -16.44 25.82 -44.81
CA ARG B 184 -17.25 24.71 -45.34
C ARG B 184 -16.35 23.76 -46.11
N GLN B 185 -15.50 24.32 -46.98
CA GLN B 185 -14.58 23.53 -47.79
C GLN B 185 -13.77 22.59 -46.91
N VAL B 186 -13.22 23.15 -45.83
CA VAL B 186 -12.39 22.41 -44.87
C VAL B 186 -13.17 21.51 -43.90
N TRP B 187 -14.06 22.10 -43.13
CA TRP B 187 -14.94 21.38 -42.23
C TRP B 187 -15.57 20.11 -42.83
N LEU B 188 -15.77 20.11 -44.05
CA LEU B 188 -16.37 18.94 -44.68
C LEU B 188 -15.47 17.74 -44.78
N LEU B 189 -14.17 17.94 -44.85
CA LEU B 189 -13.27 16.80 -44.94
C LEU B 189 -12.58 16.48 -43.61
N PHE B 190 -13.05 17.11 -42.55
CA PHE B 190 -12.53 16.89 -41.22
C PHE B 190 -13.58 16.33 -40.28
N GLU B 191 -14.80 16.21 -40.77
CA GLU B 191 -15.90 15.72 -39.96
C GLU B 191 -16.87 14.89 -40.77
N TYR B 192 -16.78 15.04 -42.07
CA TYR B 192 -17.43 14.12 -42.95
C TYR B 192 -16.49 13.43 -43.88
N PRO B 193 -16.22 12.12 -43.55
CA PRO B 193 -15.46 11.36 -44.53
C PRO B 193 -16.26 11.19 -45.78
N GLU B 194 -17.55 11.38 -45.62
CA GLU B 194 -18.53 11.29 -46.67
C GLU B 194 -18.29 12.35 -47.71
N SER B 195 -17.86 13.52 -47.27
CA SER B 195 -17.89 14.72 -48.11
C SER B 195 -17.03 14.59 -49.35
N SER B 196 -15.85 14.02 -49.18
CA SER B 196 -14.93 13.84 -50.30
C SER B 196 -14.22 12.50 -50.20
N GLY B 197 -13.75 11.98 -51.33
CA GLY B 197 -12.94 10.79 -51.32
C GLY B 197 -11.73 11.15 -50.51
N PRO B 198 -11.24 12.36 -50.65
CA PRO B 198 -10.16 12.85 -49.82
C PRO B 198 -10.55 12.93 -48.37
N ALA B 199 -11.77 13.34 -48.09
CA ALA B 199 -12.21 13.42 -46.72
C ALA B 199 -12.06 12.06 -46.10
N ARG B 200 -12.39 11.03 -46.86
CA ARG B 200 -12.24 9.66 -46.39
C ARG B 200 -10.80 9.31 -46.16
N ILE B 201 -9.92 9.77 -47.03
CA ILE B 201 -8.53 9.42 -46.91
C ILE B 201 -8.04 9.93 -45.59
N ILE B 202 -8.44 11.12 -45.22
CA ILE B 202 -7.97 11.69 -43.99
C ILE B 202 -8.38 10.77 -42.89
N ALA B 203 -9.58 10.22 -42.99
CA ALA B 203 -10.10 9.44 -41.92
C ALA B 203 -9.18 8.28 -41.68
N ILE B 204 -8.72 7.65 -42.74
CA ILE B 204 -7.89 6.48 -42.58
C ILE B 204 -6.64 6.88 -41.85
N VAL B 205 -6.10 8.00 -42.24
CA VAL B 205 -4.87 8.43 -41.67
C VAL B 205 -5.08 8.69 -40.21
N SER B 206 -6.21 9.23 -39.87
CA SER B 206 -6.48 9.49 -38.46
C SER B 206 -6.56 8.19 -37.67
N VAL B 207 -7.18 7.18 -38.23
CA VAL B 207 -7.28 5.91 -37.56
C VAL B 207 -5.89 5.27 -37.45
N MET B 208 -5.11 5.35 -38.51
CA MET B 208 -3.77 4.80 -38.51
C MET B 208 -2.90 5.43 -37.45
N VAL B 209 -3.00 6.74 -37.34
CA VAL B 209 -2.21 7.46 -36.37
C VAL B 209 -2.60 7.12 -34.96
N ILE B 210 -3.90 6.95 -34.75
CA ILE B 210 -4.37 6.61 -33.44
C ILE B 210 -3.84 5.23 -33.06
N LEU B 211 -4.02 4.26 -33.96
CA LEU B 211 -3.56 2.91 -33.72
C LEU B 211 -2.07 2.87 -33.49
N ILE B 212 -1.33 3.68 -34.21
CA ILE B 212 0.11 3.72 -34.04
C ILE B 212 0.48 4.32 -32.69
N SER B 213 -0.26 5.33 -32.28
CA SER B 213 0.05 5.95 -31.01
C SER B 213 -0.21 5.00 -29.87
N ILE B 214 -1.09 4.05 -30.08
CA ILE B 214 -1.41 3.11 -29.03
C ILE B 214 -0.32 2.05 -28.96
N VAL B 215 0.01 1.48 -30.11
CA VAL B 215 1.04 0.46 -30.18
C VAL B 215 2.33 1.00 -29.60
N SER B 216 2.66 2.22 -29.95
CA SER B 216 3.89 2.83 -29.47
C SER B 216 3.90 3.04 -27.95
N PHE B 217 2.82 3.58 -27.43
CA PHE B 217 2.66 3.81 -26.01
C PHE B 217 2.86 2.47 -25.25
N CYS B 218 2.34 1.39 -25.81
CA CYS B 218 2.45 0.09 -25.18
C CYS B 218 3.88 -0.45 -25.21
N LEU B 219 4.49 -0.45 -26.39
CA LEU B 219 5.85 -0.92 -26.54
C LEU B 219 6.82 -0.20 -25.63
N GLU B 220 6.48 1.00 -25.17
CA GLU B 220 7.36 1.75 -24.28
C GLU B 220 7.57 1.03 -22.96
N THR B 221 6.71 0.07 -22.67
CA THR B 221 6.79 -0.66 -21.41
C THR B 221 7.44 -2.03 -21.49
N LEU B 222 7.74 -2.47 -22.70
CA LEU B 222 8.39 -3.73 -22.94
C LEU B 222 9.81 -3.71 -22.36
N PRO B 223 10.17 -4.71 -21.55
CA PRO B 223 11.51 -4.78 -20.94
C PRO B 223 12.65 -4.73 -21.97
N ILE B 224 12.46 -5.33 -23.12
CA ILE B 224 13.49 -5.29 -24.16
C ILE B 224 13.94 -3.87 -24.41
N PHE B 225 13.04 -2.93 -24.19
CA PHE B 225 13.32 -1.52 -24.42
C PHE B 225 13.58 -0.64 -23.21
N ARG B 226 12.71 -0.69 -22.22
CA ARG B 226 12.90 0.14 -21.05
C ARG B 226 14.07 -0.32 -20.23
N ASP B 227 14.35 -1.59 -20.35
CA ASP B 227 15.28 -2.20 -19.44
C ASP B 227 16.70 -2.07 -19.90
N GLU B 228 16.89 -1.50 -21.07
CA GLU B 228 18.23 -1.18 -21.51
C GLU B 228 18.45 0.28 -21.25
N ASN B 229 19.19 0.58 -20.20
CA ASN B 229 19.49 1.93 -19.81
C ASN B 229 20.73 1.99 -18.96
N GLU B 230 21.18 3.19 -18.68
CA GLU B 230 22.42 3.42 -18.00
C GLU B 230 22.44 2.89 -16.59
N ASP B 231 21.30 2.54 -16.02
CA ASP B 231 21.35 1.91 -14.71
C ASP B 231 20.42 0.74 -14.67
N MET B 232 20.52 -0.10 -15.68
CA MET B 232 19.71 -1.27 -15.82
C MET B 232 20.14 -2.39 -14.87
N HIS B 233 21.35 -2.29 -14.33
CA HIS B 233 21.87 -3.29 -13.41
C HIS B 233 22.03 -2.78 -11.98
N GLY B 234 21.21 -1.82 -11.60
CA GLY B 234 21.15 -1.33 -10.25
C GLY B 234 22.19 -0.33 -9.89
N GLY B 235 23.00 0.05 -10.86
CA GLY B 235 24.16 0.86 -10.60
C GLY B 235 24.04 2.25 -10.04
N GLY B 236 23.07 3.01 -10.50
CA GLY B 236 22.92 4.37 -10.04
C GLY B 236 21.60 4.87 -10.53
N VAL B 237 21.23 6.08 -10.15
CA VAL B 237 20.25 6.80 -10.93
C VAL B 237 20.85 8.03 -11.58
N THR B 238 20.60 8.08 -12.88
CA THR B 238 20.88 9.21 -13.71
C THR B 238 19.60 9.98 -14.01
N PHE B 239 19.65 11.30 -13.96
CA PHE B 239 18.45 12.12 -14.10
C PHE B 239 17.81 11.87 -15.43
N HIS B 240 18.60 11.71 -16.47
CA HIS B 240 18.06 11.36 -17.75
C HIS B 240 17.39 10.01 -17.70
N THR B 241 18.01 9.04 -17.04
CA THR B 241 17.47 7.70 -16.95
C THR B 241 16.19 7.67 -16.14
N TYR B 242 16.22 8.40 -15.04
CA TYR B 242 15.10 8.55 -14.12
C TYR B 242 13.92 9.22 -14.72
N SER B 243 14.13 10.31 -15.43
CA SER B 243 13.02 10.96 -16.10
C SER B 243 12.48 10.11 -17.22
N GLN B 244 13.36 9.51 -17.98
CA GLN B 244 12.91 8.76 -19.12
C GLN B 244 12.05 7.65 -18.63
N SER B 245 12.45 7.03 -17.55
CA SER B 245 11.74 5.87 -17.09
C SER B 245 10.34 6.20 -16.73
N THR B 246 10.18 7.30 -16.03
CA THR B 246 8.89 7.77 -15.61
C THR B 246 8.00 8.20 -16.75
N ILE B 247 8.56 8.99 -17.63
CA ILE B 247 7.84 9.55 -18.77
C ILE B 247 7.46 8.57 -19.85
N GLY B 248 8.37 7.68 -20.15
CA GLY B 248 8.21 6.65 -21.15
C GLY B 248 9.13 6.87 -22.34
N TYR B 249 9.63 8.08 -22.49
CA TYR B 249 10.51 8.39 -23.58
C TYR B 249 11.50 9.49 -23.19
N GLN B 250 12.51 9.69 -24.01
CA GLN B 250 13.50 10.71 -23.75
C GLN B 250 13.11 12.00 -24.48
N GLN B 251 12.81 13.05 -23.74
CA GLN B 251 12.45 14.35 -24.32
C GLN B 251 13.72 15.12 -24.62
N SER B 252 14.08 15.16 -25.91
CA SER B 252 15.26 15.86 -26.36
C SER B 252 14.95 16.56 -27.65
N THR B 253 15.60 17.69 -27.88
CA THR B 253 15.60 18.32 -29.18
C THR B 253 16.29 17.40 -30.15
N SER B 254 17.25 16.66 -29.64
CA SER B 254 18.08 15.85 -30.48
C SER B 254 17.18 14.89 -31.21
N PHE B 255 16.08 14.51 -30.57
CA PHE B 255 15.22 13.51 -31.17
C PHE B 255 15.95 12.23 -31.46
N THR B 256 16.65 11.73 -30.45
CA THR B 256 17.41 10.50 -30.55
C THR B 256 16.50 9.32 -30.29
N ASP B 257 15.61 9.47 -29.34
CA ASP B 257 14.76 8.37 -28.91
C ASP B 257 13.63 8.14 -29.88
N PRO B 258 13.53 6.86 -30.40
CA PRO B 258 12.47 6.68 -31.38
C PRO B 258 11.09 6.93 -30.82
N PHE B 259 10.89 6.56 -29.58
CA PHE B 259 9.60 6.70 -28.97
C PHE B 259 9.20 8.14 -28.90
N PHE B 260 10.13 9.02 -28.60
CA PHE B 260 9.79 10.41 -28.55
C PHE B 260 9.46 10.91 -29.94
N ILE B 261 10.09 10.31 -30.94
CA ILE B 261 9.80 10.71 -32.30
C ILE B 261 8.36 10.34 -32.64
N VAL B 262 8.00 9.09 -32.47
CA VAL B 262 6.69 8.67 -32.87
C VAL B 262 5.67 9.43 -32.10
N GLU B 263 5.89 9.63 -30.82
CA GLU B 263 4.91 10.31 -30.01
C GLU B 263 4.73 11.72 -30.48
N THR B 264 5.82 12.40 -30.79
CA THR B 264 5.71 13.75 -31.24
C THR B 264 4.99 13.76 -32.58
N LEU B 265 5.37 12.88 -33.48
CA LEU B 265 4.68 12.87 -34.75
C LEU B 265 3.18 12.73 -34.53
N CYS B 266 2.79 11.70 -33.79
CA CYS B 266 1.40 11.43 -33.49
C CYS B 266 0.72 12.61 -32.85
N ILE B 267 1.37 13.24 -31.90
CA ILE B 267 0.78 14.39 -31.24
C ILE B 267 0.75 15.61 -32.16
N ILE B 268 1.62 15.64 -33.16
CA ILE B 268 1.61 16.75 -34.11
C ILE B 268 0.29 16.65 -34.87
N TRP B 269 -0.01 15.46 -35.33
CA TRP B 269 -1.23 15.27 -36.07
C TRP B 269 -2.41 15.55 -35.20
N PHE B 270 -2.39 15.04 -33.99
CA PHE B 270 -3.54 15.12 -33.13
C PHE B 270 -3.80 16.57 -32.87
N SER B 271 -2.72 17.31 -32.66
CA SER B 271 -2.76 18.74 -32.44
C SER B 271 -3.33 19.43 -33.67
N PHE B 272 -2.93 18.92 -34.81
CA PHE B 272 -3.37 19.44 -36.06
C PHE B 272 -4.87 19.27 -36.24
N GLU B 273 -5.40 18.10 -35.93
CA GLU B 273 -6.82 17.87 -36.11
C GLU B 273 -7.57 18.80 -35.24
N PHE B 274 -7.11 18.93 -34.02
CA PHE B 274 -7.86 19.68 -33.05
C PHE B 274 -7.95 21.11 -33.47
N LEU B 275 -6.84 21.64 -33.92
CA LEU B 275 -6.76 23.02 -34.37
C LEU B 275 -7.63 23.24 -35.59
N VAL B 276 -7.43 22.42 -36.60
CA VAL B 276 -8.22 22.53 -37.81
C VAL B 276 -9.71 22.48 -37.52
N ARG B 277 -10.14 21.69 -36.54
CA ARG B 277 -11.55 21.60 -36.22
C ARG B 277 -12.04 22.81 -35.47
N PHE B 278 -11.18 23.39 -34.65
CA PHE B 278 -11.57 24.54 -33.86
C PHE B 278 -11.72 25.81 -34.68
N PHE B 279 -11.07 25.86 -35.81
CA PHE B 279 -11.14 27.04 -36.65
C PHE B 279 -12.02 26.87 -37.87
N ALA B 280 -12.45 25.65 -38.15
CA ALA B 280 -13.29 25.39 -39.31
C ALA B 280 -14.70 25.00 -38.90
N CYS B 281 -14.98 25.06 -37.61
CA CYS B 281 -16.29 24.69 -37.12
C CYS B 281 -17.21 25.88 -37.15
N PRO B 282 -18.48 25.67 -37.48
CA PRO B 282 -19.47 26.74 -37.55
C PRO B 282 -19.61 27.49 -36.23
N SER B 283 -19.69 26.76 -35.13
CA SER B 283 -19.83 27.39 -33.83
C SER B 283 -18.65 27.09 -32.90
N LYS B 284 -18.18 28.10 -32.20
CA LYS B 284 -17.07 27.93 -31.27
C LYS B 284 -17.65 27.96 -29.87
N ALA B 285 -18.98 27.90 -29.79
CA ALA B 285 -19.64 27.93 -28.50
C ALA B 285 -20.10 26.55 -28.08
N GLY B 286 -20.47 25.74 -29.06
CA GLY B 286 -20.90 24.40 -28.76
C GLY B 286 -19.76 23.45 -29.05
N PHE B 287 -18.53 23.94 -28.86
CA PHE B 287 -17.32 23.15 -29.15
C PHE B 287 -16.84 22.28 -28.03
N PHE B 288 -16.69 22.82 -26.83
CA PHE B 288 -16.37 22.01 -25.68
C PHE B 288 -17.55 21.30 -25.07
N THR B 289 -18.76 21.61 -25.49
CA THR B 289 -19.89 20.77 -25.15
C THR B 289 -19.76 19.38 -25.77
N ASN B 290 -19.29 19.30 -27.00
CA ASN B 290 -19.19 18.01 -27.67
C ASN B 290 -18.14 17.13 -27.05
N ILE B 291 -18.50 15.91 -26.75
CA ILE B 291 -17.61 14.97 -26.11
C ILE B 291 -16.44 14.58 -27.02
N MET B 292 -16.68 14.57 -28.32
CA MET B 292 -15.64 14.26 -29.29
C MET B 292 -14.49 15.26 -29.25
N ASN B 293 -14.81 16.53 -29.07
CA ASN B 293 -13.77 17.53 -29.01
C ASN B 293 -13.02 17.38 -27.71
N ILE B 294 -13.74 17.10 -26.64
CA ILE B 294 -13.11 16.91 -25.35
C ILE B 294 -12.04 15.82 -25.49
N ILE B 295 -12.43 14.73 -26.12
CA ILE B 295 -11.53 13.62 -26.34
C ILE B 295 -10.31 14.08 -27.11
N ASP B 296 -10.54 14.84 -28.17
CA ASP B 296 -9.47 15.36 -29.01
C ASP B 296 -8.45 16.16 -28.20
N ILE B 297 -8.93 16.86 -27.20
CA ILE B 297 -8.06 17.67 -26.38
C ILE B 297 -7.29 16.80 -25.40
N VAL B 298 -8.05 15.97 -24.70
CA VAL B 298 -7.46 15.07 -23.73
C VAL B 298 -6.36 14.25 -24.37
N ALA B 299 -6.48 14.02 -25.66
CA ALA B 299 -5.49 13.23 -26.36
C ALA B 299 -4.15 13.92 -26.52
N ILE B 300 -4.08 15.22 -26.28
CA ILE B 300 -2.81 15.91 -26.43
C ILE B 300 -2.35 16.58 -25.15
N ILE B 301 -3.25 16.80 -24.24
CA ILE B 301 -2.90 17.40 -22.98
C ILE B 301 -1.69 16.77 -22.27
N PRO B 302 -1.61 15.44 -22.20
CA PRO B 302 -0.45 14.82 -21.53
C PRO B 302 0.91 15.26 -22.05
N TYR B 303 1.09 15.21 -23.36
CA TYR B 303 2.34 15.58 -23.99
C TYR B 303 2.83 16.97 -23.60
N TYR B 304 2.01 17.98 -23.87
CA TYR B 304 2.37 19.34 -23.55
C TYR B 304 2.56 19.57 -22.07
N VAL B 305 1.75 18.93 -21.24
CA VAL B 305 1.89 19.08 -19.81
C VAL B 305 3.19 18.45 -19.30
N THR B 306 3.61 17.38 -19.96
CA THR B 306 4.84 16.72 -19.54
C THR B 306 6.01 17.62 -19.85
N ILE B 307 5.99 18.21 -21.02
CA ILE B 307 7.04 19.13 -21.40
C ILE B 307 7.14 20.25 -20.36
N PHE B 308 6.02 20.90 -20.13
CA PHE B 308 5.94 21.96 -19.18
C PHE B 308 6.49 21.55 -17.82
N LEU B 309 6.08 20.39 -17.34
CA LEU B 309 6.51 19.91 -16.05
C LEU B 309 7.98 19.59 -15.94
N THR B 310 8.54 18.99 -16.98
CA THR B 310 9.95 18.64 -16.96
C THR B 310 10.87 19.86 -17.07
N GLU B 311 10.49 20.78 -17.94
CA GLU B 311 11.27 21.99 -18.11
C GLU B 311 11.13 22.93 -16.92
N SER B 312 10.09 22.78 -16.13
CA SER B 312 9.90 23.61 -14.95
C SER B 312 10.52 22.96 -13.72
N ASN B 313 11.06 21.76 -13.88
CA ASN B 313 11.69 21.04 -12.78
C ASN B 313 12.84 20.27 -13.37
N LYS B 314 13.79 21.00 -13.95
CA LYS B 314 14.92 20.37 -14.59
C LYS B 314 16.06 19.92 -13.65
N SER B 315 15.70 19.44 -12.48
CA SER B 315 16.64 19.04 -11.46
C SER B 315 16.24 17.69 -10.90
N VAL B 316 17.15 16.86 -10.44
CA VAL B 316 16.70 15.57 -9.95
C VAL B 316 15.77 15.64 -8.77
N LEU B 317 16.05 16.50 -7.82
CA LEU B 317 15.16 16.70 -6.69
C LEU B 317 13.86 17.33 -7.07
N GLN B 318 13.90 18.27 -7.98
CA GLN B 318 12.68 18.90 -8.40
C GLN B 318 11.77 17.94 -9.10
N PHE B 319 12.30 17.19 -10.05
CA PHE B 319 11.56 16.19 -10.79
C PHE B 319 10.95 15.20 -9.82
N GLN B 320 11.78 14.68 -8.93
CA GLN B 320 11.36 13.74 -7.93
C GLN B 320 10.17 14.29 -7.16
N ASN B 321 10.03 15.59 -7.15
CA ASN B 321 8.96 16.20 -6.42
C ASN B 321 7.70 16.39 -7.24
N VAL B 322 7.75 16.05 -8.51
CA VAL B 322 6.60 16.23 -9.39
C VAL B 322 6.35 14.94 -10.17
N ARG B 323 7.14 13.94 -9.86
CA ARG B 323 7.04 12.67 -10.53
C ARG B 323 5.64 12.06 -10.52
N ARG B 324 4.91 12.22 -9.42
CA ARG B 324 3.59 11.61 -9.32
C ARG B 324 2.64 12.15 -10.39
N VAL B 325 2.69 13.44 -10.61
CA VAL B 325 1.90 14.07 -11.64
C VAL B 325 2.30 13.65 -13.02
N VAL B 326 3.58 13.52 -13.23
CA VAL B 326 4.08 13.14 -14.52
C VAL B 326 3.54 11.78 -14.80
N GLN B 327 3.54 10.95 -13.77
CA GLN B 327 3.09 9.59 -13.90
C GLN B 327 1.66 9.57 -14.26
N ILE B 328 0.91 10.48 -13.68
CA ILE B 328 -0.52 10.53 -13.92
C ILE B 328 -0.85 10.89 -15.33
N PHE B 329 -0.13 11.83 -15.87
CA PHE B 329 -0.31 12.16 -17.25
C PHE B 329 0.12 11.04 -18.13
N ARG B 330 1.08 10.27 -17.69
CA ARG B 330 1.49 9.21 -18.59
C ARG B 330 0.32 8.24 -18.76
N ILE B 331 -0.35 7.95 -17.66
CA ILE B 331 -1.48 7.06 -17.69
C ILE B 331 -2.62 7.66 -18.51
N MET B 332 -2.79 8.96 -18.40
CA MET B 332 -3.83 9.66 -19.14
C MET B 332 -3.65 9.51 -20.65
N ARG B 333 -2.44 9.27 -21.08
CA ARG B 333 -2.19 9.12 -22.50
C ARG B 333 -3.01 8.01 -23.14
N ILE B 334 -3.38 7.02 -22.36
CA ILE B 334 -4.13 5.91 -22.95
C ILE B 334 -5.54 6.30 -23.40
N LEU B 335 -6.03 7.43 -22.90
CA LEU B 335 -7.33 7.91 -23.30
C LEU B 335 -7.37 8.18 -24.80
N ARG B 336 -6.21 8.29 -25.42
CA ARG B 336 -6.19 8.50 -26.86
C ARG B 336 -6.93 7.37 -27.54
N ILE B 337 -7.20 6.30 -26.83
CA ILE B 337 -7.90 5.17 -27.43
C ILE B 337 -9.28 5.66 -27.86
N PHE B 338 -9.90 6.45 -27.02
CA PHE B 338 -11.21 6.97 -27.28
C PHE B 338 -11.33 7.89 -28.48
N LYS B 339 -10.22 8.12 -29.15
CA LYS B 339 -10.25 8.97 -30.32
C LYS B 339 -10.86 8.15 -31.45
N LEU B 340 -10.87 6.84 -31.27
CA LEU B 340 -11.43 6.00 -32.28
C LEU B 340 -12.95 6.14 -32.31
N SER B 341 -13.51 6.68 -31.24
CA SER B 341 -14.96 6.79 -31.18
C SER B 341 -15.57 7.72 -32.23
N ARG B 342 -14.72 8.51 -32.86
CA ARG B 342 -15.14 9.43 -33.88
C ARG B 342 -15.30 8.67 -35.17
N HIS B 343 -14.72 7.49 -35.22
CA HIS B 343 -14.78 6.67 -36.42
C HIS B 343 -15.49 5.35 -36.17
N SER B 344 -16.00 5.19 -34.97
CA SER B 344 -16.71 3.98 -34.66
C SER B 344 -18.10 4.32 -34.30
N LYS B 345 -19.07 3.71 -34.98
CA LYS B 345 -20.45 3.87 -34.65
C LYS B 345 -20.72 3.18 -33.36
N GLY B 346 -20.12 1.85 -33.37
CA GLY B 346 -20.29 1.04 -32.17
C GLY B 346 -19.83 1.79 -30.93
N LEU B 347 -18.65 2.39 -30.97
CA LEU B 347 -18.14 3.02 -29.77
C LEU B 347 -19.16 4.02 -29.37
N GLN B 348 -19.63 4.76 -30.35
CA GLN B 348 -20.65 5.79 -30.12
C GLN B 348 -21.93 5.20 -29.53
N ILE B 349 -22.37 4.07 -30.07
CA ILE B 349 -23.58 3.41 -29.59
C ILE B 349 -23.44 2.96 -28.14
N LEU B 350 -22.28 2.43 -27.81
CA LEU B 350 -21.96 2.06 -26.42
C LEU B 350 -21.89 3.34 -25.61
N GLY B 351 -21.42 4.41 -26.27
CA GLY B 351 -21.31 5.69 -25.62
C GLY B 351 -22.67 6.14 -25.14
N GLN B 352 -23.60 6.24 -26.07
CA GLN B 352 -24.95 6.68 -25.73
C GLN B 352 -25.59 5.70 -24.73
N THR B 353 -25.30 4.41 -24.90
CA THR B 353 -25.86 3.38 -24.06
C THR B 353 -25.54 3.53 -22.59
N LEU B 354 -24.32 3.94 -22.29
CA LEU B 354 -23.96 4.20 -20.92
C LEU B 354 -24.66 5.40 -20.35
N LYS B 355 -24.68 6.47 -21.12
CA LYS B 355 -25.13 7.72 -20.60
C LYS B 355 -26.54 7.53 -20.18
N ALA B 356 -27.28 6.78 -20.96
CA ALA B 356 -28.65 6.51 -20.64
C ALA B 356 -28.79 5.75 -19.35
N SER B 357 -27.91 4.79 -19.14
CA SER B 357 -28.11 3.81 -18.10
C SER B 357 -27.58 4.24 -16.76
N MET B 358 -27.05 5.42 -16.72
CA MET B 358 -26.27 5.83 -15.59
C MET B 358 -26.95 5.46 -14.32
N ARG B 359 -28.24 5.64 -14.24
CA ARG B 359 -28.91 5.41 -12.98
C ARG B 359 -28.80 3.96 -12.56
N GLU B 360 -29.10 3.02 -13.46
CA GLU B 360 -28.89 1.64 -13.14
C GLU B 360 -27.43 1.32 -12.94
N LEU B 361 -26.62 1.88 -13.80
CA LEU B 361 -25.17 1.69 -13.76
C LEU B 361 -24.70 2.19 -12.40
N GLY B 362 -25.45 3.16 -11.89
CA GLY B 362 -25.14 3.73 -10.59
C GLY B 362 -25.49 2.72 -9.53
N LEU B 363 -26.76 2.37 -9.40
CA LEU B 363 -27.17 1.41 -8.39
C LEU B 363 -26.25 0.18 -8.33
N LEU B 364 -25.90 -0.39 -9.49
CA LEU B 364 -25.02 -1.57 -9.54
C LEU B 364 -23.79 -1.34 -8.69
N ILE B 365 -23.26 -0.12 -8.78
CA ILE B 365 -22.08 0.23 -8.03
C ILE B 365 -22.45 0.28 -6.58
N PHE B 366 -23.53 0.97 -6.24
CA PHE B 366 -23.91 1.11 -4.84
C PHE B 366 -24.26 -0.21 -4.23
N PHE B 367 -25.09 -0.99 -4.90
CA PHE B 367 -25.44 -2.27 -4.33
C PHE B 367 -24.15 -3.02 -4.02
N LEU B 368 -23.29 -3.13 -5.03
CA LEU B 368 -21.99 -3.80 -4.89
C LEU B 368 -21.19 -3.33 -3.70
N PHE B 369 -21.22 -2.03 -3.48
CA PHE B 369 -20.53 -1.40 -2.37
C PHE B 369 -21.08 -1.98 -1.05
N ILE B 370 -22.41 -1.91 -0.90
CA ILE B 370 -23.07 -2.42 0.30
C ILE B 370 -22.66 -3.86 0.53
N GLY B 371 -22.67 -4.63 -0.55
CA GLY B 371 -22.32 -6.05 -0.49
C GLY B 371 -20.86 -6.36 -0.19
N VAL B 372 -19.96 -5.48 -0.61
CA VAL B 372 -18.55 -5.72 -0.34
C VAL B 372 -18.32 -5.42 1.13
N ILE B 373 -18.79 -4.29 1.60
CA ILE B 373 -18.55 -3.89 2.97
C ILE B 373 -19.14 -4.90 3.88
N LEU B 374 -20.31 -5.31 3.56
CA LEU B 374 -20.99 -6.28 4.40
C LEU B 374 -20.31 -7.65 4.44
N PHE B 375 -20.08 -8.23 3.26
CA PHE B 375 -19.43 -9.53 3.11
C PHE B 375 -17.97 -9.55 3.51
N SER B 376 -17.21 -8.58 3.03
CA SER B 376 -15.80 -8.52 3.36
C SER B 376 -15.70 -8.39 4.86
N SER B 377 -16.68 -7.74 5.47
CA SER B 377 -16.72 -7.63 6.93
C SER B 377 -16.96 -8.88 7.70
N ALA B 378 -17.90 -9.71 7.28
CA ALA B 378 -18.14 -10.97 7.99
C ALA B 378 -16.99 -11.95 7.82
N VAL B 379 -16.50 -12.08 6.59
CA VAL B 379 -15.41 -13.02 6.32
C VAL B 379 -14.19 -12.67 7.15
N TYR B 380 -13.95 -11.39 7.36
CA TYR B 380 -12.81 -10.95 8.16
C TYR B 380 -12.87 -11.54 9.56
N PHE B 381 -13.95 -11.24 10.27
CA PHE B 381 -14.13 -11.73 11.61
C PHE B 381 -14.18 -13.23 11.63
N ALA B 382 -14.80 -13.80 10.61
CA ALA B 382 -14.91 -15.25 10.56
C ALA B 382 -13.53 -15.94 10.59
N GLU B 383 -12.54 -15.26 10.02
CA GLU B 383 -11.19 -15.80 9.95
C GLU B 383 -10.22 -15.14 10.91
N ALA B 384 -10.68 -14.13 11.61
CA ALA B 384 -9.84 -13.38 12.53
C ALA B 384 -9.10 -14.18 13.62
N ASP B 385 -9.70 -15.25 14.11
CA ASP B 385 -9.01 -16.03 15.16
C ASP B 385 -8.03 -17.08 14.65
N GLU B 386 -8.00 -17.29 13.32
CA GLU B 386 -7.08 -18.25 12.72
C GLU B 386 -5.75 -17.57 12.63
N ARG B 387 -4.67 -18.34 12.81
CA ARG B 387 -3.32 -17.74 12.79
C ARG B 387 -2.83 -17.46 11.38
N ASP B 388 -3.61 -17.87 10.38
CA ASP B 388 -3.22 -17.67 9.00
C ASP B 388 -4.34 -17.01 8.20
N SER B 389 -5.06 -16.09 8.83
CA SER B 389 -6.15 -15.40 8.15
C SER B 389 -5.48 -14.73 6.95
N GLN B 390 -6.09 -14.87 5.80
CA GLN B 390 -5.62 -14.14 4.66
C GLN B 390 -6.23 -12.78 4.65
N PHE B 391 -7.12 -12.50 5.61
CA PHE B 391 -7.72 -11.21 5.68
C PHE B 391 -7.20 -10.49 6.88
N PRO B 392 -6.31 -9.56 6.60
CA PRO B 392 -5.65 -8.62 7.53
C PRO B 392 -6.60 -7.65 8.22
N SER B 393 -7.35 -6.89 7.45
CA SER B 393 -8.27 -5.94 8.02
C SER B 393 -9.52 -6.06 7.21
N ILE B 394 -10.57 -5.36 7.60
CA ILE B 394 -11.83 -5.42 6.86
C ILE B 394 -11.66 -4.70 5.52
N PRO B 395 -10.98 -3.55 5.52
CA PRO B 395 -10.81 -2.87 4.23
C PRO B 395 -9.92 -3.69 3.29
N ASP B 396 -9.14 -4.59 3.87
CA ASP B 396 -8.26 -5.43 3.06
C ASP B 396 -9.06 -6.45 2.28
N ALA B 397 -10.01 -7.05 2.97
CA ALA B 397 -10.87 -8.05 2.39
C ALA B 397 -11.82 -7.43 1.38
N PHE B 398 -11.74 -6.12 1.19
CA PHE B 398 -12.62 -5.51 0.20
C PHE B 398 -12.29 -6.19 -1.11
N TRP B 399 -11.00 -6.42 -1.33
CA TRP B 399 -10.53 -7.07 -2.56
C TRP B 399 -11.21 -8.43 -2.69
N TRP B 400 -11.07 -9.30 -1.69
CA TRP B 400 -11.72 -10.60 -1.77
C TRP B 400 -13.18 -10.46 -2.19
N ALA B 401 -13.95 -9.73 -1.41
CA ALA B 401 -15.38 -9.54 -1.70
C ALA B 401 -15.70 -9.30 -3.17
N VAL B 402 -15.06 -8.29 -3.76
CA VAL B 402 -15.29 -7.97 -5.16
C VAL B 402 -15.00 -9.16 -6.07
N VAL B 403 -13.77 -9.67 -5.98
CA VAL B 403 -13.33 -10.79 -6.79
C VAL B 403 -14.26 -11.97 -6.67
N SER B 404 -14.85 -12.18 -5.50
CA SER B 404 -15.77 -13.30 -5.27
C SER B 404 -17.16 -13.01 -5.86
N MET B 405 -17.64 -11.80 -5.62
CA MET B 405 -18.94 -11.38 -6.11
C MET B 405 -19.00 -11.29 -7.63
N THR B 406 -17.87 -10.94 -8.26
CA THR B 406 -17.83 -10.86 -9.72
C THR B 406 -17.43 -12.22 -10.24
N THR B 407 -17.38 -13.18 -9.32
CA THR B 407 -17.02 -14.56 -9.63
C THR B 407 -15.68 -14.75 -10.37
N VAL B 408 -14.80 -13.76 -10.29
CA VAL B 408 -13.49 -13.89 -10.92
C VAL B 408 -12.76 -14.97 -10.11
N GLY B 409 -12.71 -14.75 -8.80
CA GLY B 409 -12.10 -15.68 -7.89
C GLY B 409 -10.67 -16.05 -8.16
N TYR B 410 -9.78 -15.07 -8.09
CA TYR B 410 -8.35 -15.33 -8.33
C TYR B 410 -7.95 -16.49 -7.45
N GLY B 411 -7.98 -16.23 -6.13
CA GLY B 411 -7.61 -17.24 -5.17
C GLY B 411 -6.42 -16.72 -4.38
N ASP B 412 -6.08 -15.46 -4.60
CA ASP B 412 -4.97 -14.85 -3.89
C ASP B 412 -5.34 -14.61 -2.44
N MET B 413 -6.64 -14.71 -2.15
CA MET B 413 -7.18 -14.55 -0.79
C MET B 413 -8.33 -15.55 -0.71
N VAL B 414 -8.50 -16.15 0.46
CA VAL B 414 -9.57 -17.14 0.60
C VAL B 414 -9.84 -17.60 2.04
N PRO B 415 -11.12 -17.70 2.43
CA PRO B 415 -11.44 -18.15 3.79
C PRO B 415 -11.00 -19.59 3.99
N THR B 416 -10.54 -19.90 5.20
CA THR B 416 -10.11 -21.25 5.54
C THR B 416 -11.10 -21.91 6.50
N THR B 417 -11.88 -21.08 7.18
CA THR B 417 -12.86 -21.50 8.19
C THR B 417 -14.30 -21.76 7.78
N ILE B 418 -14.92 -22.74 8.43
CA ILE B 418 -16.31 -23.08 8.14
C ILE B 418 -17.19 -21.87 8.24
N GLY B 419 -16.76 -20.91 9.03
CA GLY B 419 -17.56 -19.70 9.13
C GLY B 419 -17.29 -18.87 7.90
N GLY B 420 -16.00 -18.65 7.63
CA GLY B 420 -15.58 -17.84 6.50
C GLY B 420 -16.10 -18.35 5.18
N LYS B 421 -16.20 -19.68 5.08
CA LYS B 421 -16.66 -20.31 3.87
C LYS B 421 -18.17 -20.18 3.65
N ILE B 422 -18.95 -20.07 4.72
CA ILE B 422 -20.39 -19.91 4.59
C ILE B 422 -20.66 -18.51 4.07
N VAL B 423 -19.85 -17.57 4.55
CA VAL B 423 -19.96 -16.20 4.09
C VAL B 423 -19.60 -16.28 2.62
N GLY B 424 -18.42 -16.86 2.36
CA GLY B 424 -17.93 -17.02 1.00
C GLY B 424 -18.99 -17.47 0.03
N SER B 425 -19.62 -18.59 0.32
CA SER B 425 -20.67 -19.12 -0.55
C SER B 425 -21.69 -18.04 -0.88
N LEU B 426 -22.31 -17.50 0.15
CA LEU B 426 -23.31 -16.44 -0.03
C LEU B 426 -22.71 -15.35 -0.89
N CYS B 427 -21.66 -14.72 -0.40
CA CYS B 427 -21.00 -13.65 -1.12
C CYS B 427 -20.93 -13.89 -2.60
N ALA B 428 -20.83 -15.15 -3.01
CA ALA B 428 -20.76 -15.49 -4.43
C ALA B 428 -22.17 -15.39 -4.98
N ILE B 429 -23.03 -16.30 -4.55
CA ILE B 429 -24.39 -16.31 -5.00
C ILE B 429 -25.03 -14.92 -5.05
N ALA B 430 -24.59 -14.03 -4.16
CA ALA B 430 -25.16 -12.69 -4.16
C ALA B 430 -24.66 -11.90 -5.36
N GLY B 431 -23.35 -11.85 -5.52
CA GLY B 431 -22.75 -11.12 -6.61
C GLY B 431 -23.26 -11.58 -7.97
N VAL B 432 -23.66 -12.85 -8.03
CA VAL B 432 -24.17 -13.41 -9.27
C VAL B 432 -25.50 -12.70 -9.56
N LEU B 433 -26.31 -12.50 -8.53
CA LEU B 433 -27.60 -11.85 -8.67
C LEU B 433 -27.56 -10.32 -8.72
N THR B 434 -26.65 -9.71 -7.96
CA THR B 434 -26.51 -8.26 -7.97
C THR B 434 -26.13 -7.80 -9.35
N ILE B 435 -24.99 -8.34 -9.78
CA ILE B 435 -24.41 -8.05 -11.07
C ILE B 435 -25.46 -8.22 -12.15
N ALA B 436 -26.21 -9.30 -12.07
CA ALA B 436 -27.23 -9.59 -13.05
C ALA B 436 -28.26 -8.49 -13.29
N LEU B 437 -28.48 -7.57 -12.35
CA LEU B 437 -29.59 -6.65 -12.57
C LEU B 437 -29.57 -5.62 -13.68
N PRO B 438 -28.61 -4.73 -13.72
CA PRO B 438 -28.51 -3.82 -14.87
C PRO B 438 -28.52 -4.41 -16.27
N VAL B 439 -28.06 -5.64 -16.40
CA VAL B 439 -28.01 -6.29 -17.71
C VAL B 439 -29.20 -5.97 -18.60
N PRO B 440 -30.45 -6.31 -18.17
CA PRO B 440 -31.59 -6.00 -19.03
C PRO B 440 -31.60 -4.57 -19.52
N VAL B 441 -31.42 -3.62 -18.60
CA VAL B 441 -31.39 -2.20 -18.94
C VAL B 441 -30.49 -1.87 -20.11
N ILE B 442 -29.23 -2.22 -19.97
CA ILE B 442 -28.26 -1.99 -21.01
C ILE B 442 -28.65 -2.61 -22.36
N TRP B 443 -29.00 -3.90 -22.37
CA TRP B 443 -29.40 -4.55 -23.61
C TRP B 443 -30.36 -3.65 -24.33
N SER B 444 -31.29 -3.09 -23.56
CA SER B 444 -32.30 -2.20 -24.09
C SER B 444 -31.78 -0.89 -24.68
N ASN B 445 -31.26 -0.01 -23.83
CA ASN B 445 -30.76 1.27 -24.29
C ASN B 445 -29.88 1.01 -25.47
N PHE B 446 -28.96 0.07 -25.33
CA PHE B 446 -28.04 -0.26 -26.42
C PHE B 446 -28.77 -0.76 -27.67
N ASN B 447 -29.60 -1.79 -27.49
CA ASN B 447 -30.37 -2.37 -28.59
C ASN B 447 -31.23 -1.32 -29.25
N TYR B 448 -31.41 -0.20 -28.56
CA TYR B 448 -32.19 0.91 -29.07
C TYR B 448 -31.25 1.68 -29.98
N PHE B 449 -30.35 2.45 -29.38
CA PHE B 449 -29.38 3.26 -30.11
C PHE B 449 -28.70 2.53 -31.26
N TYR B 450 -28.64 1.22 -31.17
CA TYR B 450 -28.03 0.44 -32.22
C TYR B 450 -28.94 0.37 -33.44
N HIS B 451 -30.08 -0.29 -33.30
CA HIS B 451 -31.06 -0.36 -34.38
C HIS B 451 -31.63 1.02 -34.73
N ARG B 452 -31.09 2.07 -34.09
CA ARG B 452 -31.54 3.44 -34.36
C ARG B 452 -30.58 4.09 -35.36
N GLU B 453 -29.60 3.31 -35.80
CA GLU B 453 -28.62 3.72 -36.78
C GLU B 453 -28.60 2.61 -37.83
N THR B 454 -27.88 1.54 -37.49
CA THR B 454 -27.76 0.34 -38.33
C THR B 454 -29.10 -0.38 -38.45
N LEU C 2 35.50 4.94 28.91
CA LEU C 2 36.22 5.69 27.83
C LEU C 2 35.87 5.06 26.49
N GLN C 3 36.19 3.78 26.35
CA GLN C 3 35.99 3.05 25.12
C GLN C 3 34.62 2.49 25.19
N PHE C 4 33.72 3.03 24.39
CA PHE C 4 32.36 2.55 24.44
C PHE C 4 32.20 1.15 24.01
N TYR C 5 32.91 0.76 22.97
CA TYR C 5 32.78 -0.56 22.40
C TYR C 5 34.04 -1.29 22.65
N ARG C 6 33.93 -2.53 23.07
CA ARG C 6 35.10 -3.31 23.38
C ARG C 6 34.93 -4.76 23.02
N ASN C 7 36.01 -5.46 22.78
CA ASN C 7 35.93 -6.85 22.42
C ASN C 7 35.37 -7.70 23.51
N LEU C 8 34.58 -8.70 23.18
CA LEU C 8 34.07 -9.56 24.21
C LEU C 8 35.24 -10.51 24.44
N GLY C 9 35.95 -10.33 25.54
CA GLY C 9 37.13 -11.15 25.82
C GLY C 9 38.15 -10.84 24.75
N LYS C 10 38.82 -11.86 24.23
CA LYS C 10 39.79 -11.66 23.16
C LYS C 10 39.21 -12.01 21.81
N SER C 11 37.94 -12.34 21.75
CA SER C 11 37.33 -12.64 20.48
C SER C 11 37.22 -11.36 19.66
N GLY C 12 36.78 -11.46 18.42
CA GLY C 12 36.63 -10.30 17.58
C GLY C 12 35.26 -9.66 17.66
N LEU C 13 34.36 -10.23 18.45
CA LEU C 13 33.03 -9.68 18.59
C LEU C 13 33.07 -8.43 19.46
N ARG C 14 32.61 -7.32 18.90
CA ARG C 14 32.61 -6.04 19.60
C ARG C 14 31.27 -5.72 20.19
N VAL C 15 31.24 -5.50 21.49
CA VAL C 15 30.01 -5.14 22.15
C VAL C 15 30.08 -3.79 22.87
N SER C 16 28.91 -3.21 23.15
CA SER C 16 28.85 -1.97 23.89
C SER C 16 29.14 -2.37 25.33
N CYS C 17 29.75 -1.46 26.12
CA CYS C 17 30.10 -1.74 27.52
C CYS C 17 28.84 -1.96 28.31
N LEU C 18 27.74 -1.56 27.71
CA LEU C 18 26.43 -1.70 28.29
C LEU C 18 25.55 -2.46 27.36
N GLY C 19 24.80 -3.40 27.92
CA GLY C 19 23.92 -4.24 27.17
C GLY C 19 22.61 -4.28 27.87
N LEU C 20 21.57 -4.71 27.19
CA LEU C 20 20.27 -4.76 27.81
C LEU C 20 19.71 -6.17 27.92
N GLY C 21 19.38 -6.57 29.12
CA GLY C 21 18.76 -7.83 29.42
C GLY C 21 17.27 -7.83 29.28
N THR C 22 16.67 -9.01 29.35
CA THR C 22 15.23 -9.14 29.26
C THR C 22 14.66 -10.02 30.35
N TRP C 23 15.48 -10.39 31.31
CA TRP C 23 14.99 -11.19 32.40
C TRP C 23 13.93 -10.37 33.15
N VAL C 24 12.85 -11.05 33.56
CA VAL C 24 11.76 -10.45 34.31
C VAL C 24 10.87 -9.51 33.53
N THR C 25 11.49 -8.54 32.89
CA THR C 25 10.74 -7.54 32.16
C THR C 25 9.99 -7.97 30.88
N PHE C 26 10.72 -8.35 29.85
CA PHE C 26 10.13 -8.75 28.56
C PHE C 26 9.18 -9.92 28.63
N GLY C 27 7.99 -9.70 28.07
CA GLY C 27 6.98 -10.71 28.07
C GLY C 27 6.35 -10.86 29.43
N GLY C 28 6.90 -10.22 30.45
CA GLY C 28 6.52 -10.50 31.82
C GLY C 28 6.04 -9.28 32.57
N GLN C 29 6.96 -8.58 33.23
CA GLN C 29 6.63 -7.42 33.99
C GLN C 29 6.22 -6.19 33.22
N ILE C 30 6.75 -5.98 32.02
CA ILE C 30 6.43 -4.76 31.31
C ILE C 30 5.61 -5.04 30.08
N THR C 31 4.98 -4.03 29.52
CA THR C 31 4.21 -4.20 28.31
C THR C 31 5.06 -4.17 27.09
N ASP C 32 4.60 -4.84 26.05
CA ASP C 32 5.33 -4.99 24.82
C ASP C 32 5.59 -3.65 24.24
N GLU C 33 4.63 -2.78 24.42
CA GLU C 33 4.74 -1.42 24.00
C GLU C 33 5.88 -0.75 24.70
N MET C 34 6.04 -1.06 25.97
CA MET C 34 7.17 -0.57 26.70
C MET C 34 8.47 -1.15 26.27
N ALA C 35 8.49 -2.45 26.08
CA ALA C 35 9.72 -3.13 25.80
C ALA C 35 10.23 -2.58 24.52
N GLU C 36 9.37 -2.41 23.55
CA GLU C 36 9.80 -1.85 22.29
C GLU C 36 10.50 -0.52 22.50
N HIS C 37 9.96 0.26 23.43
CA HIS C 37 10.47 1.56 23.73
C HIS C 37 11.86 1.47 24.36
N LEU C 38 12.08 0.50 25.24
CA LEU C 38 13.41 0.35 25.86
C LEU C 38 14.46 -0.11 24.83
N MET C 39 14.12 -1.03 23.98
CA MET C 39 15.06 -1.46 22.97
C MET C 39 15.40 -0.36 22.04
N THR C 40 14.41 0.38 21.61
CA THR C 40 14.64 1.50 20.70
C THR C 40 15.60 2.51 21.34
N LEU C 41 15.33 2.87 22.59
CA LEU C 41 16.17 3.79 23.32
C LEU C 41 17.58 3.21 23.42
N ALA C 42 17.70 1.95 23.79
CA ALA C 42 19.02 1.34 23.91
C ALA C 42 19.78 1.35 22.56
N TYR C 43 19.10 0.89 21.52
CA TYR C 43 19.71 0.83 20.23
C TYR C 43 20.12 2.19 19.72
N ASP C 44 19.23 3.18 19.88
CA ASP C 44 19.55 4.53 19.42
C ASP C 44 20.70 5.11 20.24
N ASN C 45 20.94 4.58 21.42
CA ASN C 45 22.05 5.09 22.19
C ASN C 45 23.31 4.29 22.02
N GLY C 46 23.36 3.49 20.96
CA GLY C 46 24.55 2.72 20.68
C GLY C 46 24.72 1.36 21.32
N ILE C 47 23.73 0.93 22.10
CA ILE C 47 23.84 -0.36 22.74
C ILE C 47 23.57 -1.38 21.66
N ASN C 48 24.46 -2.36 21.49
CA ASN C 48 24.25 -3.36 20.46
C ASN C 48 24.10 -4.74 21.01
N LEU C 49 24.13 -4.84 22.33
CA LEU C 49 24.04 -6.11 23.05
C LEU C 49 22.71 -6.30 23.77
N PHE C 50 22.01 -7.37 23.40
CA PHE C 50 20.73 -7.74 23.98
C PHE C 50 20.76 -9.21 24.41
N ASP C 51 20.44 -9.45 25.67
CA ASP C 51 20.52 -10.78 26.22
C ASP C 51 19.18 -11.36 26.63
N THR C 52 18.95 -12.61 26.34
CA THR C 52 17.71 -13.23 26.71
C THR C 52 18.01 -14.65 27.08
N ALA C 53 16.97 -15.45 27.28
CA ALA C 53 17.23 -16.80 27.66
C ALA C 53 15.96 -17.59 27.42
N GLU C 54 16.09 -18.86 27.16
CA GLU C 54 14.92 -19.68 26.89
C GLU C 54 14.01 -19.70 28.08
N VAL C 55 14.59 -19.59 29.27
CA VAL C 55 13.80 -19.65 30.48
C VAL C 55 13.04 -18.38 30.83
N TYR C 56 13.39 -17.26 30.24
CA TYR C 56 12.72 -16.02 30.60
C TYR C 56 11.26 -15.97 30.14
N ALA C 57 10.35 -15.92 31.13
CA ALA C 57 8.90 -15.85 30.89
C ALA C 57 8.42 -16.99 30.00
N ALA C 58 9.06 -18.14 30.17
CA ALA C 58 8.69 -19.33 29.42
C ALA C 58 8.79 -19.13 27.90
N GLY C 59 9.85 -18.45 27.49
CA GLY C 59 10.08 -18.21 26.09
C GLY C 59 9.48 -16.93 25.54
N LYS C 60 8.65 -16.24 26.31
CA LYS C 60 8.04 -15.01 25.83
C LYS C 60 8.98 -13.83 25.72
N ALA C 61 10.06 -13.82 26.50
CA ALA C 61 11.02 -12.74 26.40
C ALA C 61 11.64 -12.84 24.99
N GLU C 62 11.96 -14.04 24.52
CA GLU C 62 12.52 -14.20 23.19
C GLU C 62 11.51 -13.80 22.12
N VAL C 63 10.23 -14.12 22.31
CA VAL C 63 9.20 -13.79 21.33
C VAL C 63 9.05 -12.30 21.20
N VAL C 64 9.00 -11.62 22.33
CA VAL C 64 8.86 -10.17 22.36
C VAL C 64 10.11 -9.51 21.74
N LEU C 65 11.29 -9.99 22.13
CA LEU C 65 12.53 -9.45 21.62
C LEU C 65 12.60 -9.55 20.10
N GLY C 66 12.24 -10.71 19.56
CA GLY C 66 12.28 -10.93 18.13
C GLY C 66 11.21 -10.16 17.40
N ASN C 67 10.06 -9.98 18.03
CA ASN C 67 8.99 -9.23 17.41
C ASN C 67 9.40 -7.79 17.29
N ILE C 68 10.21 -7.31 18.23
CA ILE C 68 10.66 -5.92 18.20
C ILE C 68 11.67 -5.68 17.09
N ILE C 69 12.64 -6.55 16.98
CA ILE C 69 13.65 -6.42 15.96
C ILE C 69 13.03 -6.48 14.60
N LYS C 70 12.09 -7.37 14.45
CA LYS C 70 11.44 -7.55 13.18
C LYS C 70 10.67 -6.31 12.81
N LYS C 71 9.96 -5.76 13.77
CA LYS C 71 9.15 -4.58 13.57
C LYS C 71 9.96 -3.37 13.27
N LYS C 72 11.05 -3.20 14.01
CA LYS C 72 11.92 -2.04 13.82
C LYS C 72 12.75 -2.12 12.56
N GLY C 73 12.88 -3.29 11.97
CA GLY C 73 13.66 -3.46 10.76
C GLY C 73 15.17 -3.28 10.91
N TRP C 74 15.70 -3.27 12.13
CA TRP C 74 17.16 -3.09 12.30
C TRP C 74 17.98 -4.17 11.58
N ARG C 75 19.09 -3.77 10.99
CA ARG C 75 19.99 -4.69 10.31
C ARG C 75 20.53 -5.72 11.30
N ARG C 76 20.36 -6.98 10.97
CA ARG C 76 20.79 -8.04 11.84
C ARG C 76 22.28 -7.93 12.17
N SER C 77 23.07 -7.49 11.21
CA SER C 77 24.50 -7.35 11.42
C SER C 77 24.87 -6.20 12.33
N SER C 78 23.89 -5.44 12.79
CA SER C 78 24.20 -4.32 13.67
C SER C 78 23.86 -4.70 15.09
N LEU C 79 23.34 -5.90 15.25
CA LEU C 79 22.93 -6.40 16.53
C LEU C 79 23.74 -7.58 17.01
N VAL C 80 23.89 -7.67 18.32
CA VAL C 80 24.58 -8.77 18.95
C VAL C 80 23.55 -9.36 19.91
N ILE C 81 22.90 -10.42 19.47
CA ILE C 81 21.87 -11.09 20.25
C ILE C 81 22.45 -12.31 20.95
N THR C 82 22.21 -12.45 22.24
CA THR C 82 22.69 -13.62 22.94
C THR C 82 21.51 -14.28 23.65
N THR C 83 21.54 -15.60 23.75
CA THR C 83 20.53 -16.28 24.49
C THR C 83 21.17 -17.39 25.31
N LYS C 84 20.46 -17.92 26.27
CA LYS C 84 21.06 -18.92 27.11
C LYS C 84 20.24 -20.17 27.28
N ILE C 85 20.87 -21.33 27.23
CA ILE C 85 20.13 -22.56 27.34
C ILE C 85 20.44 -23.32 28.58
N PHE C 86 19.48 -23.48 29.47
CA PHE C 86 19.54 -24.57 30.40
C PHE C 86 18.20 -25.21 30.64
N TRP C 87 17.21 -24.41 30.96
CA TRP C 87 15.91 -24.94 31.27
C TRP C 87 14.97 -24.74 30.13
N GLY C 88 14.61 -25.80 29.45
CA GLY C 88 13.73 -25.73 28.32
C GLY C 88 12.36 -26.30 28.45
N GLY C 89 11.96 -26.68 29.65
CA GLY C 89 10.66 -27.28 29.87
C GLY C 89 10.65 -28.22 31.05
N LYS C 90 9.52 -28.87 31.30
CA LYS C 90 9.36 -29.75 32.44
C LYS C 90 9.82 -31.17 32.19
N ALA C 91 9.91 -31.58 30.94
CA ALA C 91 10.32 -32.93 30.63
C ALA C 91 11.75 -33.17 31.07
N GLU C 92 12.02 -34.39 31.45
CA GLU C 92 13.34 -34.78 31.88
C GLU C 92 14.42 -34.42 30.87
N THR C 93 14.11 -34.55 29.58
CA THR C 93 15.10 -34.23 28.59
C THR C 93 15.09 -32.80 28.10
N GLU C 94 14.34 -31.93 28.77
CA GLU C 94 14.25 -30.53 28.38
C GLU C 94 15.15 -29.60 29.17
N ARG C 95 15.96 -30.17 30.03
CA ARG C 95 16.87 -29.38 30.86
C ARG C 95 18.25 -30.01 30.78
N GLY C 96 19.28 -29.19 30.61
CA GLY C 96 20.58 -29.77 30.58
C GLY C 96 21.41 -29.23 29.50
N LEU C 97 22.65 -29.63 29.49
CA LEU C 97 23.58 -29.19 28.50
C LEU C 97 23.95 -30.34 27.62
N SER C 98 23.03 -31.29 27.53
CA SER C 98 23.22 -32.44 26.69
C SER C 98 23.12 -32.03 25.28
N ARG C 99 23.77 -32.75 24.41
CA ARG C 99 23.73 -32.36 23.03
C ARG C 99 22.27 -32.17 22.63
N LYS C 100 21.39 -33.09 23.06
CA LYS C 100 19.98 -33.02 22.72
C LYS C 100 19.33 -31.70 23.12
N HIS C 101 19.56 -31.25 24.36
CA HIS C 101 18.93 -30.03 24.77
C HIS C 101 19.60 -28.77 24.22
N ILE C 102 20.90 -28.80 24.05
CA ILE C 102 21.51 -27.62 23.46
C ILE C 102 20.97 -27.41 22.04
N ILE C 103 20.94 -28.47 21.24
CA ILE C 103 20.45 -28.30 19.87
C ILE C 103 18.96 -27.93 19.83
N GLU C 104 18.13 -28.68 20.54
CA GLU C 104 16.68 -28.44 20.55
C GLU C 104 16.35 -27.12 21.19
N GLY C 105 17.08 -26.80 22.25
CA GLY C 105 16.84 -25.55 22.92
C GLY C 105 17.17 -24.37 22.04
N LEU C 106 18.33 -24.38 21.41
CA LEU C 106 18.70 -23.26 20.57
C LEU C 106 17.78 -23.14 19.36
N LYS C 107 17.46 -24.25 18.76
CA LYS C 107 16.64 -24.19 17.60
C LYS C 107 15.33 -23.62 17.98
N ALA C 108 14.82 -24.06 19.11
CA ALA C 108 13.54 -23.60 19.57
C ALA C 108 13.57 -22.15 19.88
N SER C 109 14.65 -21.67 20.44
CA SER C 109 14.77 -20.27 20.76
C SER C 109 14.79 -19.40 19.57
N LEU C 110 15.46 -19.85 18.53
CA LEU C 110 15.55 -19.11 17.31
C LEU C 110 14.23 -18.98 16.67
N GLU C 111 13.43 -20.01 16.71
CA GLU C 111 12.10 -19.93 16.16
C GLU C 111 11.38 -18.88 16.92
N ARG C 112 11.48 -18.81 18.23
CA ARG C 112 10.82 -17.72 18.91
C ARG C 112 11.35 -16.36 18.52
N LEU C 113 12.65 -16.23 18.39
CA LEU C 113 13.27 -14.98 18.04
C LEU C 113 13.06 -14.60 16.62
N GLN C 114 12.60 -15.52 15.80
CA GLN C 114 12.45 -15.23 14.41
C GLN C 114 13.79 -14.89 13.87
N LEU C 115 14.80 -15.54 14.40
CA LEU C 115 16.17 -15.31 14.01
C LEU C 115 16.82 -16.57 13.53
N GLU C 116 17.58 -16.46 12.47
CA GLU C 116 18.39 -17.53 11.95
C GLU C 116 19.54 -17.93 12.86
N TYR C 117 20.18 -16.96 13.49
CA TYR C 117 21.27 -17.20 14.42
C TYR C 117 21.34 -16.24 15.61
N VAL C 118 21.99 -16.63 16.69
CA VAL C 118 22.30 -15.74 17.78
C VAL C 118 23.77 -15.53 17.74
N ASP C 119 24.26 -14.40 18.20
CA ASP C 119 25.69 -14.15 18.12
C ASP C 119 26.43 -14.97 19.13
N VAL C 120 25.91 -15.06 20.32
CA VAL C 120 26.49 -15.92 21.31
C VAL C 120 25.44 -16.76 22.00
N VAL C 121 25.75 -18.01 22.22
CA VAL C 121 24.85 -18.88 22.92
C VAL C 121 25.57 -19.28 24.17
N PHE C 122 24.87 -19.20 25.29
CA PHE C 122 25.45 -19.53 26.60
C PHE C 122 24.87 -20.77 27.26
N ALA C 123 25.73 -21.50 27.96
CA ALA C 123 25.28 -22.59 28.79
C ALA C 123 24.85 -21.75 30.01
N ASN C 124 23.57 -21.73 30.34
CA ASN C 124 23.07 -20.88 31.43
C ASN C 124 23.65 -21.23 32.79
N ARG C 125 24.08 -22.46 32.95
CA ARG C 125 24.70 -22.87 34.18
C ARG C 125 25.45 -24.15 33.88
N PRO C 126 26.32 -24.58 34.78
CA PRO C 126 27.09 -25.81 34.55
C PRO C 126 26.25 -27.04 34.70
N ASP C 127 26.64 -28.12 34.06
CA ASP C 127 25.85 -29.35 34.17
C ASP C 127 26.73 -30.52 34.52
N PRO C 128 26.78 -30.85 35.79
CA PRO C 128 27.61 -31.97 36.25
C PRO C 128 27.11 -33.31 35.70
N ASN C 129 25.89 -33.33 35.16
CA ASN C 129 25.33 -34.56 34.59
C ASN C 129 25.70 -34.83 33.13
N THR C 130 26.40 -33.91 32.48
CA THR C 130 26.79 -34.10 31.09
C THR C 130 28.30 -33.93 30.96
N PRO C 131 28.99 -34.90 30.34
CA PRO C 131 30.44 -34.78 30.17
C PRO C 131 30.80 -33.54 29.37
N MET C 132 31.86 -32.86 29.81
CA MET C 132 32.31 -31.64 29.16
C MET C 132 32.45 -31.81 27.64
N GLU C 133 32.99 -32.94 27.20
CA GLU C 133 33.14 -33.21 25.77
C GLU C 133 31.82 -33.05 24.98
N GLU C 134 30.77 -33.66 25.50
CA GLU C 134 29.48 -33.61 24.89
C GLU C 134 29.03 -32.17 24.79
N THR C 135 29.16 -31.42 25.87
CA THR C 135 28.75 -30.01 25.81
C THR C 135 29.57 -29.22 24.78
N VAL C 136 30.88 -29.33 24.82
CA VAL C 136 31.70 -28.59 23.91
C VAL C 136 31.46 -29.05 22.48
N ARG C 137 31.25 -30.33 22.25
CA ARG C 137 30.98 -30.75 20.88
C ARG C 137 29.64 -30.16 20.38
N ALA C 138 28.66 -30.08 21.24
CA ALA C 138 27.37 -29.57 20.89
C ALA C 138 27.40 -28.08 20.62
N MET C 139 28.21 -27.37 21.39
CA MET C 139 28.32 -25.93 21.19
C MET C 139 29.03 -25.74 19.86
N THR C 140 30.06 -26.52 19.63
CA THR C 140 30.80 -26.40 18.41
C THR C 140 29.91 -26.75 17.24
N HIS C 141 29.04 -27.72 17.39
CA HIS C 141 28.17 -28.12 16.33
C HIS C 141 27.25 -27.03 15.92
N VAL C 142 26.55 -26.44 16.85
CA VAL C 142 25.61 -25.41 16.52
C VAL C 142 26.26 -24.20 15.96
N ILE C 143 27.45 -23.92 16.40
CA ILE C 143 28.22 -22.84 15.85
C ILE C 143 28.50 -23.18 14.42
N ASN C 144 28.85 -24.41 14.17
CA ASN C 144 29.18 -24.84 12.82
C ASN C 144 28.02 -24.85 11.88
N GLN C 145 26.85 -25.03 12.43
CA GLN C 145 25.64 -25.09 11.62
C GLN C 145 25.07 -23.76 11.35
N GLY C 146 25.67 -22.73 11.88
CA GLY C 146 25.23 -21.39 11.62
C GLY C 146 24.15 -20.95 12.54
N MET C 147 23.88 -21.76 13.52
CA MET C 147 22.98 -21.44 14.60
C MET C 147 23.48 -20.36 15.50
N ALA C 148 24.78 -20.31 15.73
CA ALA C 148 25.40 -19.30 16.57
C ALA C 148 26.71 -18.80 15.99
N MET C 149 27.18 -17.64 16.41
CA MET C 149 28.51 -17.22 16.02
C MET C 149 29.57 -17.68 17.05
N TYR C 150 29.25 -17.63 18.34
CA TYR C 150 30.20 -18.02 19.40
C TYR C 150 29.44 -18.61 20.56
N TRP C 151 30.16 -19.18 21.52
CA TRP C 151 29.46 -19.69 22.69
C TRP C 151 30.14 -19.26 23.99
N GLY C 152 29.36 -19.19 25.06
CA GLY C 152 29.92 -18.83 26.33
C GLY C 152 29.34 -19.63 27.46
N THR C 153 29.82 -19.38 28.67
CA THR C 153 29.40 -20.13 29.82
C THR C 153 28.76 -19.19 30.80
N SER C 154 27.80 -19.64 31.59
CA SER C 154 27.22 -18.82 32.64
C SER C 154 27.27 -19.51 34.00
N ARG C 155 27.80 -18.86 35.02
CA ARG C 155 27.83 -19.40 36.37
C ARG C 155 28.74 -20.60 36.51
N TRP C 156 29.75 -20.71 35.67
CA TRP C 156 30.68 -21.83 35.76
C TRP C 156 31.85 -21.44 36.63
N SER C 157 32.51 -22.42 37.21
CA SER C 157 33.67 -22.13 38.04
C SER C 157 34.80 -21.97 37.04
N SER C 158 35.90 -21.34 37.43
CA SER C 158 37.00 -21.17 36.50
C SER C 158 37.58 -22.53 36.09
N MET C 159 37.49 -23.48 36.99
CA MET C 159 37.98 -24.81 36.72
C MET C 159 37.17 -25.40 35.57
N GLU C 160 35.86 -25.22 35.61
CA GLU C 160 34.99 -25.73 34.57
C GLU C 160 35.19 -25.00 33.25
N ILE C 161 35.43 -23.71 33.31
CA ILE C 161 35.66 -22.95 32.10
C ILE C 161 36.97 -23.42 31.46
N MET C 162 37.97 -23.65 32.29
CA MET C 162 39.26 -24.11 31.81
C MET C 162 39.14 -25.53 31.26
N GLU C 163 38.31 -26.33 31.89
CA GLU C 163 38.08 -27.67 31.42
C GLU C 163 37.48 -27.63 30.05
N ALA C 164 36.57 -26.70 29.82
CA ALA C 164 35.98 -26.51 28.52
C ALA C 164 36.95 -26.08 27.46
N TYR C 165 37.87 -25.19 27.79
CA TYR C 165 38.92 -24.78 26.87
C TYR C 165 39.80 -25.94 26.57
N SER C 166 40.10 -26.69 27.59
CA SER C 166 41.03 -27.78 27.48
C SER C 166 40.50 -28.89 26.57
N VAL C 167 39.23 -29.22 26.73
CA VAL C 167 38.57 -30.24 25.93
C VAL C 167 38.50 -29.80 24.45
N ALA C 168 38.26 -28.52 24.24
CA ALA C 168 38.20 -27.98 22.92
C ALA C 168 39.57 -28.11 22.20
N ARG C 169 40.67 -27.78 22.88
CA ARG C 169 41.99 -27.91 22.23
C ARG C 169 42.30 -29.38 21.95
N GLN C 170 41.95 -30.21 22.90
CA GLN C 170 42.15 -31.64 22.77
C GLN C 170 41.47 -32.24 21.52
N PHE C 171 40.21 -31.87 21.25
CA PHE C 171 39.46 -32.41 20.13
C PHE C 171 39.37 -31.42 18.97
N ASN C 172 40.04 -30.30 19.11
CA ASN C 172 40.01 -29.31 18.06
C ASN C 172 38.59 -28.72 17.84
N LEU C 173 37.93 -28.40 18.96
CA LEU C 173 36.60 -27.84 18.94
C LEU C 173 36.77 -26.38 19.26
N ILE C 174 35.66 -25.68 19.51
CA ILE C 174 35.72 -24.26 19.77
C ILE C 174 35.62 -23.90 21.23
N PRO C 175 36.62 -23.16 21.74
CA PRO C 175 36.54 -22.81 23.15
C PRO C 175 35.47 -21.72 23.36
N PRO C 176 34.99 -21.60 24.59
CA PRO C 176 33.99 -20.56 24.85
C PRO C 176 34.76 -19.23 24.87
N ILE C 177 34.08 -18.12 24.68
CA ILE C 177 34.76 -16.84 24.64
C ILE C 177 34.34 -15.91 25.77
N CYS C 178 33.39 -16.34 26.58
CA CYS C 178 32.88 -15.47 27.57
C CYS C 178 32.18 -16.18 28.71
N GLU C 179 32.28 -15.62 29.89
CA GLU C 179 31.58 -16.14 31.06
C GLU C 179 30.61 -15.02 31.50
N GLN C 180 29.35 -15.34 31.74
CA GLN C 180 28.44 -14.35 32.24
C GLN C 180 28.41 -14.56 33.72
N ALA C 181 28.85 -13.58 34.47
CA ALA C 181 29.03 -13.76 35.87
C ALA C 181 28.30 -12.71 36.60
N GLU C 182 27.61 -13.08 37.66
CA GLU C 182 26.93 -12.11 38.47
C GLU C 182 27.96 -11.15 39.01
N TYR C 183 27.72 -9.87 38.89
CA TYR C 183 28.68 -8.93 39.43
C TYR C 183 28.06 -7.62 39.85
N HIS C 184 28.26 -7.28 41.11
CA HIS C 184 27.78 -6.04 41.69
C HIS C 184 28.51 -5.81 43.01
N MET C 185 28.24 -4.68 43.67
CA MET C 185 28.92 -4.37 44.93
C MET C 185 28.81 -5.39 46.06
N PHE C 186 27.86 -6.31 45.96
CA PHE C 186 27.70 -7.32 46.98
C PHE C 186 28.03 -8.73 46.53
N GLN C 187 28.56 -8.86 45.32
CA GLN C 187 28.96 -10.15 44.75
C GLN C 187 30.17 -9.87 43.83
N ARG C 188 31.37 -9.95 44.39
CA ARG C 188 32.59 -9.58 43.67
C ARG C 188 33.69 -10.60 43.51
N GLU C 189 33.59 -11.69 44.23
CA GLU C 189 34.67 -12.64 44.33
C GLU C 189 35.11 -13.33 43.05
N LYS C 190 34.18 -13.86 42.27
CA LYS C 190 34.49 -14.48 41.00
C LYS C 190 35.03 -13.54 39.94
N VAL C 191 34.39 -12.40 39.74
CA VAL C 191 34.83 -11.50 38.71
C VAL C 191 36.18 -10.86 39.03
N GLU C 192 36.39 -10.49 40.28
CA GLU C 192 37.62 -9.83 40.65
C GLU C 192 38.83 -10.74 40.88
N VAL C 193 38.59 -11.95 41.36
CA VAL C 193 39.71 -12.83 41.65
C VAL C 193 39.93 -13.98 40.66
N GLN C 194 38.92 -14.82 40.50
CA GLN C 194 39.02 -15.97 39.62
C GLN C 194 39.05 -15.70 38.11
N LEU C 195 38.20 -14.82 37.60
CA LEU C 195 38.12 -14.55 36.18
C LEU C 195 39.23 -13.82 35.48
N PRO C 196 39.90 -12.86 36.14
CA PRO C 196 40.97 -12.15 35.41
C PRO C 196 42.07 -13.07 34.91
N GLU C 197 42.39 -14.10 35.65
CA GLU C 197 43.41 -15.02 35.21
C GLU C 197 43.00 -15.67 33.88
N LEU C 198 41.73 -16.04 33.75
CA LEU C 198 41.22 -16.67 32.54
C LEU C 198 41.25 -15.74 31.36
N PHE C 199 41.04 -14.44 31.57
CA PHE C 199 41.10 -13.51 30.47
C PHE C 199 42.55 -13.43 29.91
N HIS C 200 43.55 -13.33 30.79
CA HIS C 200 44.92 -13.24 30.31
C HIS C 200 45.43 -14.56 29.78
N LYS C 201 45.03 -15.64 30.41
CA LYS C 201 45.49 -16.94 29.99
C LYS C 201 44.80 -17.49 28.74
N ILE C 202 43.48 -17.59 28.71
CA ILE C 202 42.79 -18.14 27.55
C ILE C 202 41.79 -17.22 26.82
N GLY C 203 41.86 -15.93 27.06
CA GLY C 203 40.98 -15.02 26.36
C GLY C 203 39.52 -14.90 26.73
N VAL C 204 39.07 -15.63 27.74
CA VAL C 204 37.67 -15.56 28.13
C VAL C 204 37.38 -14.21 28.80
N GLY C 205 36.41 -13.49 28.26
CA GLY C 205 36.06 -12.21 28.83
C GLY C 205 34.89 -12.39 29.76
N ALA C 206 34.52 -11.34 30.47
CA ALA C 206 33.41 -11.42 31.39
C ALA C 206 32.28 -10.48 30.99
N MET C 207 31.07 -11.00 30.97
CA MET C 207 29.88 -10.21 30.64
C MET C 207 29.13 -10.37 31.96
N THR C 208 28.98 -9.29 32.70
CA THR C 208 28.36 -9.43 34.01
C THR C 208 26.89 -9.11 34.06
N TRP C 209 26.21 -9.69 35.02
CA TRP C 209 24.79 -9.45 35.18
C TRP C 209 24.40 -8.95 36.57
N SER C 210 23.17 -8.43 36.67
CA SER C 210 22.60 -7.87 37.89
C SER C 210 23.49 -6.86 38.57
N PRO C 211 23.81 -5.78 37.89
CA PRO C 211 24.67 -4.72 38.40
C PRO C 211 24.13 -4.05 39.62
N LEU C 212 22.83 -3.90 39.68
CA LEU C 212 22.19 -3.23 40.77
C LEU C 212 21.63 -4.25 41.72
N ALA C 213 22.07 -5.47 41.61
CA ALA C 213 21.58 -6.47 42.49
C ALA C 213 20.10 -6.52 42.43
N CYS C 214 19.55 -6.48 41.24
CA CYS C 214 18.13 -6.58 41.07
C CYS C 214 17.42 -5.30 41.45
N GLY C 215 18.17 -4.22 41.52
CA GLY C 215 17.63 -2.91 41.81
C GLY C 215 17.78 -2.51 43.24
N ILE C 216 18.35 -3.40 44.01
CA ILE C 216 18.60 -3.17 45.40
C ILE C 216 19.55 -2.04 45.52
N VAL C 217 20.54 -1.98 44.65
CA VAL C 217 21.54 -0.95 44.76
C VAL C 217 20.93 0.41 44.48
N SER C 218 19.72 0.41 43.99
CA SER C 218 18.96 1.65 43.93
C SER C 218 18.70 2.12 45.35
N GLY C 219 18.41 1.21 46.25
CA GLY C 219 17.98 1.58 47.58
C GLY C 219 16.50 1.82 47.74
N LYS C 220 15.74 1.50 46.70
CA LYS C 220 14.34 1.82 46.70
C LYS C 220 13.80 1.09 47.90
N TYR C 221 14.44 -0.02 48.24
CA TYR C 221 13.86 -0.90 49.25
C TYR C 221 14.21 -0.47 50.67
N ASP C 222 14.43 0.81 50.84
CA ASP C 222 14.80 1.34 52.13
C ASP C 222 13.78 1.03 53.23
N SER C 223 12.53 1.43 53.03
CA SER C 223 11.53 1.21 54.04
C SER C 223 10.59 0.05 53.78
N GLY C 224 10.82 -0.70 52.72
CA GLY C 224 9.95 -1.82 52.40
C GLY C 224 9.85 -2.14 50.92
N ILE C 225 8.74 -2.75 50.51
CA ILE C 225 8.50 -3.14 49.13
C ILE C 225 7.60 -2.13 48.44
N PRO C 226 8.18 -1.18 47.71
CA PRO C 226 7.42 -0.14 47.01
C PRO C 226 6.65 -0.59 45.79
N PRO C 227 5.71 0.23 45.33
CA PRO C 227 4.90 -0.12 44.15
C PRO C 227 5.72 -0.35 42.88
N TYR C 228 5.35 -1.38 42.13
CA TYR C 228 5.98 -1.73 40.87
C TYR C 228 7.44 -2.16 40.94
N SER C 229 7.94 -2.48 42.12
CA SER C 229 9.32 -2.90 42.26
C SER C 229 9.41 -4.36 41.85
N ARG C 230 10.60 -4.85 41.59
CA ARG C 230 10.72 -6.24 41.18
C ARG C 230 10.27 -7.15 42.30
N ALA C 231 10.66 -6.81 43.53
CA ALA C 231 10.31 -7.61 44.70
C ALA C 231 8.81 -7.62 45.00
N SER C 232 8.03 -6.77 44.34
CA SER C 232 6.59 -6.79 44.55
C SER C 232 5.88 -7.81 43.66
N LEU C 233 6.57 -8.35 42.66
CA LEU C 233 5.97 -9.33 41.75
C LEU C 233 5.90 -10.73 42.32
N LYS C 234 4.79 -11.40 42.07
CA LYS C 234 4.67 -12.76 42.55
C LYS C 234 5.67 -13.54 41.68
N GLY C 235 6.41 -14.45 42.28
CA GLY C 235 7.40 -15.16 41.49
C GLY C 235 8.77 -14.68 41.92
N TYR C 236 8.79 -13.50 42.51
CA TYR C 236 10.04 -12.96 42.99
C TYR C 236 10.02 -12.83 44.50
N GLN C 237 9.29 -13.73 45.10
CA GLN C 237 9.14 -13.73 46.52
C GLN C 237 10.49 -13.89 47.12
N TRP C 238 11.31 -14.72 46.53
CA TRP C 238 12.60 -15.02 47.10
C TRP C 238 13.40 -13.78 47.21
N LEU C 239 13.28 -12.92 46.23
CA LEU C 239 13.98 -11.68 46.25
C LEU C 239 13.52 -10.82 47.40
N LYS C 240 12.21 -10.83 47.63
CA LYS C 240 11.61 -10.01 48.66
C LYS C 240 12.15 -10.44 49.99
N ASP C 241 12.18 -11.73 50.21
CA ASP C 241 12.68 -12.26 51.46
C ASP C 241 14.11 -11.81 51.70
N LYS C 242 14.96 -11.86 50.68
CA LYS C 242 16.34 -11.42 50.86
C LYS C 242 16.47 -9.96 51.16
N ILE C 243 15.60 -9.14 50.57
CA ILE C 243 15.65 -7.71 50.80
C ILE C 243 15.22 -7.35 52.23
N LEU C 244 14.15 -7.98 52.68
CA LEU C 244 13.60 -7.71 53.99
C LEU C 244 14.31 -8.45 55.11
N SER C 245 15.06 -9.49 54.80
CA SER C 245 15.77 -10.23 55.82
C SER C 245 16.86 -9.38 56.49
N GLU C 246 17.43 -9.91 57.56
CA GLU C 246 18.47 -9.21 58.31
C GLU C 246 19.62 -8.78 57.42
N GLU C 247 20.11 -9.69 56.59
CA GLU C 247 21.20 -9.36 55.69
C GLU C 247 20.79 -8.28 54.71
N GLY C 248 19.57 -8.36 54.22
CA GLY C 248 19.13 -7.41 53.24
C GLY C 248 19.19 -6.06 53.88
N ARG C 249 18.79 -6.01 55.14
CA ARG C 249 18.76 -4.77 55.91
C ARG C 249 20.13 -4.20 56.10
N ARG C 250 21.08 -5.09 56.34
CA ARG C 250 22.44 -4.69 56.51
C ARG C 250 22.91 -4.08 55.21
N GLN C 251 22.45 -4.64 54.11
CA GLN C 251 22.88 -4.15 52.83
C GLN C 251 22.39 -2.76 52.66
N GLN C 252 21.18 -2.52 53.12
CA GLN C 252 20.55 -1.25 52.89
C GLN C 252 21.35 -0.18 53.55
N ALA C 253 21.86 -0.43 54.73
CA ALA C 253 22.53 0.60 55.49
C ALA C 253 23.71 1.11 54.70
N LYS C 254 24.43 0.21 54.07
CA LYS C 254 25.61 0.59 53.35
C LYS C 254 25.25 1.52 52.25
N LEU C 255 24.10 1.32 51.66
CA LEU C 255 23.76 2.07 50.47
C LEU C 255 23.77 3.51 50.85
N LYS C 256 23.22 3.79 51.99
CA LYS C 256 23.16 5.18 52.44
C LYS C 256 24.54 5.79 52.40
N GLU C 257 25.53 5.05 52.86
CA GLU C 257 26.89 5.57 52.83
C GLU C 257 27.36 5.74 51.40
N LEU C 258 26.97 4.82 50.52
CA LEU C 258 27.36 4.88 49.11
C LEU C 258 26.59 5.98 48.40
N GLN C 259 25.36 6.23 48.84
CA GLN C 259 24.54 7.28 48.25
C GLN C 259 25.24 8.61 48.47
N ALA C 260 26.15 8.64 49.45
CA ALA C 260 26.93 9.83 49.75
C ALA C 260 27.94 10.08 48.66
N ILE C 261 28.74 9.07 48.34
CA ILE C 261 29.72 9.24 47.30
C ILE C 261 29.02 9.63 46.01
N ALA C 262 27.86 9.05 45.76
CA ALA C 262 27.11 9.37 44.56
C ALA C 262 26.83 10.84 44.49
N GLU C 263 26.28 11.39 45.56
CA GLU C 263 25.89 12.79 45.56
C GLU C 263 27.10 13.63 45.34
N ARG C 264 28.21 13.21 45.92
CA ARG C 264 29.41 13.98 45.82
C ARG C 264 29.82 14.09 44.37
N LEU C 265 29.64 13.03 43.61
CA LEU C 265 30.02 13.04 42.22
C LEU C 265 28.87 13.44 41.36
N GLY C 266 27.74 13.74 41.98
CA GLY C 266 26.60 14.17 41.22
C GLY C 266 26.09 13.17 40.23
N CYS C 267 26.08 11.91 40.64
CA CYS C 267 25.45 10.86 39.88
C CYS C 267 24.60 10.11 40.86
N THR C 268 23.62 9.40 40.36
CA THR C 268 22.72 8.64 41.20
C THR C 268 23.42 7.37 41.66
N LEU C 269 22.86 6.67 42.62
CA LEU C 269 23.59 5.56 43.15
C LEU C 269 23.76 4.52 42.10
N PRO C 270 22.65 4.32 41.31
CA PRO C 270 22.80 3.25 40.32
C PRO C 270 23.88 3.52 39.31
N GLN C 271 24.03 4.74 38.85
CA GLN C 271 25.06 5.06 37.89
C GLN C 271 26.41 4.80 38.48
N LEU C 272 26.57 5.11 39.73
CA LEU C 272 27.83 4.83 40.39
C LEU C 272 28.11 3.33 40.42
N ALA C 273 27.08 2.56 40.76
CA ALA C 273 27.20 1.13 40.83
C ALA C 273 27.51 0.52 39.46
N ILE C 274 26.87 1.05 38.42
CA ILE C 274 27.13 0.51 37.11
C ILE C 274 28.52 0.87 36.61
N ALA C 275 28.93 2.10 36.83
CA ALA C 275 30.23 2.55 36.42
C ALA C 275 31.26 1.76 37.21
N TRP C 276 30.97 1.53 38.48
CA TRP C 276 31.86 0.74 39.31
C TRP C 276 32.14 -0.63 38.68
N CYS C 277 31.09 -1.28 38.17
CA CYS C 277 31.24 -2.59 37.54
C CYS C 277 32.13 -2.53 36.32
N LEU C 278 32.11 -1.41 35.65
CA LEU C 278 32.92 -1.21 34.47
C LEU C 278 34.33 -0.77 34.75
N ARG C 279 34.72 -0.61 36.00
CA ARG C 279 36.09 -0.18 36.26
C ARG C 279 37.10 -1.25 35.86
N ASN C 280 36.76 -2.53 36.04
CA ASN C 280 37.68 -3.59 35.65
C ASN C 280 37.79 -3.60 34.16
N GLU C 281 38.90 -4.08 33.62
CA GLU C 281 39.06 -4.10 32.18
C GLU C 281 38.68 -5.51 31.76
N GLY C 282 38.80 -6.42 32.72
CA GLY C 282 38.44 -7.80 32.51
C GLY C 282 36.94 -7.93 32.31
N VAL C 283 36.17 -6.87 32.51
CA VAL C 283 34.73 -6.94 32.27
C VAL C 283 34.43 -6.32 30.95
N SER C 284 34.06 -7.15 29.99
CA SER C 284 33.72 -6.73 28.66
C SER C 284 32.45 -5.95 28.53
N SER C 285 31.46 -6.28 29.33
CA SER C 285 30.21 -5.58 29.22
C SER C 285 29.36 -5.88 30.41
N VAL C 286 28.47 -4.95 30.72
CA VAL C 286 27.57 -5.11 31.85
C VAL C 286 26.14 -5.15 31.33
N LEU C 287 25.41 -6.19 31.71
CA LEU C 287 24.05 -6.29 31.23
C LEU C 287 23.07 -5.53 32.15
N LEU C 288 22.37 -4.52 31.62
CA LEU C 288 21.42 -3.76 32.38
C LEU C 288 20.03 -4.37 32.39
N GLY C 289 19.23 -3.96 33.36
CA GLY C 289 17.85 -4.40 33.49
C GLY C 289 17.11 -3.08 33.65
N ALA C 290 15.88 -2.98 33.16
CA ALA C 290 15.10 -1.76 33.30
C ALA C 290 13.63 -2.03 33.06
N SER C 291 12.77 -1.50 33.93
CA SER C 291 11.33 -1.70 33.74
C SER C 291 10.65 -0.46 33.17
N ASN C 292 11.38 0.63 33.03
CA ASN C 292 10.85 1.83 32.41
C ASN C 292 11.97 2.67 31.80
N ALA C 293 11.59 3.62 30.97
CA ALA C 293 12.54 4.43 30.26
C ALA C 293 13.39 5.36 31.10
N GLU C 294 12.88 5.78 32.24
CA GLU C 294 13.64 6.68 33.10
C GLU C 294 14.84 5.91 33.68
N GLN C 295 14.60 4.66 34.06
CA GLN C 295 15.66 3.84 34.60
C GLN C 295 16.76 3.60 33.57
N LEU C 296 16.37 3.18 32.37
CA LEU C 296 17.32 2.90 31.34
C LEU C 296 18.20 4.09 31.02
N MET C 297 17.57 5.24 30.79
CA MET C 297 18.31 6.44 30.46
C MET C 297 19.22 6.88 31.60
N GLU C 298 18.80 6.62 32.82
CA GLU C 298 19.63 6.94 33.96
C GLU C 298 20.83 6.01 33.94
N ASN C 299 20.59 4.73 33.79
CA ASN C 299 21.67 3.75 33.78
C ASN C 299 22.70 3.96 32.68
N ILE C 300 22.24 4.36 31.50
CA ILE C 300 23.15 4.58 30.41
C ILE C 300 24.11 5.71 30.73
N GLY C 301 23.67 6.57 31.65
CA GLY C 301 24.46 7.69 32.09
C GLY C 301 25.61 7.28 32.98
N ALA C 302 25.59 6.05 33.46
CA ALA C 302 26.68 5.57 34.28
C ALA C 302 28.02 5.74 33.55
N ILE C 303 28.00 5.75 32.24
CA ILE C 303 29.23 5.92 31.50
C ILE C 303 29.92 7.26 31.77
N GLN C 304 29.13 8.28 32.01
CA GLN C 304 29.66 9.58 32.27
C GLN C 304 30.45 9.60 33.56
N VAL C 305 30.00 8.81 34.52
CA VAL C 305 30.63 8.71 35.82
C VAL C 305 31.93 7.98 35.77
N LEU C 306 32.19 7.27 34.69
CA LEU C 306 33.31 6.34 34.67
C LEU C 306 34.62 7.05 34.88
N PRO C 307 34.73 8.28 34.26
CA PRO C 307 36.01 8.97 34.49
C PRO C 307 36.17 9.33 35.94
N LYS C 308 35.11 9.76 36.59
CA LYS C 308 35.24 10.25 37.94
C LYS C 308 35.55 9.21 39.00
N LEU C 309 35.87 8.00 38.59
CA LEU C 309 36.16 6.97 39.58
C LEU C 309 37.63 6.91 39.94
N SER C 310 38.09 7.90 40.68
CA SER C 310 39.49 7.98 41.10
C SER C 310 39.85 6.78 41.98
N SER C 311 41.14 6.51 42.10
CA SER C 311 41.61 5.40 42.91
C SER C 311 41.17 5.54 44.35
N SER C 312 40.98 6.76 44.79
CA SER C 312 40.57 7.05 46.15
C SER C 312 39.10 6.74 46.39
N ILE C 313 38.27 7.08 45.42
CA ILE C 313 36.85 6.87 45.55
C ILE C 313 36.66 5.38 45.65
N VAL C 314 37.36 4.67 44.80
CA VAL C 314 37.18 3.26 44.73
C VAL C 314 37.50 2.71 46.08
N HIS C 315 38.57 3.22 46.66
CA HIS C 315 38.99 2.73 47.93
C HIS C 315 37.95 3.00 48.98
N GLU C 316 37.35 4.17 48.95
CA GLU C 316 36.44 4.52 50.01
C GLU C 316 35.36 3.54 49.95
N ILE C 317 34.92 3.28 48.74
CA ILE C 317 33.83 2.34 48.54
C ILE C 317 34.19 0.99 49.10
N ASP C 318 35.44 0.59 48.94
CA ASP C 318 35.85 -0.72 49.41
C ASP C 318 35.61 -0.71 50.88
N SER C 319 35.92 0.41 51.50
CA SER C 319 35.80 0.54 52.94
C SER C 319 34.41 0.41 53.43
N ILE C 320 33.49 1.04 52.72
CA ILE C 320 32.08 0.97 53.08
C ILE C 320 31.44 -0.38 52.91
N LEU C 321 31.73 -1.05 51.81
CA LEU C 321 31.26 -2.40 51.54
C LEU C 321 31.98 -3.42 52.40
N GLY C 322 33.27 -3.23 52.63
CA GLY C 322 34.02 -4.16 53.43
C GLY C 322 34.00 -5.59 52.91
N ASN C 323 33.82 -5.74 51.61
CA ASN C 323 33.74 -7.06 51.04
C ASN C 323 34.82 -7.29 50.04
N LYS C 324 35.83 -6.46 50.04
CA LYS C 324 36.86 -6.58 49.03
C LYS C 324 37.46 -7.94 49.18
N PRO C 325 37.81 -8.57 48.01
CA PRO C 325 38.18 -9.97 48.17
C PRO C 325 39.66 -10.13 48.08
N TYR C 326 40.23 -10.97 48.94
CA TYR C 326 41.65 -11.16 48.93
C TYR C 326 42.09 -11.90 47.69
N SER C 327 43.10 -11.38 47.02
CA SER C 327 43.60 -12.03 45.82
C SER C 327 44.22 -13.41 46.10
N ASP D 65 42.63 -24.76 45.84
CA ASP D 65 42.22 -24.94 44.46
C ASP D 65 43.26 -25.70 43.70
N HIS D 66 44.51 -25.36 43.92
CA HIS D 66 45.59 -25.83 43.07
C HIS D 66 46.01 -27.27 43.23
N GLU D 67 45.50 -27.94 44.25
CA GLU D 67 45.66 -29.36 44.30
C GLU D 67 44.54 -29.90 43.44
N SER D 68 44.67 -29.66 42.14
CA SER D 68 43.70 -30.07 41.14
C SER D 68 44.39 -31.02 40.23
N SER D 69 43.74 -32.12 39.89
CA SER D 69 44.35 -33.11 39.04
C SER D 69 44.15 -32.74 37.58
N GLU D 70 44.41 -31.49 37.24
CA GLU D 70 44.18 -31.04 35.89
C GLU D 70 45.51 -30.94 35.26
N ARG D 71 45.75 -31.70 34.21
CA ARG D 71 47.09 -31.82 33.68
C ARG D 71 47.58 -30.59 33.02
N VAL D 72 48.86 -30.38 33.14
CA VAL D 72 49.58 -29.25 32.64
C VAL D 72 50.54 -29.82 31.66
N VAL D 73 50.59 -29.30 30.46
CA VAL D 73 51.55 -29.75 29.49
C VAL D 73 52.65 -28.73 29.32
N ILE D 74 53.88 -29.20 29.36
CA ILE D 74 55.02 -28.34 29.19
C ILE D 74 55.84 -28.79 28.02
N ASN D 75 56.12 -27.89 27.10
CA ASN D 75 56.83 -28.21 25.90
C ASN D 75 58.20 -27.61 25.94
N ILE D 76 59.23 -28.42 25.92
CA ILE D 76 60.57 -27.92 25.91
C ILE D 76 61.17 -28.23 24.58
N SER D 77 61.25 -27.24 23.73
CA SER D 77 61.89 -27.41 22.47
C SER D 77 61.31 -28.56 21.75
N GLY D 78 60.02 -28.74 21.88
CA GLY D 78 59.31 -29.79 21.19
C GLY D 78 59.26 -31.11 21.90
N LEU D 79 59.83 -31.18 23.08
CA LEU D 79 59.77 -32.40 23.83
C LEU D 79 58.68 -32.18 24.80
N ARG D 80 57.78 -33.14 24.92
CA ARG D 80 56.53 -32.92 25.59
C ARG D 80 56.56 -33.58 26.92
N PHE D 81 56.23 -32.81 27.94
CA PHE D 81 56.17 -33.26 29.30
C PHE D 81 54.77 -32.95 29.79
N GLU D 82 54.15 -33.84 30.54
CA GLU D 82 52.89 -33.55 31.13
C GLU D 82 52.97 -33.92 32.55
N THR D 83 52.22 -33.21 33.37
CA THR D 83 52.09 -33.56 34.75
C THR D 83 50.82 -32.93 35.24
N GLN D 84 50.45 -33.20 36.48
CA GLN D 84 49.25 -32.65 37.04
C GLN D 84 49.59 -31.36 37.63
N LEU D 85 48.60 -30.49 37.70
CA LEU D 85 48.76 -29.17 38.21
C LEU D 85 49.15 -29.22 39.67
N LYS D 86 48.63 -30.19 40.37
CA LYS D 86 48.95 -30.32 41.76
C LYS D 86 50.40 -30.62 42.01
N THR D 87 51.01 -31.36 41.12
CA THR D 87 52.40 -31.71 41.23
C THR D 87 53.30 -30.51 41.18
N LEU D 88 52.98 -29.55 40.34
CA LEU D 88 53.69 -28.28 40.27
C LEU D 88 53.46 -27.32 41.42
N ALA D 89 52.25 -27.28 41.93
CA ALA D 89 51.85 -26.35 42.95
C ALA D 89 52.45 -26.69 44.27
N GLN D 90 53.14 -27.81 44.30
CA GLN D 90 53.75 -28.31 45.49
C GLN D 90 54.77 -27.33 45.93
N PHE D 91 55.50 -26.80 44.97
CA PHE D 91 56.42 -25.73 45.28
C PHE D 91 55.97 -24.43 44.68
N PRO D 92 55.39 -23.59 45.47
CA PRO D 92 54.82 -22.37 44.92
C PRO D 92 55.84 -21.36 44.54
N GLU D 93 57.00 -21.44 45.11
CA GLU D 93 57.99 -20.44 44.88
C GLU D 93 58.41 -20.43 43.44
N THR D 94 58.49 -21.62 42.87
CA THR D 94 59.17 -21.86 41.63
C THR D 94 58.42 -21.31 40.45
N LEU D 95 59.09 -21.16 39.32
CA LEU D 95 58.44 -20.62 38.15
C LEU D 95 57.31 -21.48 37.68
N LEU D 96 57.50 -22.78 37.54
CA LEU D 96 56.40 -23.64 37.16
C LEU D 96 55.29 -23.71 38.18
N GLY D 97 55.63 -23.49 39.44
CA GLY D 97 54.61 -23.57 40.48
C GLY D 97 53.84 -22.30 40.76
N ASP D 98 54.25 -21.19 40.17
CA ASP D 98 53.60 -19.90 40.41
C ASP D 98 52.86 -19.43 39.18
N PRO D 99 51.51 -19.20 39.33
CA PRO D 99 50.79 -18.95 38.08
C PRO D 99 51.26 -17.75 37.36
N LYS D 100 51.61 -16.73 38.10
CA LYS D 100 52.04 -15.47 37.56
C LYS D 100 53.31 -15.55 36.79
N LYS D 101 54.27 -16.30 37.30
CA LYS D 101 55.54 -16.44 36.62
C LYS D 101 55.47 -17.14 35.30
N ARG D 102 54.72 -18.23 35.26
CA ARG D 102 54.64 -19.10 34.12
C ARG D 102 53.67 -18.65 33.05
N MET D 103 52.89 -17.64 33.34
CA MET D 103 51.91 -17.17 32.43
C MET D 103 52.61 -16.79 31.17
N ARG D 104 53.80 -16.29 31.32
CA ARG D 104 54.53 -15.68 30.27
C ARG D 104 54.84 -16.67 29.21
N TYR D 105 54.83 -17.96 29.54
CA TYR D 105 55.25 -18.96 28.60
C TYR D 105 54.08 -19.75 28.04
N PHE D 106 52.86 -19.39 28.41
CA PHE D 106 51.70 -20.12 27.94
C PHE D 106 51.33 -19.88 26.49
N ASP D 107 51.03 -20.94 25.76
CA ASP D 107 50.60 -20.83 24.37
C ASP D 107 49.12 -21.28 24.35
N PRO D 108 48.18 -20.32 24.27
CA PRO D 108 46.74 -20.65 24.26
C PRO D 108 46.22 -21.41 23.02
N LEU D 109 46.94 -21.37 21.91
CA LEU D 109 46.51 -22.11 20.74
C LEU D 109 46.72 -23.60 20.94
N ARG D 110 47.70 -23.96 21.75
CA ARG D 110 48.03 -25.33 21.99
C ARG D 110 47.81 -25.78 23.40
N ASN D 111 47.49 -24.88 24.30
CA ASN D 111 47.31 -25.26 25.69
C ASN D 111 48.51 -25.94 26.30
N GLU D 112 49.67 -25.33 26.16
CA GLU D 112 50.86 -25.79 26.79
C GLU D 112 51.79 -24.65 27.08
N TYR D 113 52.73 -24.83 28.01
CA TYR D 113 53.71 -23.82 28.32
C TYR D 113 54.90 -24.16 27.46
N PHE D 114 55.45 -23.19 26.74
CA PHE D 114 56.60 -23.45 25.89
C PHE D 114 57.89 -22.79 26.37
N PHE D 115 58.97 -23.57 26.39
CA PHE D 115 60.30 -23.05 26.77
C PHE D 115 61.32 -23.41 25.72
N ASP D 116 61.95 -22.40 25.14
CA ASP D 116 62.99 -22.58 24.11
C ASP D 116 64.32 -22.83 24.84
N ARG D 117 64.40 -23.94 25.55
CA ARG D 117 65.55 -24.26 26.36
C ARG D 117 66.05 -25.68 26.23
N ASN D 118 67.14 -25.94 26.98
CA ASN D 118 67.84 -27.23 27.03
C ASN D 118 66.89 -28.38 27.30
N ARG D 119 66.89 -29.38 26.41
CA ARG D 119 66.10 -30.59 26.55
C ARG D 119 66.43 -31.67 27.58
N PRO D 120 67.67 -32.13 27.67
CA PRO D 120 68.06 -33.18 28.60
C PRO D 120 67.91 -32.75 30.05
N SER D 121 68.07 -31.48 30.33
CA SER D 121 67.92 -31.05 31.71
C SER D 121 66.52 -31.18 32.32
N PHE D 122 65.46 -30.91 31.53
CA PHE D 122 64.11 -30.87 32.04
C PHE D 122 63.55 -32.09 32.70
N ASP D 123 63.94 -33.24 32.22
CA ASP D 123 63.53 -34.50 32.80
C ASP D 123 63.74 -34.44 34.31
N ALA D 124 64.95 -34.02 34.71
CA ALA D 124 65.35 -33.91 36.10
C ALA D 124 64.58 -32.81 36.83
N ILE D 125 64.35 -31.70 36.15
CA ILE D 125 63.58 -30.63 36.76
C ILE D 125 62.16 -31.10 37.11
N LEU D 126 61.50 -31.81 36.23
CA LEU D 126 60.18 -32.32 36.56
C LEU D 126 60.13 -33.35 37.66
N TYR D 127 61.11 -34.23 37.75
CA TYR D 127 61.10 -35.21 38.78
C TYR D 127 61.31 -34.58 40.13
N TYR D 128 61.91 -33.41 40.14
CA TYR D 128 62.11 -32.71 41.39
C TYR D 128 60.76 -32.47 41.95
N TYR D 129 59.84 -32.05 41.12
CA TYR D 129 58.48 -31.87 41.61
C TYR D 129 57.80 -33.20 41.85
N GLN D 130 58.05 -34.17 40.99
CA GLN D 130 57.40 -35.47 41.14
C GLN D 130 57.85 -36.29 42.34
N SER D 131 59.16 -36.37 42.56
CA SER D 131 59.74 -37.12 43.66
C SER D 131 59.48 -36.37 44.97
N GLY D 132 59.24 -35.07 44.88
CA GLY D 132 58.96 -34.31 46.07
C GLY D 132 60.16 -33.58 46.63
N GLY D 133 61.21 -33.47 45.85
CA GLY D 133 62.38 -32.75 46.31
C GLY D 133 63.71 -33.22 45.75
N ARG D 134 63.77 -34.40 45.17
CA ARG D 134 65.03 -34.92 44.62
C ARG D 134 65.46 -34.20 43.38
N LEU D 135 66.65 -33.62 43.43
CA LEU D 135 67.21 -32.90 42.31
C LEU D 135 68.55 -33.52 41.89
N ARG D 136 68.51 -34.45 40.95
CA ARG D 136 69.71 -35.13 40.47
C ARG D 136 70.03 -34.65 39.08
N ARG D 137 71.31 -34.40 38.84
CA ARG D 137 71.75 -33.96 37.55
C ARG D 137 71.86 -35.17 36.65
N PRO D 138 71.33 -35.07 35.42
CA PRO D 138 71.42 -36.22 34.53
C PRO D 138 72.90 -36.46 34.19
N VAL D 139 73.29 -37.72 34.22
CA VAL D 139 74.67 -38.11 33.95
C VAL D 139 75.23 -37.50 32.68
N ASN D 140 74.36 -37.41 31.69
CA ASN D 140 74.68 -36.86 30.41
C ASN D 140 74.82 -35.37 30.37
N VAL D 141 74.40 -34.69 31.42
CA VAL D 141 74.30 -33.25 31.37
C VAL D 141 75.37 -32.52 32.11
N PRO D 142 75.97 -31.57 31.43
CA PRO D 142 77.04 -30.80 32.02
C PRO D 142 76.58 -30.07 33.24
N LEU D 143 77.47 -29.98 34.19
CA LEU D 143 77.19 -29.36 35.45
C LEU D 143 76.89 -27.89 35.35
N ASP D 144 77.54 -27.18 34.45
CA ASP D 144 77.25 -25.76 34.30
C ASP D 144 75.88 -25.49 33.65
N ILE D 145 75.54 -26.33 32.67
CA ILE D 145 74.28 -26.21 31.97
C ILE D 145 73.16 -26.54 32.94
N PHE D 146 73.28 -27.64 33.64
CA PHE D 146 72.24 -28.01 34.56
C PHE D 146 71.98 -27.01 35.66
N SER D 147 73.02 -26.34 36.13
CA SER D 147 72.80 -25.40 37.20
C SER D 147 72.12 -24.16 36.65
N GLU D 148 72.38 -23.83 35.40
CA GLU D 148 71.73 -22.67 34.81
C GLU D 148 70.22 -22.92 34.72
N GLU D 149 69.84 -24.16 34.47
CA GLU D 149 68.42 -24.49 34.38
C GLU D 149 67.80 -24.41 35.75
N ILE D 150 68.48 -24.90 36.77
CA ILE D 150 67.96 -24.84 38.13
C ILE D 150 67.66 -23.39 38.47
N ARG D 151 68.54 -22.52 38.02
CA ARG D 151 68.39 -21.11 38.27
C ARG D 151 67.19 -20.53 37.51
N PHE D 152 67.06 -20.85 36.24
CA PHE D 152 65.95 -20.35 35.42
C PHE D 152 64.59 -20.77 35.95
N TYR D 153 64.45 -22.05 36.25
CA TYR D 153 63.20 -22.55 36.74
C TYR D 153 62.98 -22.16 38.18
N GLU D 154 63.88 -21.33 38.69
CA GLU D 154 63.83 -20.81 40.04
C GLU D 154 63.53 -21.82 41.10
N LEU D 155 64.28 -22.90 41.16
CA LEU D 155 64.10 -23.89 42.20
C LEU D 155 64.41 -23.39 43.60
N GLY D 156 65.43 -22.55 43.75
CA GLY D 156 65.71 -21.96 45.05
C GLY D 156 66.94 -22.44 45.77
N GLU D 157 67.36 -21.69 46.78
CA GLU D 157 68.63 -21.95 47.40
C GLU D 157 68.76 -23.30 48.06
N GLU D 158 67.73 -23.73 48.79
CA GLU D 158 67.87 -24.98 49.52
C GLU D 158 68.11 -26.05 48.49
N ALA D 159 67.36 -25.99 47.41
CA ALA D 159 67.52 -26.98 46.38
C ALA D 159 68.90 -26.80 45.85
N MET D 160 69.27 -25.55 45.64
CA MET D 160 70.55 -25.29 45.04
C MET D 160 71.65 -25.78 45.94
N GLU D 161 71.55 -25.50 47.23
CA GLU D 161 72.57 -25.93 48.14
C GLU D 161 72.61 -27.44 48.18
N MET D 162 71.44 -28.04 48.30
CA MET D 162 71.40 -29.48 48.47
C MET D 162 71.97 -30.07 47.23
N PHE D 163 71.64 -29.49 46.10
CA PHE D 163 72.15 -30.01 44.85
C PHE D 163 73.66 -29.88 44.86
N ARG D 164 74.15 -28.73 45.28
CA ARG D 164 75.57 -28.50 45.16
C ARG D 164 76.25 -29.54 46.00
N GLU D 165 75.75 -29.74 47.20
CA GLU D 165 76.43 -30.57 48.15
C GLU D 165 76.57 -31.96 47.60
N ASP D 166 75.52 -32.46 47.02
CA ASP D 166 75.57 -33.78 46.44
C ASP D 166 76.57 -33.75 45.35
N GLU D 167 76.61 -32.65 44.63
CA GLU D 167 77.64 -32.44 43.63
C GLU D 167 79.06 -32.30 44.16
N GLY D 168 79.24 -31.65 45.31
CA GLY D 168 80.59 -31.50 45.84
C GLY D 168 81.11 -30.14 46.21
N TYR D 169 80.33 -29.31 46.88
CA TYR D 169 80.85 -27.99 47.18
C TYR D 169 80.44 -27.48 48.55
N ILE D 170 81.29 -26.68 49.18
CA ILE D 170 81.01 -26.20 50.51
C ILE D 170 80.70 -24.73 50.57
N PHE D 182 92.20 -0.63 60.50
CA PHE D 182 93.40 -1.16 61.12
C PHE D 182 93.52 -2.66 60.99
N GLN D 183 92.77 -3.38 61.81
CA GLN D 183 92.81 -4.84 61.79
C GLN D 183 92.63 -5.43 60.41
N ARG D 184 91.57 -5.00 59.70
CA ARG D 184 91.28 -5.49 58.37
C ARG D 184 92.46 -5.31 57.42
N GLN D 185 93.27 -4.29 57.68
CA GLN D 185 94.43 -4.00 56.85
C GLN D 185 95.58 -4.96 57.14
N VAL D 186 95.81 -5.25 58.41
CA VAL D 186 96.88 -6.15 58.83
C VAL D 186 96.53 -7.59 58.51
N TRP D 187 95.28 -7.95 58.75
CA TRP D 187 94.79 -9.29 58.50
C TRP D 187 94.86 -9.68 57.04
N LEU D 188 94.70 -8.70 56.15
CA LEU D 188 94.74 -8.95 54.71
C LEU D 188 96.11 -9.29 54.13
N LEU D 189 97.17 -8.83 54.76
CA LEU D 189 98.52 -9.14 54.28
C LEU D 189 99.23 -10.20 55.12
N PHE D 190 98.46 -10.86 55.99
CA PHE D 190 98.98 -11.92 56.84
C PHE D 190 98.34 -13.27 56.56
N GLU D 191 97.32 -13.27 55.70
CA GLU D 191 96.55 -14.47 55.40
C GLU D 191 96.09 -14.47 53.95
N TYR D 192 96.02 -13.30 53.35
CA TYR D 192 95.59 -13.17 51.97
C TYR D 192 96.74 -12.57 51.17
N PRO D 193 97.76 -13.37 50.87
CA PRO D 193 98.95 -12.98 50.12
C PRO D 193 98.69 -12.27 48.80
N GLU D 194 97.48 -12.39 48.28
CA GLU D 194 97.13 -11.74 47.02
C GLU D 194 96.47 -10.39 47.22
N SER D 195 96.21 -10.04 48.47
CA SER D 195 95.59 -8.76 48.77
C SER D 195 96.40 -7.61 48.21
N SER D 196 97.71 -7.81 48.11
CA SER D 196 98.60 -6.78 47.59
C SER D 196 100.03 -7.26 47.40
N GLY D 197 100.85 -6.42 46.82
CA GLY D 197 102.24 -6.75 46.60
C GLY D 197 102.93 -7.03 47.92
N PRO D 198 102.76 -6.16 48.92
CA PRO D 198 103.39 -6.37 50.23
C PRO D 198 102.93 -7.65 50.90
N ALA D 199 101.68 -8.02 50.64
CA ALA D 199 101.13 -9.24 51.19
C ALA D 199 101.95 -10.43 50.72
N ARG D 200 102.31 -10.42 49.45
CA ARG D 200 103.11 -11.48 48.86
C ARG D 200 104.48 -11.53 49.52
N ILE D 201 104.98 -10.38 49.91
CA ILE D 201 106.30 -10.32 50.48
C ILE D 201 106.32 -11.19 51.71
N ILE D 202 105.31 -11.05 52.55
CA ILE D 202 105.32 -11.75 53.81
C ILE D 202 105.37 -13.23 53.50
N ALA D 203 104.61 -13.63 52.50
CA ALA D 203 104.46 -15.04 52.22
C ALA D 203 105.84 -15.57 51.90
N ILE D 204 106.61 -14.82 51.14
CA ILE D 204 107.97 -15.25 50.87
C ILE D 204 108.78 -15.28 52.16
N VAL D 205 108.61 -14.28 53.00
CA VAL D 205 109.43 -14.24 54.18
C VAL D 205 109.10 -15.48 54.96
N SER D 206 107.82 -15.76 55.09
CA SER D 206 107.44 -16.90 55.86
C SER D 206 108.05 -18.12 55.25
N VAL D 207 108.12 -18.19 53.93
CA VAL D 207 108.59 -19.44 53.37
C VAL D 207 110.11 -19.55 53.53
N MET D 208 110.79 -18.45 53.28
CA MET D 208 112.23 -18.41 53.41
C MET D 208 112.69 -18.71 54.83
N VAL D 209 112.00 -18.10 55.79
CA VAL D 209 112.33 -18.30 57.19
C VAL D 209 112.08 -19.74 57.60
N ILE D 210 111.01 -20.32 57.09
CA ILE D 210 110.69 -21.69 57.40
C ILE D 210 111.78 -22.60 56.85
N LEU D 211 112.10 -22.43 55.58
CA LEU D 211 113.13 -23.23 54.97
C LEU D 211 114.47 -23.08 55.68
N ILE D 212 114.76 -21.88 56.13
CA ILE D 212 116.00 -21.64 56.83
C ILE D 212 116.01 -22.31 58.19
N SER D 213 114.88 -22.28 58.87
CA SER D 213 114.80 -22.90 60.19
C SER D 213 114.96 -24.39 60.10
N ILE D 214 114.63 -24.96 58.94
CA ILE D 214 114.75 -26.38 58.72
C ILE D 214 116.21 -26.74 58.47
N VAL D 215 116.81 -26.05 57.51
CA VAL D 215 118.20 -26.27 57.17
C VAL D 215 119.09 -26.12 58.39
N SER D 216 118.84 -25.09 59.18
CA SER D 216 119.62 -24.84 60.38
C SER D 216 119.43 -25.97 61.38
N PHE D 217 118.19 -26.38 61.57
CA PHE D 217 117.86 -27.45 62.50
C PHE D 217 118.61 -28.71 62.15
N CYS D 218 118.70 -28.99 60.86
CA CYS D 218 119.41 -30.17 60.38
C CYS D 218 120.92 -30.09 60.54
N LEU D 219 121.50 -28.97 60.13
CA LEU D 219 122.94 -28.78 60.25
C LEU D 219 123.45 -28.91 61.68
N GLU D 220 122.56 -28.70 62.64
CA GLU D 220 122.92 -28.80 64.05
C GLU D 220 123.39 -30.19 64.42
N THR D 221 123.06 -31.16 63.59
CA THR D 221 123.43 -32.54 63.86
C THR D 221 124.66 -33.01 63.09
N LEU D 222 125.16 -32.17 62.21
CA LEU D 222 126.35 -32.51 61.42
C LEU D 222 127.57 -32.65 62.33
N PRO D 223 128.34 -33.74 62.20
CA PRO D 223 129.52 -33.94 63.04
C PRO D 223 130.55 -32.82 62.95
N ILE D 224 130.69 -32.23 61.76
CA ILE D 224 131.64 -31.14 61.58
C ILE D 224 131.40 -30.05 62.60
N PHE D 225 130.15 -29.88 63.00
CA PHE D 225 129.79 -28.86 63.96
C PHE D 225 129.70 -29.37 65.40
N ARG D 226 128.85 -30.36 65.63
CA ARG D 226 128.70 -30.88 66.97
C ARG D 226 129.89 -31.64 67.54
N ASP D 257 126.89 -18.57 69.81
CA ASP D 257 126.53 -19.69 68.96
C ASP D 257 125.69 -19.25 67.76
N PRO D 258 126.21 -19.43 66.54
CA PRO D 258 125.47 -19.03 65.34
C PRO D 258 124.13 -19.77 65.19
N PHE D 259 124.08 -20.99 65.69
CA PHE D 259 122.85 -21.76 65.63
C PHE D 259 121.75 -21.17 66.45
N PHE D 260 122.08 -20.73 67.65
CA PHE D 260 121.05 -20.16 68.49
C PHE D 260 120.53 -18.93 67.80
N ILE D 261 121.44 -18.17 67.20
CA ILE D 261 121.02 -16.90 66.66
C ILE D 261 119.97 -17.13 65.62
N VAL D 262 120.25 -18.03 64.68
CA VAL D 262 119.30 -18.22 63.62
C VAL D 262 118.06 -18.81 64.22
N GLU D 263 118.24 -19.76 65.11
CA GLU D 263 117.08 -20.43 65.61
C GLU D 263 116.27 -19.30 66.20
N THR D 264 116.95 -18.42 66.92
CA THR D 264 116.25 -17.33 67.56
C THR D 264 115.58 -16.39 66.58
N LEU D 265 116.28 -16.00 65.52
CA LEU D 265 115.71 -15.02 64.61
C LEU D 265 114.48 -15.67 64.06
N CYS D 266 114.65 -16.91 63.66
CA CYS D 266 113.52 -17.64 63.07
C CYS D 266 112.33 -17.68 64.02
N ILE D 267 112.59 -17.97 65.28
CA ILE D 267 111.52 -18.03 66.26
C ILE D 267 110.95 -16.64 66.55
N ILE D 268 111.74 -15.60 66.31
CA ILE D 268 111.27 -14.24 66.52
C ILE D 268 110.17 -13.98 65.49
N TRP D 269 110.44 -14.33 64.23
CA TRP D 269 109.43 -14.17 63.22
C TRP D 269 108.23 -15.07 63.44
N PHE D 270 108.47 -16.33 63.74
CA PHE D 270 107.36 -17.26 63.94
C PHE D 270 106.47 -16.73 65.07
N SER D 271 107.11 -16.17 66.09
CA SER D 271 106.38 -15.60 67.22
C SER D 271 105.63 -14.37 66.74
N PHE D 272 106.24 -13.64 65.83
CA PHE D 272 105.66 -12.44 65.27
C PHE D 272 104.35 -12.76 64.53
N GLU D 273 104.43 -13.66 63.57
CA GLU D 273 103.25 -14.06 62.80
C GLU D 273 102.10 -14.49 63.70
N PHE D 274 102.39 -15.41 64.62
CA PHE D 274 101.40 -15.93 65.54
C PHE D 274 100.69 -14.83 66.30
N LEU D 275 101.47 -13.88 66.79
CA LEU D 275 100.92 -12.76 67.53
C LEU D 275 100.09 -11.85 66.61
N VAL D 276 100.69 -11.45 65.49
CA VAL D 276 100.01 -10.59 64.54
C VAL D 276 98.69 -11.18 64.06
N ARG D 277 98.65 -12.49 63.92
CA ARG D 277 97.43 -13.17 63.49
C ARG D 277 96.41 -13.25 64.60
N PHE D 278 96.86 -13.41 65.83
CA PHE D 278 95.98 -13.53 66.98
C PHE D 278 95.28 -12.21 67.34
N PHE D 279 95.88 -11.10 66.96
CA PHE D 279 95.29 -9.81 67.26
C PHE D 279 94.64 -9.14 66.06
N PHE D 287 89.93 -19.60 66.68
CA PHE D 287 91.36 -19.52 66.45
C PHE D 287 92.07 -20.84 66.67
N PHE D 288 92.09 -21.30 67.91
CA PHE D 288 92.74 -22.56 68.25
C PHE D 288 92.08 -23.77 67.63
N THR D 289 91.14 -23.51 66.73
CA THR D 289 90.34 -24.56 66.11
C THR D 289 90.93 -24.78 64.74
N ASN D 290 91.50 -23.71 64.20
CA ASN D 290 92.14 -23.77 62.89
C ASN D 290 93.46 -24.51 63.05
N ILE D 291 93.60 -25.58 62.29
CA ILE D 291 94.81 -26.39 62.37
C ILE D 291 96.04 -25.56 62.03
N MET D 292 95.84 -24.55 61.19
CA MET D 292 96.90 -23.66 60.75
C MET D 292 97.52 -22.91 61.90
N ASN D 293 96.67 -22.46 62.81
CA ASN D 293 97.12 -21.73 63.97
C ASN D 293 97.80 -22.68 64.94
N ILE D 294 97.22 -23.86 65.10
CA ILE D 294 97.78 -24.82 65.99
C ILE D 294 99.16 -25.09 65.48
N ILE D 295 99.31 -25.11 64.18
CA ILE D 295 100.61 -25.41 63.64
C ILE D 295 101.54 -24.34 64.14
N ASP D 296 101.10 -23.11 64.07
CA ASP D 296 102.00 -22.06 64.46
C ASP D 296 102.42 -22.18 65.90
N ILE D 297 101.50 -22.52 66.77
CA ILE D 297 101.79 -22.55 68.19
C ILE D 297 102.90 -23.53 68.39
N VAL D 298 102.75 -24.65 67.72
CA VAL D 298 103.64 -25.77 67.89
C VAL D 298 105.03 -25.42 67.36
N ALA D 299 105.08 -24.52 66.41
CA ALA D 299 106.33 -24.09 65.80
C ALA D 299 107.23 -23.27 66.71
N ILE D 300 106.64 -22.73 67.76
CA ILE D 300 107.39 -21.84 68.63
C ILE D 300 107.52 -22.38 70.03
N ILE D 301 106.69 -23.34 70.34
CA ILE D 301 106.58 -23.80 71.69
C ILE D 301 107.88 -24.39 72.20
N PRO D 302 108.60 -25.16 71.29
CA PRO D 302 109.76 -25.84 71.88
C PRO D 302 110.80 -24.87 72.39
N TYR D 303 110.94 -23.78 71.64
CA TYR D 303 111.96 -22.80 71.90
C TYR D 303 111.85 -22.16 73.27
N TYR D 304 110.67 -21.58 73.47
CA TYR D 304 110.32 -20.78 74.63
C TYR D 304 110.32 -21.57 75.89
N VAL D 305 109.73 -22.76 75.83
CA VAL D 305 109.66 -23.63 76.99
C VAL D 305 111.03 -24.15 77.38
N THR D 306 111.98 -24.08 76.44
CA THR D 306 113.34 -24.54 76.69
C THR D 306 114.01 -23.72 77.79
N ILE D 307 113.78 -22.42 77.77
CA ILE D 307 114.36 -21.53 78.77
C ILE D 307 113.72 -21.74 80.13
N VAL D 322 115.43 -36.24 83.09
CA VAL D 322 115.73 -34.87 83.48
C VAL D 322 115.87 -33.96 82.26
N ARG D 323 117.08 -33.81 81.77
CA ARG D 323 117.32 -32.98 80.62
C ARG D 323 116.60 -33.59 79.43
N ARG D 324 116.31 -34.88 79.52
CA ARG D 324 115.76 -35.61 78.40
C ARG D 324 114.47 -34.97 77.97
N VAL D 325 113.76 -34.37 78.91
CA VAL D 325 112.46 -33.80 78.61
C VAL D 325 112.69 -32.82 77.50
N VAL D 326 113.79 -32.11 77.58
CA VAL D 326 114.23 -31.32 76.45
C VAL D 326 114.24 -32.18 75.20
N GLN D 327 114.98 -33.27 75.25
CA GLN D 327 115.18 -34.00 74.00
C GLN D 327 113.87 -34.16 73.24
N ILE D 328 112.78 -34.42 73.94
CA ILE D 328 111.49 -34.58 73.31
C ILE D 328 111.10 -33.30 72.57
N PHE D 329 111.36 -32.16 73.18
CA PHE D 329 111.02 -30.88 72.54
C PHE D 329 111.95 -30.50 71.41
N ARG D 330 113.15 -31.07 71.40
CA ARG D 330 114.06 -30.77 70.31
C ARG D 330 113.51 -31.44 69.07
N ILE D 331 113.01 -32.67 69.23
CA ILE D 331 112.45 -33.43 68.14
C ILE D 331 111.17 -32.75 67.63
N MET D 332 110.44 -32.15 68.54
CA MET D 332 109.20 -31.44 68.21
C MET D 332 109.44 -30.26 67.30
N ARG D 333 110.66 -29.73 67.35
CA ARG D 333 111.02 -28.59 66.52
C ARG D 333 110.84 -28.85 65.03
N ILE D 334 110.97 -30.10 64.61
CA ILE D 334 110.85 -30.43 63.20
C ILE D 334 109.44 -30.22 62.66
N LEU D 335 108.45 -30.14 63.53
CA LEU D 335 107.09 -29.93 63.10
C LEU D 335 106.95 -28.59 62.42
N ARG D 336 107.99 -27.77 62.53
CA ARG D 336 107.98 -26.47 61.90
C ARG D 336 107.87 -26.65 60.40
N ILE D 337 108.10 -27.86 59.95
CA ILE D 337 108.03 -28.18 58.53
C ILE D 337 106.60 -27.94 58.04
N PHE D 338 105.65 -28.28 58.89
CA PHE D 338 104.24 -28.12 58.56
C PHE D 338 103.74 -26.71 58.48
N LYS D 339 104.65 -25.75 58.66
CA LYS D 339 104.29 -24.35 58.57
C LYS D 339 104.15 -24.03 57.10
N LEU D 340 104.72 -24.88 56.27
CA LEU D 340 104.65 -24.70 54.84
C LEU D 340 103.26 -24.99 54.29
N SER D 341 102.45 -25.69 55.07
CA SER D 341 101.11 -26.04 54.65
C SER D 341 100.21 -24.83 54.47
N ARG D 342 100.64 -23.69 54.99
CA ARG D 342 99.86 -22.47 54.86
C ARG D 342 100.13 -21.84 53.51
N HIS D 343 101.22 -22.25 52.90
CA HIS D 343 101.65 -21.64 51.67
C HIS D 343 101.77 -22.60 50.52
N SER D 344 101.49 -23.87 50.77
CA SER D 344 101.42 -24.82 49.69
C SER D 344 100.03 -25.37 49.68
N LYS D 345 99.32 -25.17 48.60
CA LYS D 345 98.00 -25.71 48.52
C LYS D 345 98.12 -27.21 48.51
N GLY D 346 99.07 -27.71 47.76
CA GLY D 346 99.09 -29.14 47.55
C GLY D 346 99.27 -29.78 48.89
N LEU D 347 100.10 -29.17 49.72
CA LEU D 347 100.42 -29.67 51.03
C LEU D 347 99.10 -29.74 51.73
N GLN D 348 98.28 -28.77 51.40
CA GLN D 348 96.94 -28.68 51.99
C GLN D 348 95.98 -29.74 51.48
N ILE D 349 95.93 -29.94 50.17
CA ILE D 349 95.02 -30.91 49.59
C ILE D 349 95.38 -32.29 50.11
N LEU D 350 96.68 -32.53 50.22
CA LEU D 350 97.21 -33.79 50.71
C LEU D 350 96.63 -34.12 52.08
N GLY D 351 96.62 -33.13 52.96
CA GLY D 351 96.07 -33.35 54.29
C GLY D 351 94.66 -33.90 54.18
N GLN D 352 93.76 -33.10 53.61
CA GLN D 352 92.36 -33.48 53.45
C GLN D 352 92.24 -34.89 52.88
N THR D 353 93.16 -35.24 51.99
CA THR D 353 93.19 -36.55 51.38
C THR D 353 93.40 -37.60 52.44
N LEU D 354 94.35 -37.37 53.32
CA LEU D 354 94.59 -38.33 54.37
C LEU D 354 93.35 -38.38 55.21
N LYS D 355 92.91 -37.21 55.65
CA LYS D 355 91.72 -37.13 56.49
C LYS D 355 90.55 -37.91 55.92
N ALA D 356 90.33 -37.78 54.63
CA ALA D 356 89.23 -38.49 53.97
C ALA D 356 89.56 -39.96 53.74
N SER D 357 90.81 -40.33 54.01
CA SER D 357 91.23 -41.71 53.82
C SER D 357 91.68 -42.31 55.13
N MET D 358 91.27 -41.68 56.23
CA MET D 358 91.61 -42.16 57.55
C MET D 358 91.23 -43.62 57.69
N ARG D 359 89.95 -43.90 57.47
CA ARG D 359 89.45 -45.25 57.58
C ARG D 359 90.25 -46.24 56.76
N GLU D 360 90.64 -45.88 55.54
CA GLU D 360 91.40 -46.80 54.70
C GLU D 360 92.85 -46.99 55.15
N LEU D 361 93.48 -45.89 55.55
CA LEU D 361 94.86 -45.96 56.02
C LEU D 361 94.91 -46.96 57.16
N GLY D 362 93.98 -46.84 58.09
CA GLY D 362 93.93 -47.77 59.20
C GLY D 362 93.73 -49.19 58.70
N LEU D 363 92.95 -49.36 57.63
CA LEU D 363 92.67 -50.68 57.08
C LEU D 363 93.89 -51.20 56.33
N LEU D 364 94.98 -50.44 56.38
CA LEU D 364 96.24 -50.85 55.74
C LEU D 364 97.16 -51.17 56.91
N ILE D 365 97.19 -50.25 57.87
CA ILE D 365 98.00 -50.41 59.05
C ILE D 365 97.58 -51.70 59.72
N PHE D 366 96.27 -51.91 59.84
CA PHE D 366 95.72 -53.11 60.47
C PHE D 366 96.13 -54.37 59.70
N PHE D 367 95.77 -54.44 58.42
CA PHE D 367 96.12 -55.60 57.63
C PHE D 367 97.59 -55.97 57.73
N LEU D 368 98.45 -54.95 57.63
CA LEU D 368 99.88 -55.15 57.74
C LEU D 368 100.20 -55.91 59.03
N PHE D 369 99.81 -55.32 60.15
CA PHE D 369 100.04 -55.92 61.47
C PHE D 369 99.60 -57.39 61.53
N ILE D 370 98.51 -57.73 60.85
CA ILE D 370 98.07 -59.13 60.85
C ILE D 370 99.12 -59.89 60.07
N GLY D 371 99.59 -59.26 58.99
CA GLY D 371 100.60 -59.86 58.14
C GLY D 371 101.95 -60.04 58.80
N VAL D 372 102.42 -58.99 59.46
CA VAL D 372 103.69 -59.02 60.15
C VAL D 372 103.68 -60.07 61.25
N ILE D 373 102.67 -60.06 62.10
CA ILE D 373 102.64 -61.06 63.15
C ILE D 373 102.57 -62.44 62.51
N LEU D 374 101.67 -62.61 61.57
CA LEU D 374 101.50 -63.88 60.89
C LEU D 374 102.78 -64.37 60.24
N PHE D 375 103.47 -63.47 59.55
CA PHE D 375 104.70 -63.81 58.85
C PHE D 375 105.97 -63.92 59.69
N SER D 376 106.12 -63.03 60.66
CA SER D 376 107.28 -63.06 61.51
C SER D 376 107.26 -64.33 62.37
N SER D 377 106.06 -64.86 62.62
CA SER D 377 105.87 -66.09 63.40
C SER D 377 106.31 -67.29 62.57
N ALA D 378 105.82 -67.35 61.34
CA ALA D 378 106.13 -68.43 60.43
C ALA D 378 107.62 -68.53 60.16
N VAL D 379 108.19 -67.50 59.55
CA VAL D 379 109.61 -67.51 59.24
C VAL D 379 110.47 -67.69 60.49
N TYR D 380 109.89 -67.46 61.66
CA TYR D 380 110.64 -67.62 62.91
C TYR D 380 110.82 -69.08 63.29
N PHE D 381 109.74 -69.84 63.18
CA PHE D 381 109.77 -71.27 63.49
C PHE D 381 110.39 -71.99 62.32
N ALA D 382 110.50 -71.30 61.18
CA ALA D 382 111.10 -71.90 60.00
C ALA D 382 112.61 -71.93 60.18
N GLU D 383 113.17 -70.84 60.66
CA GLU D 383 114.61 -70.72 60.76
C GLU D 383 115.09 -70.94 62.18
N ALA D 384 114.21 -71.40 63.04
CA ALA D 384 114.53 -71.53 64.45
C ALA D 384 115.65 -72.50 64.68
N ASP D 385 115.63 -73.58 63.92
CA ASP D 385 116.53 -74.69 64.12
C ASP D 385 117.93 -74.36 63.71
N GLU D 386 118.10 -73.21 63.08
CA GLU D 386 119.37 -72.85 62.48
C GLU D 386 120.42 -72.28 63.42
N ARG D 387 121.67 -72.64 63.18
CA ARG D 387 122.76 -72.13 63.97
C ARG D 387 122.90 -70.72 63.43
N ASP D 388 122.87 -70.63 62.11
CA ASP D 388 122.99 -69.36 61.39
C ASP D 388 121.64 -68.65 61.23
N SER D 389 120.79 -68.68 62.25
CA SER D 389 119.50 -68.00 62.13
C SER D 389 119.65 -66.56 62.55
N GLN D 390 118.99 -65.67 61.82
CA GLN D 390 119.05 -64.25 62.11
C GLN D 390 117.77 -63.77 62.77
N PHE D 391 117.01 -64.70 63.31
CA PHE D 391 115.76 -64.34 63.95
C PHE D 391 115.75 -64.75 65.41
N PRO D 392 116.26 -63.89 66.31
CA PRO D 392 116.29 -64.18 67.75
C PRO D 392 114.91 -64.53 68.26
N SER D 393 113.97 -63.64 67.97
CA SER D 393 112.58 -63.83 68.40
C SER D 393 111.62 -63.31 67.35
N ILE D 394 110.35 -63.64 67.53
CA ILE D 394 109.31 -63.19 66.64
C ILE D 394 109.33 -61.66 66.61
N PRO D 395 109.23 -61.00 67.78
CA PRO D 395 109.26 -59.54 67.71
C PRO D 395 110.49 -59.08 66.94
N ASP D 396 111.60 -59.78 67.12
CA ASP D 396 112.82 -59.43 66.43
C ASP D 396 112.66 -59.55 64.94
N ALA D 397 111.85 -60.51 64.51
CA ALA D 397 111.61 -60.74 63.10
C ALA D 397 110.61 -59.76 62.48
N PHE D 398 109.91 -59.00 63.33
CA PHE D 398 108.95 -58.03 62.81
C PHE D 398 109.66 -57.19 61.77
N TRP D 399 110.80 -56.61 62.13
CA TRP D 399 111.56 -55.77 61.21
C TRP D 399 111.75 -56.38 59.82
N TRP D 400 111.98 -57.67 59.76
CA TRP D 400 112.12 -58.35 58.48
C TRP D 400 110.82 -58.34 57.74
N ALA D 401 109.76 -58.54 58.48
CA ALA D 401 108.42 -58.59 57.92
C ALA D 401 108.08 -57.33 57.16
N VAL D 402 108.15 -56.20 57.84
CA VAL D 402 107.85 -54.93 57.18
C VAL D 402 108.76 -54.73 55.98
N VAL D 403 110.07 -54.85 56.20
CA VAL D 403 111.04 -54.67 55.14
C VAL D 403 110.71 -55.50 53.89
N SER D 404 110.30 -56.75 54.09
CA SER D 404 109.95 -57.66 53.01
C SER D 404 108.65 -57.31 52.29
N MET D 405 107.58 -57.11 53.07
CA MET D 405 106.27 -56.78 52.51
C MET D 405 106.29 -55.48 51.73
N THR D 406 106.87 -54.45 52.31
CA THR D 406 106.96 -53.16 51.65
C THR D 406 108.01 -53.26 50.54
N THR D 407 108.65 -54.41 50.47
CA THR D 407 109.68 -54.74 49.48
C THR D 407 110.96 -53.93 49.53
N VAL D 408 111.18 -53.17 50.59
CA VAL D 408 112.40 -52.40 50.68
C VAL D 408 113.58 -53.38 50.60
N GLY D 409 113.48 -54.47 51.35
CA GLY D 409 114.49 -55.50 51.34
C GLY D 409 115.92 -55.08 51.58
N TYR D 410 116.17 -54.44 52.71
CA TYR D 410 117.50 -54.00 53.06
C TYR D 410 118.44 -55.20 52.99
N GLY D 411 117.94 -56.35 53.43
CA GLY D 411 118.74 -57.56 53.43
C GLY D 411 119.66 -57.65 54.63
N ASP D 412 119.21 -57.07 55.72
CA ASP D 412 119.95 -57.11 56.96
C ASP D 412 119.52 -58.31 57.76
N MET D 413 118.48 -58.99 57.31
CA MET D 413 118.01 -60.20 57.94
C MET D 413 117.41 -60.91 56.79
N VAL D 414 117.74 -62.18 56.59
CA VAL D 414 117.12 -62.90 55.52
C VAL D 414 117.05 -64.36 55.90
N PRO D 415 116.06 -65.08 55.43
CA PRO D 415 115.99 -66.49 55.79
C PRO D 415 117.14 -67.30 55.17
N THR D 416 117.69 -68.24 55.95
CA THR D 416 118.78 -69.10 55.45
C THR D 416 118.21 -70.48 55.10
N THR D 417 117.23 -70.94 55.88
CA THR D 417 116.56 -72.22 55.69
C THR D 417 115.59 -72.27 54.53
N ILE D 418 115.51 -73.40 53.85
CA ILE D 418 114.54 -73.57 52.77
C ILE D 418 113.16 -73.29 53.33
N GLY D 419 112.98 -73.55 54.62
CA GLY D 419 111.69 -73.31 55.22
C GLY D 419 111.42 -71.84 55.09
N GLY D 420 112.29 -71.07 55.75
CA GLY D 420 112.19 -69.61 55.75
C GLY D 420 112.16 -68.95 54.38
N LYS D 421 112.80 -69.58 53.40
CA LYS D 421 112.82 -69.02 52.06
C LYS D 421 111.48 -69.21 51.35
N ILE D 422 110.73 -70.22 51.74
CA ILE D 422 109.42 -70.45 51.15
C ILE D 422 108.46 -69.47 51.80
N VAL D 423 108.55 -69.37 53.13
CA VAL D 423 107.70 -68.45 53.88
C VAL D 423 107.90 -67.04 53.40
N GLY D 424 109.11 -66.55 53.58
CA GLY D 424 109.46 -65.20 53.18
C GLY D 424 109.22 -64.90 51.71
N SER D 425 109.12 -65.94 50.89
CA SER D 425 108.89 -65.74 49.46
C SER D 425 107.46 -65.25 49.26
N LEU D 426 106.56 -65.78 50.08
CA LEU D 426 105.16 -65.40 50.04
C LEU D 426 105.04 -64.01 50.67
N CYS D 427 105.64 -63.84 51.83
CA CYS D 427 105.61 -62.54 52.51
C CYS D 427 105.75 -61.38 51.54
N ALA D 428 106.56 -61.59 50.50
CA ALA D 428 106.78 -60.56 49.49
C ALA D 428 105.53 -60.36 48.65
N ILE D 429 104.97 -61.47 48.17
CA ILE D 429 103.78 -61.46 47.34
C ILE D 429 102.55 -60.95 48.09
N ALA D 430 102.46 -61.28 49.37
CA ALA D 430 101.34 -60.84 50.21
C ALA D 430 101.46 -59.34 50.40
N GLY D 431 102.68 -58.92 50.73
CA GLY D 431 102.98 -57.52 50.95
C GLY D 431 102.61 -56.63 49.79
N VAL D 432 102.90 -57.07 48.57
CA VAL D 432 102.58 -56.28 47.39
C VAL D 432 101.07 -56.06 47.30
N LEU D 433 100.34 -57.16 47.25
CA LEU D 433 98.91 -57.10 47.16
C LEU D 433 98.34 -56.31 48.33
N THR D 434 98.75 -56.65 49.55
CA THR D 434 98.25 -55.97 50.73
C THR D 434 98.45 -54.44 50.77
N ILE D 435 99.57 -53.93 50.31
CA ILE D 435 99.75 -52.51 50.34
C ILE D 435 98.67 -51.92 49.49
N ALA D 436 98.40 -52.57 48.39
CA ALA D 436 97.71 -51.91 47.32
C ALA D 436 96.36 -51.45 47.73
N LEU D 437 95.66 -52.25 48.51
CA LEU D 437 94.21 -52.17 48.53
C LEU D 437 93.79 -50.79 48.96
N PRO D 438 94.40 -50.29 49.99
CA PRO D 438 94.13 -48.91 50.39
C PRO D 438 94.48 -47.76 49.42
N VAL D 439 95.28 -48.03 48.40
CA VAL D 439 95.69 -46.97 47.47
C VAL D 439 94.63 -46.29 46.60
N PRO D 440 93.92 -47.05 45.74
CA PRO D 440 92.88 -46.46 44.88
C PRO D 440 92.00 -45.42 45.57
N VAL D 441 91.63 -45.69 46.82
CA VAL D 441 90.82 -44.76 47.59
C VAL D 441 91.60 -43.43 47.67
N ILE D 442 92.82 -43.50 48.11
CA ILE D 442 93.55 -42.30 48.36
C ILE D 442 93.70 -41.54 47.09
N TRP D 443 94.00 -42.26 46.02
CA TRP D 443 94.22 -41.60 44.76
C TRP D 443 92.92 -40.90 44.42
N SER D 444 91.83 -41.59 44.69
CA SER D 444 90.55 -41.03 44.30
C SER D 444 90.25 -39.79 45.06
N ASN D 445 90.34 -39.90 46.37
CA ASN D 445 90.17 -38.76 47.26
C ASN D 445 91.14 -37.62 46.98
N PHE D 446 92.36 -37.95 46.59
CA PHE D 446 93.33 -36.91 46.31
C PHE D 446 93.00 -36.15 45.02
N ASN D 447 92.71 -36.88 43.95
CA ASN D 447 92.39 -36.23 42.71
C ASN D 447 91.20 -35.32 42.89
N TYR D 448 90.20 -35.81 43.62
CA TYR D 448 89.00 -35.02 43.86
C TYR D 448 89.28 -33.69 44.54
N PHE D 449 90.27 -33.65 45.43
CA PHE D 449 90.62 -32.40 46.12
C PHE D 449 91.58 -31.57 45.27
N TYR D 450 92.56 -32.25 44.71
CA TYR D 450 93.55 -31.60 43.88
C TYR D 450 92.86 -30.78 42.81
N HIS D 451 91.78 -31.32 42.26
CA HIS D 451 91.04 -30.63 41.23
C HIS D 451 89.95 -29.74 41.82
N ARG D 452 89.55 -30.00 43.06
CA ARG D 452 88.53 -29.18 43.72
C ARG D 452 89.14 -27.85 44.17
N GLU D 453 90.33 -27.89 44.76
CA GLU D 453 91.02 -26.68 45.19
C GLU D 453 91.82 -26.15 43.99
N THR D 454 91.23 -26.34 42.81
CA THR D 454 91.77 -25.91 41.52
C THR D 454 90.70 -26.00 40.43
PA NAP E . -89.72 44.65 -54.81
O1A NAP E . -88.86 44.91 -53.64
O2A NAP E . -89.11 44.46 -56.11
O5B NAP E . -90.79 45.82 -54.81
C5B NAP E . -91.78 45.85 -55.86
C4B NAP E . -92.60 47.10 -55.69
O4B NAP E . -91.71 48.29 -55.87
C3B NAP E . -93.73 47.32 -56.68
O3B NAP E . -94.95 46.84 -56.12
C2B NAP E . -93.73 48.81 -56.89
O2B NAP E . -94.45 49.40 -55.81
C1B NAP E . -92.30 49.18 -56.83
N9A NAP E . -91.55 49.12 -58.11
C8A NAP E . -91.12 48.01 -58.83
N7A NAP E . -90.47 48.30 -59.93
C5A NAP E . -90.47 49.65 -59.96
C6A NAP E . -89.95 50.56 -60.88
N6A NAP E . -89.30 50.19 -61.99
N1A NAP E . -90.13 51.88 -60.59
C2A NAP E . -90.76 52.30 -59.51
N3A NAP E . -91.30 51.52 -58.56
C4A NAP E . -91.13 50.17 -58.84
O3 NAP E . -90.60 43.35 -54.46
PN NAP E . -91.70 42.85 -53.48
O1N NAP E . -93.03 43.23 -54.00
O2N NAP E . -91.34 43.36 -52.15
O5D NAP E . -91.48 41.27 -53.46
C5D NAP E . -91.62 40.45 -54.66
C4D NAP E . -92.26 39.15 -54.37
O4D NAP E . -91.46 38.40 -53.41
C3D NAP E . -93.63 39.18 -53.74
O3D NAP E . -94.65 39.61 -54.56
C2D NAP E . -93.72 37.78 -53.22
O2D NAP E . -94.08 36.93 -54.29
C1D NAP E . -92.30 37.54 -52.71
N1N NAP E . -92.16 37.73 -51.23
C2N NAP E . -91.86 36.64 -50.46
C3N NAP E . -91.75 36.71 -49.09
C7N NAP E . -91.43 35.53 -48.26
O7N NAP E . -91.68 35.57 -47.05
N7N NAP E . -90.89 34.50 -48.89
C4N NAP E . -91.96 37.97 -48.43
C5N NAP E . -92.28 39.12 -49.20
C6N NAP E . -92.37 39.00 -50.58
P2B NAP E . -95.36 50.71 -55.92
O1X NAP E . -94.55 51.76 -55.23
O2X NAP E . -95.53 50.85 -57.40
O3X NAP E . -96.64 50.42 -55.23
C01 PGW F . -7.75 -1.64 -0.03
C1 PGW F . -9.08 -3.01 -2.39
O01 PGW F . -9.11 -3.37 -0.99
C02 PGW F . -7.94 -3.13 -0.21
C2 PGW F . -10.19 -3.34 -3.32
O02 PGW F . -8.16 -2.41 -2.80
C03 PGW F . -6.70 -3.62 -0.89
C3 PGW F . -11.04 -2.11 -3.47
O03 PGW F . -8.75 -1.06 0.78
C4 PGW F . -12.37 -2.47 -4.12
O04 PGW F . -8.37 1.08 0.24
C5 PGW F . -13.29 -1.28 -4.06
C6 PGW F . -14.70 -1.57 -4.52
C7 PGW F . -14.89 -1.21 -5.99
C8 PGW F . -16.35 -1.29 -6.38
C9 PGW F . -17.08 -0.08 -5.85
O11 PGW F . -6.39 -4.90 -0.34
C19 PGW F . -9.18 0.23 0.36
C20 PGW F . -10.61 0.50 0.03
C21 PGW F . -10.76 1.65 -0.95
C22 PGW F . -12.17 1.60 -1.49
C23 PGW F . -12.68 2.97 -1.86
C1 PGW G . 3.25 3.29 -4.67
C2 PGW G . 2.76 4.00 -5.92
C3 PGW G . 1.27 3.70 -6.16
C4 PGW G . 0.83 4.35 -7.47
C5 PGW G . -0.64 4.05 -7.78
C6 PGW G . -0.99 4.65 -9.14
C7 PGW G . -2.45 4.34 -9.52
C8 PGW G . -2.73 4.89 -10.92
C9 PGW G . -4.19 4.61 -11.31
C1 PGW H . -0.96 5.41 -1.72
C2 PGW H . -1.39 4.87 -3.08
C3 PGW H . -2.81 5.35 -3.42
C4 PGW H . -3.23 4.75 -4.77
C5 PGW H . -4.64 5.17 -5.14
C6 PGW H . -5.04 4.49 -6.46
C7 PGW H . -6.46 4.90 -6.86
C8 PGW H . -6.85 4.22 -8.17
C9 PGW H . -8.26 4.66 -8.59
C1 PGW I . -19.27 -2.33 -22.04
C2 PGW I . -19.98 -1.79 -20.78
C3 PGW I . -18.94 -1.14 -19.86
C4 PGW I . -19.63 -0.60 -18.60
C5 PGW I . -18.57 0.02 -17.68
C6 PGW I . -19.26 0.56 -16.43
C7 PGW I . -18.22 1.16 -15.49
C8 PGW I . -18.94 1.68 -14.23
C9 PGW I . -17.92 2.33 -13.30
C1 PGW J . 6.71 19.96 -30.90
C2 PGW J . 8.15 19.55 -30.57
C3 PGW J . 8.40 19.74 -29.07
C4 PGW J . 9.83 19.30 -28.71
C5 PGW J . 10.05 19.48 -27.20
C6 PGW J . 11.47 19.06 -26.84
C7 PGW J . 11.74 19.25 -25.34
C8 PGW J . 13.19 18.89 -25.03
C9 PGW J . 13.50 19.10 -23.55
K K K . -11.09 -18.42 -10.81
K K L . -13.90 -17.63 -12.12
K K M . -16.72 -16.84 -13.42
K K N . -22.65 -15.19 -16.17
PA NAP O . 19.79 -5.14 37.58
O1A NAP O . 20.37 -5.80 38.75
O2A NAP O . 20.45 -3.95 36.97
O5B NAP O . 18.29 -4.86 37.92
C5B NAP O . 17.46 -4.19 36.96
C4B NAP O . 16.12 -3.98 37.60
O4B NAP O . 16.31 -3.02 38.73
C3B NAP O . 15.08 -3.32 36.73
O3B NAP O . 14.27 -4.34 36.18
C2B NAP O . 14.34 -2.43 37.66
O2B NAP O . 13.40 -3.22 38.38
C1B NAP O . 15.38 -1.92 38.57
N9A NAP O . 16.13 -0.71 38.15
C8A NAP O . 17.02 -0.56 37.10
N7A NAP O . 17.53 0.66 36.98
C5A NAP O . 16.97 1.33 37.98
C6A NAP O . 17.12 2.68 38.40
N6A NAP O . 17.92 3.53 37.79
N1A NAP O . 16.38 3.06 39.49
C2A NAP O . 15.55 2.22 40.13
N3A NAP O . 15.34 0.91 39.82
C4A NAP O . 16.09 0.50 38.72
O3 NAP O . 19.69 -6.30 36.45
PN NAP O . 18.92 -7.60 36.10
O1N NAP O . 17.60 -7.25 35.48
O2N NAP O . 18.91 -8.42 37.37
O5D NAP O . 19.90 -8.37 35.09
C5D NAP O . 20.22 -7.81 33.79
C4D NAP O . 20.27 -8.87 32.78
O4D NAP O . 21.30 -9.85 33.12
C3D NAP O . 19.03 -9.73 32.57
O3D NAP O . 17.94 -9.08 31.99
C2D NAP O . 19.63 -10.86 31.81
O2D NAP O . 19.76 -10.45 30.47
C1D NAP O . 20.98 -11.06 32.53
N1N NAP O . 20.98 -12.14 33.58
C2N NAP O . 21.72 -13.26 33.34
C3N NAP O . 21.75 -14.31 34.21
C7N NAP O . 22.56 -15.53 33.95
O7N NAP O . 22.27 -16.57 34.52
N7N NAP O . 23.54 -15.41 33.09
C4N NAP O . 20.99 -14.25 35.41
C5N NAP O . 20.23 -13.12 35.69
C6N NAP O . 20.22 -12.07 34.78
P2B NAP O . 12.01 -2.70 39.03
O1X NAP O . 12.32 -2.59 40.48
O2X NAP O . 11.73 -1.41 38.29
O3X NAP O . 11.00 -3.78 38.71
C01 PGW P . 111.44 -54.85 67.81
C1 PGW P . 110.78 -54.13 65.12
O01 PGW P . 111.25 -55.36 65.44
C02 PGW P . 112.11 -55.45 66.59
C2 PGW P . 109.77 -54.03 63.96
O02 PGW P . 111.09 -53.13 65.75
C03 PGW P . 113.55 -54.96 66.35
C3 PGW P . 108.81 -52.85 64.08
O03 PGW P . 110.14 -55.47 67.84
C4 PGW P . 107.66 -53.07 63.10
O04 PGW P . 109.66 -54.32 69.71
C5 PGW P . 106.62 -51.96 63.11
C6 PGW P . 105.42 -52.36 62.24
C7 PGW P . 104.42 -51.22 62.10
C8 PGW P . 103.23 -51.63 61.22
C9 PGW P . 102.28 -50.46 61.02
O11 PGW P . 114.22 -55.78 65.40
C19 PGW P . 109.28 -54.82 68.66
C20 PGW P . 107.82 -54.76 68.21
C21 PGW P . 107.12 -53.48 68.66
C22 PGW P . 105.77 -53.36 67.94
C23 PGW P . 105.03 -52.08 68.34
K K Q . 119.98 -54.99 49.88
K K R . 116.99 -54.16 48.49
K K S . 113.30 -53.13 46.78
K K T . 110.83 -52.44 45.64
#